data_3D6L
# 
_entry.id   3D6L 
# 
_audit_conform.dict_name       mmcif_pdbx.dic 
_audit_conform.dict_version    5.377 
_audit_conform.dict_location   http://mmcif.pdb.org/dictionaries/ascii/mmcif_pdbx.dic 
# 
loop_
_database_2.database_id 
_database_2.database_code 
_database_2.pdbx_database_accession 
_database_2.pdbx_DOI 
PDB   3D6L         pdb_00003d6l 10.2210/pdb3d6l/pdb 
RCSB  RCSB047656   ?            ?                   
WWPDB D_1000047656 ?            ?                   
# 
_pdbx_database_status.status_code                     REL 
_pdbx_database_status.entry_id                        3D6L 
_pdbx_database_status.recvd_initial_deposition_date   2008-05-19 
_pdbx_database_status.deposit_site                    RCSB 
_pdbx_database_status.process_site                    RCSB 
_pdbx_database_status.status_code_sf                  REL 
_pdbx_database_status.status_code_mr                  ? 
_pdbx_database_status.SG_entry                        ? 
_pdbx_database_status.pdb_format_compatible           Y 
_pdbx_database_status.status_code_cs                  ? 
_pdbx_database_status.status_code_nmr_data            ? 
_pdbx_database_status.methods_development_category    ? 
# 
loop_
_audit_author.name 
_audit_author.pdbx_ordinal 
'Yokoyama, T.' 1 
'Yeo, H.J.'    2 
# 
_citation.id                        primary 
_citation.title                     
'Structure and function of a Campylobacter jejuni thioesterase Cj0915, a hexameric hot dog fold enzyme.' 
_citation.journal_abbrev            Biochim.Biophys.Acta 
_citation.journal_volume            1794 
_citation.page_first                1073 
_citation.page_last                 1081 
_citation.year                      2009 
_citation.journal_id_ASTM           BBACAQ 
_citation.country                   NE 
_citation.journal_id_ISSN           0006-3002 
_citation.journal_id_CSD            0113 
_citation.book_publisher            ? 
_citation.pdbx_database_id_PubMed   19303060 
_citation.pdbx_database_id_DOI      10.1016/j.bbapap.2009.03.002 
# 
loop_
_citation_author.citation_id 
_citation_author.name 
_citation_author.ordinal 
_citation_author.identifier_ORCID 
primary 'Yokoyama, T.' 1 ? 
primary 'Choi, K.J.'   2 ? 
primary 'Bosch, A.M.'  3 ? 
primary 'Yeo, H.J.'    4 ? 
# 
_cell.entry_id           3D6L 
_cell.length_a           103.018 
_cell.length_b           103.018 
_cell.length_c           103.018 
_cell.angle_alpha        90.00 
_cell.angle_beta         90.00 
_cell.angle_gamma        90.00 
_cell.Z_PDB              24 
_cell.pdbx_unique_axis   ? 
_cell.length_a_esd       ? 
_cell.length_b_esd       ? 
_cell.length_c_esd       ? 
_cell.angle_alpha_esd    ? 
_cell.angle_beta_esd     ? 
_cell.angle_gamma_esd    ? 
# 
_symmetry.entry_id                         3D6L 
_symmetry.space_group_name_H-M             'P 41 3 2' 
_symmetry.pdbx_full_space_group_name_H-M   ? 
_symmetry.cell_setting                     ? 
_symmetry.Int_Tables_number                213 
_symmetry.space_group_name_Hall            ? 
# 
loop_
_entity.id 
_entity.type 
_entity.src_method 
_entity.pdbx_description 
_entity.formula_weight 
_entity.pdbx_number_of_molecules 
_entity.pdbx_ec 
_entity.pdbx_mutation 
_entity.pdbx_fragment 
_entity.details 
1 polymer     man 'Putative hydrolase' 14771.989 1  ? ? ? ? 
2 non-polymer syn 'CHLORIDE ION'       35.453    2  ? ? ? ? 
3 water       nat water                18.015    20 ? ? ? ? 
# 
_entity_poly.entity_id                      1 
_entity_poly.type                           'polypeptide(L)' 
_entity_poly.nstd_linkage                   no 
_entity_poly.nstd_monomer                   no 
_entity_poly.pdbx_seq_one_letter_code       
;MRDMGEPKLKIVAMPSDTNPAGNIFGGWILSQIDLAGAIAARELSPERVVTISMDKVVFKEPVFIGDIISCYSKVVNVGN
TSISVEVEVTAQRVDSQGCTSCINVTSALVTYVSVTRDGKKNPISEELKRIHGFLNA
;
_entity_poly.pdbx_seq_one_letter_code_can   
;MRDMGEPKLKIVAMPSDTNPAGNIFGGWILSQIDLAGAIAARELSPERVVTISMDKVVFKEPVFIGDIISCYSKVVNVGN
TSISVEVEVTAQRVDSQGCTSCINVTSALVTYVSVTRDGKKNPISEELKRIHGFLNA
;
_entity_poly.pdbx_strand_id                 A 
_entity_poly.pdbx_target_identifier         ? 
# 
loop_
_entity_poly_seq.entity_id 
_entity_poly_seq.num 
_entity_poly_seq.mon_id 
_entity_poly_seq.hetero 
1 1   MET n 
1 2   ARG n 
1 3   ASP n 
1 4   MET n 
1 5   GLY n 
1 6   GLU n 
1 7   PRO n 
1 8   LYS n 
1 9   LEU n 
1 10  LYS n 
1 11  ILE n 
1 12  VAL n 
1 13  ALA n 
1 14  MET n 
1 15  PRO n 
1 16  SER n 
1 17  ASP n 
1 18  THR n 
1 19  ASN n 
1 20  PRO n 
1 21  ALA n 
1 22  GLY n 
1 23  ASN n 
1 24  ILE n 
1 25  PHE n 
1 26  GLY n 
1 27  GLY n 
1 28  TRP n 
1 29  ILE n 
1 30  LEU n 
1 31  SER n 
1 32  GLN n 
1 33  ILE n 
1 34  ASP n 
1 35  LEU n 
1 36  ALA n 
1 37  GLY n 
1 38  ALA n 
1 39  ILE n 
1 40  ALA n 
1 41  ALA n 
1 42  ARG n 
1 43  GLU n 
1 44  LEU n 
1 45  SER n 
1 46  PRO n 
1 47  GLU n 
1 48  ARG n 
1 49  VAL n 
1 50  VAL n 
1 51  THR n 
1 52  ILE n 
1 53  SER n 
1 54  MET n 
1 55  ASP n 
1 56  LYS n 
1 57  VAL n 
1 58  VAL n 
1 59  PHE n 
1 60  LYS n 
1 61  GLU n 
1 62  PRO n 
1 63  VAL n 
1 64  PHE n 
1 65  ILE n 
1 66  GLY n 
1 67  ASP n 
1 68  ILE n 
1 69  ILE n 
1 70  SER n 
1 71  CYS n 
1 72  TYR n 
1 73  SER n 
1 74  LYS n 
1 75  VAL n 
1 76  VAL n 
1 77  ASN n 
1 78  VAL n 
1 79  GLY n 
1 80  ASN n 
1 81  THR n 
1 82  SER n 
1 83  ILE n 
1 84  SER n 
1 85  VAL n 
1 86  GLU n 
1 87  VAL n 
1 88  GLU n 
1 89  VAL n 
1 90  THR n 
1 91  ALA n 
1 92  GLN n 
1 93  ARG n 
1 94  VAL n 
1 95  ASP n 
1 96  SER n 
1 97  GLN n 
1 98  GLY n 
1 99  CYS n 
1 100 THR n 
1 101 SER n 
1 102 CYS n 
1 103 ILE n 
1 104 ASN n 
1 105 VAL n 
1 106 THR n 
1 107 SER n 
1 108 ALA n 
1 109 LEU n 
1 110 VAL n 
1 111 THR n 
1 112 TYR n 
1 113 VAL n 
1 114 SER n 
1 115 VAL n 
1 116 THR n 
1 117 ARG n 
1 118 ASP n 
1 119 GLY n 
1 120 LYS n 
1 121 LYS n 
1 122 ASN n 
1 123 PRO n 
1 124 ILE n 
1 125 SER n 
1 126 GLU n 
1 127 GLU n 
1 128 LEU n 
1 129 LYS n 
1 130 ARG n 
1 131 ILE n 
1 132 HIS n 
1 133 GLY n 
1 134 PHE n 
1 135 LEU n 
1 136 ASN n 
1 137 ALA n 
# 
_entity_src_gen.entity_id                          1 
_entity_src_gen.pdbx_src_id                        1 
_entity_src_gen.pdbx_alt_source_flag               sample 
_entity_src_gen.pdbx_seq_type                      ? 
_entity_src_gen.pdbx_beg_seq_num                   ? 
_entity_src_gen.pdbx_end_seq_num                   ? 
_entity_src_gen.gene_src_common_name               ? 
_entity_src_gen.gene_src_genus                     ? 
_entity_src_gen.pdbx_gene_src_gene                 Cj0915 
_entity_src_gen.gene_src_species                   ? 
_entity_src_gen.gene_src_strain                    ? 
_entity_src_gen.gene_src_tissue                    ? 
_entity_src_gen.gene_src_tissue_fraction           ? 
_entity_src_gen.gene_src_details                   ? 
_entity_src_gen.pdbx_gene_src_fragment             ? 
_entity_src_gen.pdbx_gene_src_scientific_name      'Campylobacter jejuni' 
_entity_src_gen.pdbx_gene_src_ncbi_taxonomy_id     197 
_entity_src_gen.pdbx_gene_src_variant              ? 
_entity_src_gen.pdbx_gene_src_cell_line            ? 
_entity_src_gen.pdbx_gene_src_atcc                 ? 
_entity_src_gen.pdbx_gene_src_organ                ? 
_entity_src_gen.pdbx_gene_src_organelle            ? 
_entity_src_gen.pdbx_gene_src_cell                 ? 
_entity_src_gen.pdbx_gene_src_cellular_location    ? 
_entity_src_gen.host_org_common_name               ? 
_entity_src_gen.pdbx_host_org_scientific_name      'Escherichia coli' 
_entity_src_gen.pdbx_host_org_ncbi_taxonomy_id     562 
_entity_src_gen.host_org_genus                     ? 
_entity_src_gen.pdbx_host_org_gene                 ? 
_entity_src_gen.pdbx_host_org_organ                ? 
_entity_src_gen.host_org_species                   ? 
_entity_src_gen.pdbx_host_org_tissue               ? 
_entity_src_gen.pdbx_host_org_tissue_fraction      ? 
_entity_src_gen.pdbx_host_org_strain               BL21 
_entity_src_gen.pdbx_host_org_variant              ? 
_entity_src_gen.pdbx_host_org_cell_line            ? 
_entity_src_gen.pdbx_host_org_atcc                 ? 
_entity_src_gen.pdbx_host_org_culture_collection   ? 
_entity_src_gen.pdbx_host_org_cell                 ? 
_entity_src_gen.pdbx_host_org_organelle            ? 
_entity_src_gen.pdbx_host_org_cellular_location    ? 
_entity_src_gen.pdbx_host_org_vector_type          plasmid 
_entity_src_gen.pdbx_host_org_vector               ? 
_entity_src_gen.host_org_details                   ? 
_entity_src_gen.expression_system_id               ? 
_entity_src_gen.plasmid_name                       pGEX-6p1 
_entity_src_gen.plasmid_details                    ? 
_entity_src_gen.pdbx_description                   ? 
# 
_struct_ref.id                         1 
_struct_ref.db_name                    UNP 
_struct_ref.db_code                    Q0P9Y4_CAMJE 
_struct_ref.pdbx_db_accession          Q0P9Y4 
_struct_ref.entity_id                  1 
_struct_ref.pdbx_seq_one_letter_code   
;MRDMGEPKLKIVAMPSDTNPAGNIFGGWILSQIDLAGAIAARELSPERVVTISMDKVVFKEPVFIGDIISCYSKVVNVGN
TSISVEVEVTAQRVDSQGCTSCINVTSALVTYVSVTRDGKKNPISEELKRIHGFLNA
;
_struct_ref.pdbx_align_begin           1 
_struct_ref.pdbx_db_isoform            ? 
# 
_struct_ref_seq.align_id                      1 
_struct_ref_seq.ref_id                        1 
_struct_ref_seq.pdbx_PDB_id_code              3D6L 
_struct_ref_seq.pdbx_strand_id                A 
_struct_ref_seq.seq_align_beg                 1 
_struct_ref_seq.pdbx_seq_align_beg_ins_code   ? 
_struct_ref_seq.seq_align_end                 137 
_struct_ref_seq.pdbx_seq_align_end_ins_code   ? 
_struct_ref_seq.pdbx_db_accession             Q0P9Y4 
_struct_ref_seq.db_align_beg                  1 
_struct_ref_seq.pdbx_db_align_beg_ins_code    ? 
_struct_ref_seq.db_align_end                  137 
_struct_ref_seq.pdbx_db_align_end_ins_code    ? 
_struct_ref_seq.pdbx_auth_seq_align_beg       1 
_struct_ref_seq.pdbx_auth_seq_align_end       137 
# 
loop_
_chem_comp.id 
_chem_comp.type 
_chem_comp.mon_nstd_flag 
_chem_comp.name 
_chem_comp.pdbx_synonyms 
_chem_comp.formula 
_chem_comp.formula_weight 
ALA 'L-peptide linking' y ALANINE         ? 'C3 H7 N O2'     89.093  
ARG 'L-peptide linking' y ARGININE        ? 'C6 H15 N4 O2 1' 175.209 
ASN 'L-peptide linking' y ASPARAGINE      ? 'C4 H8 N2 O3'    132.118 
ASP 'L-peptide linking' y 'ASPARTIC ACID' ? 'C4 H7 N O4'     133.103 
CL  non-polymer         . 'CHLORIDE ION'  ? 'Cl -1'          35.453  
CYS 'L-peptide linking' y CYSTEINE        ? 'C3 H7 N O2 S'   121.158 
GLN 'L-peptide linking' y GLUTAMINE       ? 'C5 H10 N2 O3'   146.144 
GLU 'L-peptide linking' y 'GLUTAMIC ACID' ? 'C5 H9 N O4'     147.129 
GLY 'peptide linking'   y GLYCINE         ? 'C2 H5 N O2'     75.067  
HIS 'L-peptide linking' y HISTIDINE       ? 'C6 H10 N3 O2 1' 156.162 
HOH non-polymer         . WATER           ? 'H2 O'           18.015  
ILE 'L-peptide linking' y ISOLEUCINE      ? 'C6 H13 N O2'    131.173 
LEU 'L-peptide linking' y LEUCINE         ? 'C6 H13 N O2'    131.173 
LYS 'L-peptide linking' y LYSINE          ? 'C6 H15 N2 O2 1' 147.195 
MET 'L-peptide linking' y METHIONINE      ? 'C5 H11 N O2 S'  149.211 
PHE 'L-peptide linking' y PHENYLALANINE   ? 'C9 H11 N O2'    165.189 
PRO 'L-peptide linking' y PROLINE         ? 'C5 H9 N O2'     115.130 
SER 'L-peptide linking' y SERINE          ? 'C3 H7 N O3'     105.093 
THR 'L-peptide linking' y THREONINE       ? 'C4 H9 N O3'     119.119 
TRP 'L-peptide linking' y TRYPTOPHAN      ? 'C11 H12 N2 O2'  204.225 
TYR 'L-peptide linking' y TYROSINE        ? 'C9 H11 N O3'    181.189 
VAL 'L-peptide linking' y VALINE          ? 'C5 H11 N O2'    117.146 
# 
_exptl.entry_id          3D6L 
_exptl.method            'X-RAY DIFFRACTION' 
_exptl.crystals_number   1 
# 
_exptl_crystal.id                    1 
_exptl_crystal.density_meas          ? 
_exptl_crystal.density_Matthews      3.08 
_exptl_crystal.density_percent_sol   60.11 
_exptl_crystal.description           ? 
_exptl_crystal.F_000                 ? 
_exptl_crystal.preparation           ? 
# 
_exptl_crystal_grow.crystal_id      1 
_exptl_crystal_grow.method          'VAPOR DIFFUSION, HANGING DROP' 
_exptl_crystal_grow.temp            288 
_exptl_crystal_grow.temp_details    ? 
_exptl_crystal_grow.pH              5.0 
_exptl_crystal_grow.pdbx_pH_range   ? 
_exptl_crystal_grow.pdbx_details    '0.75M NaCl, 0.1M Sodium citrate, pH 5.0, VAPOR DIFFUSION, HANGING DROP, temperature 288K' 
# 
_diffrn.id                     1 
_diffrn.ambient_temp           100 
_diffrn.ambient_temp_details   ? 
_diffrn.crystal_id             1 
# 
_diffrn_detector.diffrn_id              1 
_diffrn_detector.detector               CCD 
_diffrn_detector.type                   'MARMOSAIC 300 mm CCD' 
_diffrn_detector.pdbx_collection_date   2007-12-07 
_diffrn_detector.details                ? 
# 
_diffrn_radiation.diffrn_id                        1 
_diffrn_radiation.wavelength_id                    1 
_diffrn_radiation.pdbx_monochromatic_or_laue_m_l   M 
_diffrn_radiation.monochromator                    'Si 111' 
_diffrn_radiation.pdbx_diffrn_protocol             'SINGLE WAVELENGTH' 
_diffrn_radiation.pdbx_scattering_type             x-ray 
# 
_diffrn_radiation_wavelength.id           1 
_diffrn_radiation_wavelength.wavelength   0.97915 
_diffrn_radiation_wavelength.wt           1.0 
# 
_diffrn_source.diffrn_id                   1 
_diffrn_source.source                      SYNCHROTRON 
_diffrn_source.type                        'APS BEAMLINE 19-BM' 
_diffrn_source.pdbx_synchrotron_site       APS 
_diffrn_source.pdbx_synchrotron_beamline   19-BM 
_diffrn_source.pdbx_wavelength             ? 
_diffrn_source.pdbx_wavelength_list        0.97915 
# 
_reflns.entry_id                     3D6L 
_reflns.observed_criterion_sigma_I   0.0 
_reflns.observed_criterion_sigma_F   ? 
_reflns.d_resolution_low             50.0 
_reflns.d_resolution_high            2.59 
_reflns.number_obs                   6240 
_reflns.number_all                   ? 
_reflns.percent_possible_obs         100.0 
_reflns.pdbx_Rmerge_I_obs            0.104 
_reflns.pdbx_Rsym_value              ? 
_reflns.pdbx_netI_over_sigmaI        5.6 
_reflns.B_iso_Wilson_estimate        ? 
_reflns.pdbx_redundancy              19.1 
_reflns.R_free_details               ? 
_reflns.limit_h_max                  ? 
_reflns.limit_h_min                  ? 
_reflns.limit_k_max                  ? 
_reflns.limit_k_min                  ? 
_reflns.limit_l_max                  ? 
_reflns.limit_l_min                  ? 
_reflns.observed_criterion_F_max     ? 
_reflns.observed_criterion_F_min     ? 
_reflns.pdbx_chi_squared             ? 
_reflns.pdbx_scaling_rejects         ? 
_reflns.pdbx_diffrn_id               1 
_reflns.pdbx_ordinal                 1 
# 
_reflns_shell.d_res_high             2.59 
_reflns_shell.d_res_low              2.69 
_reflns_shell.percent_possible_all   100.0 
_reflns_shell.Rmerge_I_obs           0.339 
_reflns_shell.pdbx_Rsym_value        ? 
_reflns_shell.meanI_over_sigI_obs    ? 
_reflns_shell.pdbx_redundancy        13.9 
_reflns_shell.percent_possible_obs   ? 
_reflns_shell.number_unique_all      ? 
_reflns_shell.number_measured_all    ? 
_reflns_shell.number_measured_obs    ? 
_reflns_shell.number_unique_obs      ? 
_reflns_shell.pdbx_chi_squared       ? 
_reflns_shell.pdbx_diffrn_id         ? 
_reflns_shell.pdbx_ordinal           1 
# 
_refine.entry_id                                 3D6L 
_refine.ls_number_reflns_obs                     5920 
_refine.ls_number_reflns_all                     ? 
_refine.pdbx_ls_sigma_I                          ? 
_refine.pdbx_ls_sigma_F                          ? 
_refine.pdbx_data_cutoff_high_absF               ? 
_refine.pdbx_data_cutoff_low_absF                ? 
_refine.pdbx_data_cutoff_high_rms_absF           ? 
_refine.ls_d_res_low                             24.28 
_refine.ls_d_res_high                            2.59 
_refine.ls_percent_reflns_obs                    100.00 
_refine.ls_R_factor_obs                          0.20893 
_refine.ls_R_factor_all                          ? 
_refine.ls_R_factor_R_work                       0.20651 
_refine.ls_R_factor_R_free                       0.25971 
_refine.ls_R_factor_R_free_error                 ? 
_refine.ls_R_factor_R_free_error_details         ? 
_refine.ls_percent_reflns_R_free                 4.6 
_refine.ls_number_reflns_R_free                  286 
_refine.ls_number_parameters                     ? 
_refine.ls_number_restraints                     ? 
_refine.occupancy_min                            ? 
_refine.occupancy_max                            ? 
_refine.correlation_coeff_Fo_to_Fc               0.919 
_refine.correlation_coeff_Fo_to_Fc_free          0.886 
_refine.B_iso_mean                               23.323 
_refine.aniso_B[1][1]                            ? 
_refine.aniso_B[2][2]                            ? 
_refine.aniso_B[3][3]                            ? 
_refine.aniso_B[1][2]                            ? 
_refine.aniso_B[1][3]                            ? 
_refine.aniso_B[2][3]                            ? 
_refine.solvent_model_details                    MASK 
_refine.solvent_model_param_ksol                 ? 
_refine.solvent_model_param_bsol                 ? 
_refine.pdbx_solvent_vdw_probe_radii             1.20 
_refine.pdbx_solvent_ion_probe_radii             0.80 
_refine.pdbx_solvent_shrinkage_radii             0.80 
_refine.pdbx_ls_cross_valid_method               THROUGHOUT 
_refine.details                                  'HYDROGENS HAVE BEEN ADDED IN THE RIDING POSITIONS' 
_refine.pdbx_starting_model                      'pdb entry 1YLI' 
_refine.pdbx_method_to_determine_struct          'MOLECULAR REPLACEMENT' 
_refine.pdbx_isotropic_thermal_model             ? 
_refine.pdbx_stereochemistry_target_values       'MAXIMUM LIKELIHOOD' 
_refine.pdbx_stereochem_target_val_spec_case     ? 
_refine.pdbx_R_Free_selection_details            RANDOM 
_refine.pdbx_overall_ESU_R                       0.408 
_refine.pdbx_overall_ESU_R_Free                  0.285 
_refine.overall_SU_ML                            0.198 
_refine.pdbx_overall_phase_error                 ? 
_refine.overall_SU_B                             9.076 
_refine.ls_redundancy_reflns_obs                 ? 
_refine.B_iso_min                                ? 
_refine.B_iso_max                                ? 
_refine.overall_SU_R_Cruickshank_DPI             ? 
_refine.overall_SU_R_free                        ? 
_refine.ls_wR_factor_R_free                      ? 
_refine.ls_wR_factor_R_work                      ? 
_refine.overall_FOM_free_R_set                   ? 
_refine.overall_FOM_work_R_set                   ? 
_refine.pdbx_refine_id                           'X-RAY DIFFRACTION' 
_refine.pdbx_diffrn_id                           1 
_refine.pdbx_TLS_residual_ADP_flag               ? 
_refine.pdbx_overall_SU_R_free_Cruickshank_DPI   ? 
_refine.pdbx_overall_SU_R_Blow_DPI               ? 
_refine.pdbx_overall_SU_R_free_Blow_DPI          ? 
# 
_refine_hist.pdbx_refine_id                   'X-RAY DIFFRACTION' 
_refine_hist.cycle_id                         LAST 
_refine_hist.pdbx_number_atoms_protein        1002 
_refine_hist.pdbx_number_atoms_nucleic_acid   0 
_refine_hist.pdbx_number_atoms_ligand         2 
_refine_hist.number_atoms_solvent             20 
_refine_hist.number_atoms_total               1024 
_refine_hist.d_res_high                       2.59 
_refine_hist.d_res_low                        24.28 
# 
loop_
_refine_ls_restr.type 
_refine_ls_restr.dev_ideal 
_refine_ls_restr.dev_ideal_target 
_refine_ls_restr.weight 
_refine_ls_restr.number 
_refine_ls_restr.pdbx_refine_id 
_refine_ls_restr.pdbx_restraint_function 
r_bond_refined_d             0.010  0.022  ? 1016 'X-RAY DIFFRACTION' ? 
r_bond_other_d               ?      ?      ? ?    'X-RAY DIFFRACTION' ? 
r_angle_refined_deg          1.263  1.967  ? 1377 'X-RAY DIFFRACTION' ? 
r_angle_other_deg            ?      ?      ? ?    'X-RAY DIFFRACTION' ? 
r_dihedral_angle_1_deg       6.253  5.000  ? 132  'X-RAY DIFFRACTION' ? 
r_dihedral_angle_2_deg       39.055 24.737 ? 38   'X-RAY DIFFRACTION' ? 
r_dihedral_angle_3_deg       19.591 15.000 ? 181  'X-RAY DIFFRACTION' ? 
r_dihedral_angle_4_deg       15.418 15.000 ? 6    'X-RAY DIFFRACTION' ? 
r_chiral_restr               0.086  0.200  ? 167  'X-RAY DIFFRACTION' ? 
r_gen_planes_refined         0.003  0.020  ? 738  'X-RAY DIFFRACTION' ? 
r_gen_planes_other           ?      ?      ? ?    'X-RAY DIFFRACTION' ? 
r_nbd_refined                0.213  0.200  ? 409  'X-RAY DIFFRACTION' ? 
r_nbd_other                  ?      ?      ? ?    'X-RAY DIFFRACTION' ? 
r_nbtor_refined              0.298  0.200  ? 702  'X-RAY DIFFRACTION' ? 
r_nbtor_other                ?      ?      ? ?    'X-RAY DIFFRACTION' ? 
r_xyhbond_nbd_refined        0.103  0.200  ? 38   'X-RAY DIFFRACTION' ? 
r_xyhbond_nbd_other          ?      ?      ? ?    'X-RAY DIFFRACTION' ? 
r_metal_ion_refined          ?      ?      ? ?    'X-RAY DIFFRACTION' ? 
r_metal_ion_other            ?      ?      ? ?    'X-RAY DIFFRACTION' ? 
r_symmetry_vdw_refined       0.190  0.200  ? 30   'X-RAY DIFFRACTION' ? 
r_symmetry_vdw_other         ?      ?      ? ?    'X-RAY DIFFRACTION' ? 
r_symmetry_hbond_refined     0.116  0.200  ? 4    'X-RAY DIFFRACTION' ? 
r_symmetry_hbond_other       ?      ?      ? ?    'X-RAY DIFFRACTION' ? 
r_symmetry_metal_ion_refined ?      ?      ? ?    'X-RAY DIFFRACTION' ? 
r_symmetry_metal_ion_other   ?      ?      ? ?    'X-RAY DIFFRACTION' ? 
r_mcbond_it                  0.575  1.500  ? 677  'X-RAY DIFFRACTION' ? 
r_mcbond_other               ?      ?      ? ?    'X-RAY DIFFRACTION' ? 
r_mcangle_it                 1.058  2.000  ? 1079 'X-RAY DIFFRACTION' ? 
r_scbond_it                  1.169  3.000  ? 374  'X-RAY DIFFRACTION' ? 
r_scangle_it                 2.134  4.500  ? 298  'X-RAY DIFFRACTION' ? 
r_rigid_bond_restr           ?      ?      ? ?    'X-RAY DIFFRACTION' ? 
r_sphericity_free            ?      ?      ? ?    'X-RAY DIFFRACTION' ? 
r_sphericity_bonded          ?      ?      ? ?    'X-RAY DIFFRACTION' ? 
# 
_refine_ls_shell.pdbx_total_number_of_bins_used   20 
_refine_ls_shell.d_res_high                       2.59 
_refine_ls_shell.d_res_low                        2.660 
_refine_ls_shell.number_reflns_R_work             416 
_refine_ls_shell.R_factor_R_work                  0.239 
_refine_ls_shell.percent_reflns_obs               100.00 
_refine_ls_shell.R_factor_R_free                  0.311 
_refine_ls_shell.R_factor_R_free_error            ? 
_refine_ls_shell.percent_reflns_R_free            ? 
_refine_ls_shell.number_reflns_R_free             21 
_refine_ls_shell.number_reflns_all                ? 
_refine_ls_shell.R_factor_all                     ? 
_refine_ls_shell.redundancy_reflns_obs            ? 
_refine_ls_shell.number_reflns_obs                ? 
_refine_ls_shell.pdbx_refine_id                   'X-RAY DIFFRACTION' 
# 
_struct.entry_id                  3D6L 
_struct.title                     'Crystal structure of Cj0915, a hexameric hotdog fold thioesterase of Campylobacter jejuni' 
_struct.pdbx_model_details        ? 
_struct.pdbx_CASP_flag            N 
_struct.pdbx_model_type_details   ? 
# 
_struct_keywords.entry_id        3D6L 
_struct_keywords.pdbx_keywords   HYDROLASE 
_struct_keywords.text            'hot dog fold, thioesterase, acyl-CoA, Campylobacter jejuni, Hydrolase' 
# 
loop_
_struct_asym.id 
_struct_asym.pdbx_blank_PDB_chainid_flag 
_struct_asym.pdbx_modified 
_struct_asym.entity_id 
_struct_asym.details 
A N N 1 ? 
B N N 2 ? 
C N N 2 ? 
D N N 3 ? 
# 
_struct_biol.id        1 
_struct_biol.details   ? 
# 
loop_
_struct_conf.conf_type_id 
_struct_conf.id 
_struct_conf.pdbx_PDB_helix_id 
_struct_conf.beg_label_comp_id 
_struct_conf.beg_label_asym_id 
_struct_conf.beg_label_seq_id 
_struct_conf.pdbx_beg_PDB_ins_code 
_struct_conf.end_label_comp_id 
_struct_conf.end_label_asym_id 
_struct_conf.end_label_seq_id 
_struct_conf.pdbx_end_PDB_ins_code 
_struct_conf.beg_auth_comp_id 
_struct_conf.beg_auth_asym_id 
_struct_conf.beg_auth_seq_id 
_struct_conf.end_auth_comp_id 
_struct_conf.end_auth_asym_id 
_struct_conf.end_auth_seq_id 
_struct_conf.pdbx_PDB_helix_class 
_struct_conf.details 
_struct_conf.pdbx_PDB_helix_length 
HELX_P HELX_P1 1 MET A 14  ? THR A 18  ? MET A 14  THR A 18  5 ? 5  
HELX_P HELX_P2 2 PHE A 25  ? GLU A 43  ? PHE A 25  GLU A 43  1 ? 19 
HELX_P HELX_P3 3 SER A 125 ? ILE A 131 ? SER A 125 ILE A 131 1 ? 7  
# 
_struct_conf_type.id          HELX_P 
_struct_conf_type.criteria    ? 
_struct_conf_type.reference   ? 
# 
_struct_sheet.id               A 
_struct_sheet.type             ? 
_struct_sheet.number_strands   5 
_struct_sheet.details          ? 
# 
loop_
_struct_sheet_order.sheet_id 
_struct_sheet_order.range_id_1 
_struct_sheet_order.range_id_2 
_struct_sheet_order.offset 
_struct_sheet_order.sense 
A 1 2 ? anti-parallel 
A 2 3 ? anti-parallel 
A 3 4 ? anti-parallel 
A 4 5 ? anti-parallel 
# 
loop_
_struct_sheet_range.sheet_id 
_struct_sheet_range.id 
_struct_sheet_range.beg_label_comp_id 
_struct_sheet_range.beg_label_asym_id 
_struct_sheet_range.beg_label_seq_id 
_struct_sheet_range.pdbx_beg_PDB_ins_code 
_struct_sheet_range.end_label_comp_id 
_struct_sheet_range.end_label_asym_id 
_struct_sheet_range.end_label_seq_id 
_struct_sheet_range.pdbx_end_PDB_ins_code 
_struct_sheet_range.beg_auth_comp_id 
_struct_sheet_range.beg_auth_asym_id 
_struct_sheet_range.beg_auth_seq_id 
_struct_sheet_range.end_auth_comp_id 
_struct_sheet_range.end_auth_asym_id 
_struct_sheet_range.end_auth_seq_id 
A 1 LEU A 9   ? VAL A 12  ? LEU A 9   VAL A 12  
A 2 ILE A 68  ? VAL A 78  ? ILE A 68  VAL A 78  
A 3 SER A 82  ? VAL A 94  ? SER A 82  VAL A 94  
A 4 THR A 100 ? VAL A 115 ? THR A 100 VAL A 115 
A 5 ARG A 48  ? VAL A 58  ? ARG A 48  VAL A 58  
# 
loop_
_pdbx_struct_sheet_hbond.sheet_id 
_pdbx_struct_sheet_hbond.range_id_1 
_pdbx_struct_sheet_hbond.range_id_2 
_pdbx_struct_sheet_hbond.range_1_label_atom_id 
_pdbx_struct_sheet_hbond.range_1_label_comp_id 
_pdbx_struct_sheet_hbond.range_1_label_asym_id 
_pdbx_struct_sheet_hbond.range_1_label_seq_id 
_pdbx_struct_sheet_hbond.range_1_PDB_ins_code 
_pdbx_struct_sheet_hbond.range_1_auth_atom_id 
_pdbx_struct_sheet_hbond.range_1_auth_comp_id 
_pdbx_struct_sheet_hbond.range_1_auth_asym_id 
_pdbx_struct_sheet_hbond.range_1_auth_seq_id 
_pdbx_struct_sheet_hbond.range_2_label_atom_id 
_pdbx_struct_sheet_hbond.range_2_label_comp_id 
_pdbx_struct_sheet_hbond.range_2_label_asym_id 
_pdbx_struct_sheet_hbond.range_2_label_seq_id 
_pdbx_struct_sheet_hbond.range_2_PDB_ins_code 
_pdbx_struct_sheet_hbond.range_2_auth_atom_id 
_pdbx_struct_sheet_hbond.range_2_auth_comp_id 
_pdbx_struct_sheet_hbond.range_2_auth_asym_id 
_pdbx_struct_sheet_hbond.range_2_auth_seq_id 
A 1 2 N ILE A 11  ? N ILE A 11  O ILE A 69  ? O ILE A 69  
A 2 3 N TYR A 72  ? N TYR A 72  O GLU A 88  ? O GLU A 88  
A 3 4 N VAL A 87  ? N VAL A 87  O ALA A 108 ? O ALA A 108 
A 4 5 O LEU A 109 ? O LEU A 109 N ASP A 55  ? N ASP A 55  
# 
loop_
_struct_site.id 
_struct_site.pdbx_evidence_code 
_struct_site.pdbx_auth_asym_id 
_struct_site.pdbx_auth_comp_id 
_struct_site.pdbx_auth_seq_id 
_struct_site.pdbx_auth_ins_code 
_struct_site.pdbx_num_residues 
_struct_site.details 
AC1 Software A CL 201 ? 3 'BINDING SITE FOR RESIDUE CL A 201' 
AC2 Software A CL 202 ? 4 'BINDING SITE FOR RESIDUE CL A 202' 
# 
loop_
_struct_site_gen.id 
_struct_site_gen.site_id 
_struct_site_gen.pdbx_num_res 
_struct_site_gen.label_comp_id 
_struct_site_gen.label_asym_id 
_struct_site_gen.label_seq_id 
_struct_site_gen.pdbx_auth_ins_code 
_struct_site_gen.auth_comp_id 
_struct_site_gen.auth_asym_id 
_struct_site_gen.auth_seq_id 
_struct_site_gen.label_atom_id 
_struct_site_gen.label_alt_id 
_struct_site_gen.symmetry 
_struct_site_gen.details 
1 AC1 3 ASN A 19 ? ASN A 19  . ? 1_555  ? 
2 AC1 3 GLY A 26 ? GLY A 26  . ? 1_555  ? 
3 AC1 3 HOH D .  ? HOH A 205 . ? 13_455 ? 
4 AC2 4 ASN A 19 ? ASN A 19  . ? 1_555  ? 
5 AC2 4 ASN A 23 ? ASN A 23  . ? 1_555  ? 
6 AC2 4 ARG A 48 ? ARG A 48  . ? 13_455 ? 
7 AC2 4 HOH D .  ? HOH A 220 . ? 1_555  ? 
# 
_atom_sites.entry_id                    3D6L 
_atom_sites.fract_transf_matrix[1][1]   -0.00168825 
_atom_sites.fract_transf_matrix[1][2]   0.00330521 
_atom_sites.fract_transf_matrix[1][3]   0.00896946 
_atom_sites.fract_transf_matrix[2][1]   -0.00742493 
_atom_sites.fract_transf_matrix[2][2]   0.00528314 
_atom_sites.fract_transf_matrix[2][3]   -0.00334435 
_atom_sites.fract_transf_matrix[3][1]   -0.00602047 
_atom_sites.fract_transf_matrix[3][2]   -0.00744244 
_atom_sites.fract_transf_matrix[3][3]   0.00160932 
_atom_sites.fract_transf_vector[1]      -0.198968 
_atom_sites.fract_transf_vector[2]      -0.048317 
_atom_sites.fract_transf_vector[3]      0.051362 
# 
loop_
_atom_type.symbol 
C  
CL 
N  
O  
S  
# 
loop_
_atom_site.group_PDB 
_atom_site.id 
_atom_site.type_symbol 
_atom_site.label_atom_id 
_atom_site.label_alt_id 
_atom_site.label_comp_id 
_atom_site.label_asym_id 
_atom_site.label_entity_id 
_atom_site.label_seq_id 
_atom_site.pdbx_PDB_ins_code 
_atom_site.Cartn_x 
_atom_site.Cartn_y 
_atom_site.Cartn_z 
_atom_site.occupancy 
_atom_site.B_iso_or_equiv 
_atom_site.pdbx_formal_charge 
_atom_site.auth_seq_id 
_atom_site.auth_comp_id 
_atom_site.auth_asym_id 
_atom_site.auth_atom_id 
_atom_site.pdbx_PDB_model_num 
ATOM   1    N  N   . ARG A 1 2   ? 2.545   14.624  -0.043  1.00 52.07 ? 2   ARG A N   1 
ATOM   2    C  CA  . ARG A 1 2   ? 3.517   13.511  0.186   1.00 52.01 ? 2   ARG A CA  1 
ATOM   3    C  C   . ARG A 1 2   ? 4.618   13.903  1.185   1.00 51.88 ? 2   ARG A C   1 
ATOM   4    O  O   . ARG A 1 2   ? 5.310   14.922  1.024   1.00 51.80 ? 2   ARG A O   1 
ATOM   5    C  CB  . ARG A 1 2   ? 4.144   13.025  -1.135  1.00 52.24 ? 2   ARG A CB  1 
ATOM   6    C  CG  . ARG A 1 2   ? 4.653   11.578  -1.086  1.00 52.33 ? 2   ARG A CG  1 
ATOM   7    C  CD  . ARG A 1 2   ? 3.738   10.600  -1.865  1.00 52.56 ? 2   ARG A CD  1 
ATOM   8    N  NE  . ARG A 1 2   ? 2.313   10.723  -1.534  1.00 52.35 ? 2   ARG A NE  1 
ATOM   9    C  CZ  . ARG A 1 2   ? 1.385   11.198  -2.367  1.00 52.58 ? 2   ARG A CZ  1 
ATOM   10   N  NH1 . ARG A 1 2   ? 0.117   11.275  -1.975  1.00 52.69 ? 2   ARG A NH1 1 
ATOM   11   N  NH2 . ARG A 1 2   ? 1.714   11.592  -3.599  1.00 52.99 ? 2   ARG A NH2 1 
ATOM   12   N  N   . ASP A 1 3   ? 4.767   13.049  2.198   1.00 51.42 ? 3   ASP A N   1 
ATOM   13   C  CA  . ASP A 1 3   ? 5.615   13.253  3.380   1.00 50.90 ? 3   ASP A CA  1 
ATOM   14   C  C   . ASP A 1 3   ? 5.144   12.238  4.425   1.00 49.96 ? 3   ASP A C   1 
ATOM   15   O  O   . ASP A 1 3   ? 5.211   12.477  5.639   1.00 50.16 ? 3   ASP A O   1 
ATOM   16   C  CB  . ASP A 1 3   ? 5.531   14.691  3.933   1.00 51.33 ? 3   ASP A CB  1 
ATOM   17   C  CG  . ASP A 1 3   ? 4.085   15.196  4.086   1.00 52.75 ? 3   ASP A CG  1 
ATOM   18   O  OD1 . ASP A 1 3   ? 3.736   16.202  3.415   1.00 53.82 ? 3   ASP A OD1 1 
ATOM   19   O  OD2 . ASP A 1 3   ? 3.301   14.593  4.867   1.00 53.63 ? 3   ASP A OD2 1 
ATOM   20   N  N   . MET A 1 4   ? 4.641   11.106  3.931   1.00 48.45 ? 4   MET A N   1 
ATOM   21   C  CA  . MET A 1 4   ? 4.150   10.025  4.783   1.00 46.55 ? 4   MET A CA  1 
ATOM   22   C  C   . MET A 1 4   ? 5.234   8.952   4.955   1.00 45.19 ? 4   MET A C   1 
ATOM   23   O  O   . MET A 1 4   ? 4.968   7.749   4.879   1.00 45.06 ? 4   MET A O   1 
ATOM   24   C  CB  . MET A 1 4   ? 2.840   9.448   4.217   1.00 46.79 ? 4   MET A CB  1 
ATOM   25   C  CG  . MET A 1 4   ? 2.792   9.333   2.684   1.00 46.59 ? 4   MET A CG  1 
ATOM   26   S  SD  . MET A 1 4   ? 1.124   9.380   1.970   1.00 46.14 ? 4   MET A SD  1 
ATOM   27   C  CE  . MET A 1 4   ? 0.406   7.869   2.612   1.00 45.94 ? 4   MET A CE  1 
ATOM   28   N  N   . GLY A 1 5   ? 6.460   9.418   5.189   1.00 43.44 ? 5   GLY A N   1 
ATOM   29   C  CA  . GLY A 1 5   ? 7.626   8.553   5.360   1.00 41.22 ? 5   GLY A CA  1 
ATOM   30   C  C   . GLY A 1 5   ? 8.208   8.088   4.040   1.00 39.51 ? 5   GLY A C   1 
ATOM   31   O  O   . GLY A 1 5   ? 7.869   8.619   2.980   1.00 39.46 ? 5   GLY A O   1 
ATOM   32   N  N   . GLU A 1 6   ? 9.102   7.105   4.114   1.00 37.68 ? 6   GLU A N   1 
ATOM   33   C  CA  . GLU A 1 6   ? 9.634   6.454   2.922   1.00 36.01 ? 6   GLU A CA  1 
ATOM   34   C  C   . GLU A 1 6   ? 8.694   5.317   2.470   1.00 33.85 ? 6   GLU A C   1 
ATOM   35   O  O   . GLU A 1 6   ? 7.841   4.879   3.250   1.00 33.51 ? 6   GLU A O   1 
ATOM   36   C  CB  . GLU A 1 6   ? 11.093  5.985   3.139   1.00 36.05 ? 6   GLU A CB  1 
ATOM   37   C  CG  . GLU A 1 6   ? 11.327  4.970   4.251   1.00 36.85 ? 6   GLU A CG  1 
ATOM   38   C  CD  . GLU A 1 6   ? 12.719  4.316   4.190   1.00 37.69 ? 6   GLU A CD  1 
ATOM   39   O  OE1 . GLU A 1 6   ? 13.742  5.050   4.141   1.00 39.28 ? 6   GLU A OE1 1 
ATOM   40   O  OE2 . GLU A 1 6   ? 12.787  3.058   4.206   1.00 39.68 ? 6   GLU A OE2 1 
ATOM   41   N  N   . PRO A 1 7   ? 8.827   4.855   1.206   1.00 31.99 ? 7   PRO A N   1 
ATOM   42   C  CA  . PRO A 1 7   ? 7.925   3.825   0.689   1.00 30.57 ? 7   PRO A CA  1 
ATOM   43   C  C   . PRO A 1 7   ? 8.000   2.527   1.477   1.00 29.18 ? 7   PRO A C   1 
ATOM   44   O  O   . PRO A 1 7   ? 9.081   2.139   1.936   1.00 28.94 ? 7   PRO A O   1 
ATOM   45   C  CB  . PRO A 1 7   ? 8.441   3.584   -0.735  1.00 30.69 ? 7   PRO A CB  1 
ATOM   46   C  CG  . PRO A 1 7   ? 9.218   4.786   -1.079  1.00 31.12 ? 7   PRO A CG  1 
ATOM   47   C  CD  . PRO A 1 7   ? 9.811   5.271   0.191   1.00 31.81 ? 7   PRO A CD  1 
ATOM   48   N  N   . LYS A 1 8   ? 6.851   1.872   1.628   1.00 27.56 ? 8   LYS A N   1 
ATOM   49   C  CA  . LYS A 1 8   ? 6.779   0.557   2.260   1.00 25.98 ? 8   LYS A CA  1 
ATOM   50   C  C   . LYS A 1 8   ? 7.105   -0.533  1.240   1.00 24.99 ? 8   LYS A C   1 
ATOM   51   O  O   . LYS A 1 8   ? 7.629   -1.592  1.593   1.00 24.82 ? 8   LYS A O   1 
ATOM   52   C  CB  . LYS A 1 8   ? 5.399   0.330   2.888   1.00 26.12 ? 8   LYS A CB  1 
ATOM   53   C  CG  . LYS A 1 8   ? 5.051   1.335   3.986   1.00 25.69 ? 8   LYS A CG  1 
ATOM   54   C  CD  . LYS A 1 8   ? 5.770   1.021   5.291   1.00 25.76 ? 8   LYS A CD  1 
ATOM   55   C  CE  . LYS A 1 8   ? 6.205   2.294   6.033   1.00 26.73 ? 8   LYS A CE  1 
ATOM   56   N  NZ  . LYS A 1 8   ? 5.116   3.312   6.206   1.00 26.99 ? 8   LYS A NZ  1 
ATOM   57   N  N   . LEU A 1 9   ? 6.796   -0.251  -0.023  1.00 23.64 ? 9   LEU A N   1 
ATOM   58   C  CA  . LEU A 1 9   ? 7.177   -1.092  -1.149  1.00 22.40 ? 9   LEU A CA  1 
ATOM   59   C  C   . LEU A 1 9   ? 7.706   -0.236  -2.278  1.00 21.34 ? 9   LEU A C   1 
ATOM   60   O  O   . LEU A 1 9   ? 7.270   0.899   -2.460  1.00 20.94 ? 9   LEU A O   1 
ATOM   61   C  CB  . LEU A 1 9   ? 5.985   -1.912  -1.648  1.00 22.44 ? 9   LEU A CB  1 
ATOM   62   C  CG  . LEU A 1 9   ? 5.958   -3.426  -1.436  1.00 22.94 ? 9   LEU A CG  1 
ATOM   63   C  CD1 . LEU A 1 9   ? 6.241   -3.822  0.000   1.00 23.36 ? 9   LEU A CD1 1 
ATOM   64   C  CD2 . LEU A 1 9   ? 4.610   -3.991  -1.875  1.00 23.01 ? 9   LEU A CD2 1 
ATOM   65   N  N   . LYS A 1 10  ? 8.644   -0.802  -3.033  1.00 20.38 ? 10  LYS A N   1 
ATOM   66   C  CA  . LYS A 1 10  ? 9.224   -0.178  -4.210  1.00 19.68 ? 10  LYS A CA  1 
ATOM   67   C  C   . LYS A 1 10  ? 9.593   -1.299  -5.208  1.00 19.29 ? 10  LYS A C   1 
ATOM   68   O  O   . LYS A 1 10  ? 10.475  -2.126  -4.946  1.00 18.95 ? 10  LYS A O   1 
ATOM   69   C  CB  . LYS A 1 10  ? 10.433  0.666   -3.801  1.00 19.60 ? 10  LYS A CB  1 
ATOM   70   C  CG  . LYS A 1 10  ? 10.876  1.715   -4.804  1.00 21.09 ? 10  LYS A CG  1 
ATOM   71   C  CD  . LYS A 1 10  ? 11.526  2.902   -4.079  1.00 23.66 ? 10  LYS A CD  1 
ATOM   72   C  CE  . LYS A 1 10  ? 12.732  3.496   -4.835  1.00 24.88 ? 10  LYS A CE  1 
ATOM   73   N  NZ  . LYS A 1 10  ? 12.380  4.379   -5.985  1.00 26.15 ? 10  LYS A NZ  1 
ATOM   74   N  N   . ILE A 1 11  ? 8.886   -1.336  -6.337  1.00 18.62 ? 11  ILE A N   1 
ATOM   75   C  CA  . ILE A 1 11  ? 9.002   -2.418  -7.309  1.00 18.34 ? 11  ILE A CA  1 
ATOM   76   C  C   . ILE A 1 11  ? 9.100   -1.801  -8.673  1.00 17.83 ? 11  ILE A C   1 
ATOM   77   O  O   . ILE A 1 11  ? 8.609   -0.694  -8.884  1.00 17.99 ? 11  ILE A O   1 
ATOM   78   C  CB  . ILE A 1 11  ? 7.723   -3.305  -7.385  1.00 18.48 ? 11  ILE A CB  1 
ATOM   79   C  CG1 . ILE A 1 11  ? 6.715   -2.967  -6.293  1.00 19.32 ? 11  ILE A CG1 1 
ATOM   80   C  CG2 . ILE A 1 11  ? 8.060   -4.775  -7.391  1.00 18.87 ? 11  ILE A CG2 1 
ATOM   81   C  CD1 . ILE A 1 11  ? 5.715   -1.941  -6.724  1.00 19.47 ? 11  ILE A CD1 1 
ATOM   82   N  N   . VAL A 1 12  ? 9.706   -2.521  -9.610  1.00 17.35 ? 12  VAL A N   1 
ATOM   83   C  CA  . VAL A 1 12  ? 9.635   -2.153  -11.028 1.00 16.71 ? 12  VAL A CA  1 
ATOM   84   C  C   . VAL A 1 12  ? 8.429   -2.855  -11.665 1.00 16.32 ? 12  VAL A C   1 
ATOM   85   O  O   . VAL A 1 12  ? 8.183   -4.032  -11.405 1.00 16.16 ? 12  VAL A O   1 
ATOM   86   C  CB  . VAL A 1 12  ? 10.913  -2.558  -11.779 1.00 16.53 ? 12  VAL A CB  1 
ATOM   87   C  CG1 . VAL A 1 12  ? 10.902  -1.980  -13.180 1.00 16.41 ? 12  VAL A CG1 1 
ATOM   88   C  CG2 . VAL A 1 12  ? 12.158  -2.095  -11.020 1.00 16.59 ? 12  VAL A CG2 1 
ATOM   89   N  N   . ALA A 1 13  ? 7.671   -2.135  -12.483 1.00 16.07 ? 13  ALA A N   1 
ATOM   90   C  CA  . ALA A 1 13  ? 6.585   -2.755  -13.246 1.00 15.81 ? 13  ALA A CA  1 
ATOM   91   C  C   . ALA A 1 13  ? 7.165   -3.461  -14.471 1.00 15.75 ? 13  ALA A C   1 
ATOM   92   O  O   . ALA A 1 13  ? 7.744   -2.823  -15.348 1.00 15.90 ? 13  ALA A O   1 
ATOM   93   C  CB  . ALA A 1 13  ? 5.547   -1.726  -13.646 1.00 15.15 ? 13  ALA A CB  1 
ATOM   94   N  N   . MET A 1 14  ? 7.014   -4.780  -14.521 1.00 15.92 ? 14  MET A N   1 
ATOM   95   C  CA  . MET A 1 14  ? 7.609   -5.589  -15.583 1.00 15.94 ? 14  MET A CA  1 
ATOM   96   C  C   . MET A 1 14  ? 6.623   -5.895  -16.719 1.00 16.02 ? 14  MET A C   1 
ATOM   97   O  O   . MET A 1 14  ? 5.407   -5.858  -16.514 1.00 16.44 ? 14  MET A O   1 
ATOM   98   C  CB  . MET A 1 14  ? 8.193   -6.871  -14.988 1.00 16.01 ? 14  MET A CB  1 
ATOM   99   C  CG  . MET A 1 14  ? 9.332   -6.619  -13.990 1.00 16.45 ? 14  MET A CG  1 
ATOM   100  S  SD  . MET A 1 14  ? 10.840  -5.914  -14.718 1.00 17.53 ? 14  MET A SD  1 
ATOM   101  C  CE  . MET A 1 14  ? 11.556  -7.356  -15.521 1.00 16.74 ? 14  MET A CE  1 
ATOM   102  N  N   . PRO A 1 15  ? 7.140   -6.162  -17.936 1.00 15.96 ? 15  PRO A N   1 
ATOM   103  C  CA  . PRO A 1 15  ? 6.268   -6.469  -19.080 1.00 15.90 ? 15  PRO A CA  1 
ATOM   104  C  C   . PRO A 1 15  ? 5.264   -7.613  -18.857 1.00 15.69 ? 15  PRO A C   1 
ATOM   105  O  O   . PRO A 1 15  ? 4.232   -7.655  -19.541 1.00 16.09 ? 15  PRO A O   1 
ATOM   106  C  CB  . PRO A 1 15  ? 7.267   -6.833  -20.189 1.00 16.06 ? 15  PRO A CB  1 
ATOM   107  C  CG  . PRO A 1 15  ? 8.497   -6.050  -19.840 1.00 15.61 ? 15  PRO A CG  1 
ATOM   108  C  CD  . PRO A 1 15  ? 8.564   -6.135  -18.335 1.00 16.07 ? 15  PRO A CD  1 
ATOM   109  N  N   . SER A 1 16  ? 5.557   -8.510  -17.913 1.00 14.95 ? 16  SER A N   1 
ATOM   110  C  CA  . SER A 1 16  ? 4.673   -9.634  -17.603 1.00 14.39 ? 16  SER A CA  1 
ATOM   111  C  C   . SER A 1 16  ? 3.473   -9.213  -16.749 1.00 14.44 ? 16  SER A C   1 
ATOM   112  O  O   . SER A 1 16  ? 2.529   -9.993  -16.582 1.00 14.03 ? 16  SER A O   1 
ATOM   113  C  CB  . SER A 1 16  ? 5.445   -10.768 -16.920 0.50 14.12 ? 16  SER A CB  1 
ATOM   114  O  OG  . SER A 1 16  ? 5.751   -10.450 -15.577 0.50 13.37 ? 16  SER A OG  1 
ATOM   115  N  N   . ASP A 1 17  ? 3.504   -7.981  -16.232 1.00 14.31 ? 17  ASP A N   1 
ATOM   116  C  CA  . ASP A 1 17  ? 2.439   -7.473  -15.361 1.00 14.31 ? 17  ASP A CA  1 
ATOM   117  C  C   . ASP A 1 17  ? 1.405   -6.624  -16.090 1.00 13.98 ? 17  ASP A C   1 
ATOM   118  O  O   . ASP A 1 17  ? 0.740   -5.804  -15.455 1.00 13.80 ? 17  ASP A O   1 
ATOM   119  C  CB  . ASP A 1 17  ? 3.031   -6.626  -14.225 1.00 14.82 ? 17  ASP A CB  1 
ATOM   120  C  CG  . ASP A 1 17  ? 4.154   -7.331  -13.476 1.00 15.44 ? 17  ASP A CG  1 
ATOM   121  O  OD1 . ASP A 1 17  ? 3.973   -8.509  -13.080 1.00 14.59 ? 17  ASP A OD1 1 
ATOM   122  O  OD2 . ASP A 1 17  ? 5.210   -6.684  -13.268 1.00 17.52 ? 17  ASP A OD2 1 
ATOM   123  N  N   . THR A 1 18  ? 1.276   -6.794  -17.408 1.00 13.70 ? 18  THR A N   1 
ATOM   124  C  CA  . THR A 1 18  ? 0.342   -5.968  -18.196 1.00 13.55 ? 18  THR A CA  1 
ATOM   125  C  C   . THR A 1 18  ? -1.057  -6.564  -18.360 1.00 13.38 ? 18  THR A C   1 
ATOM   126  O  O   . THR A 1 18  ? -1.265  -7.753  -18.133 1.00 13.79 ? 18  THR A O   1 
ATOM   127  C  CB  . THR A 1 18  ? 0.896   -5.591  -19.595 1.00 13.54 ? 18  THR A CB  1 
ATOM   128  O  OG1 . THR A 1 18  ? 1.367   -6.762  -20.270 1.00 13.46 ? 18  THR A OG1 1 
ATOM   129  C  CG2 . THR A 1 18  ? 2.020   -4.583  -19.466 1.00 13.71 ? 18  THR A CG2 1 
ATOM   130  N  N   . ASN A 1 19  ? -2.010  -5.708  -18.724 1.00 13.04 ? 19  ASN A N   1 
ATOM   131  C  CA  . ASN A 1 19  ? -3.352  -6.129  -19.117 1.00 12.48 ? 19  ASN A CA  1 
ATOM   132  C  C   . ASN A 1 19  ? -3.434  -6.240  -20.645 1.00 12.39 ? 19  ASN A C   1 
ATOM   133  O  O   . ASN A 1 19  ? -2.501  -5.820  -21.339 1.00 12.11 ? 19  ASN A O   1 
ATOM   134  C  CB  . ASN A 1 19  ? -4.420  -5.170  -18.555 1.00 12.26 ? 19  ASN A CB  1 
ATOM   135  C  CG  . ASN A 1 19  ? -4.222  -3.720  -18.990 1.00 11.83 ? 19  ASN A CG  1 
ATOM   136  O  OD1 . ASN A 1 19  ? -3.679  -3.432  -20.064 1.00 11.15 ? 19  ASN A OD1 1 
ATOM   137  N  ND2 . ASN A 1 19  ? -4.686  -2.791  -18.150 1.00 11.08 ? 19  ASN A ND2 1 
ATOM   138  N  N   . PRO A 1 20  ? -4.523  -6.838  -21.177 1.00 12.47 ? 20  PRO A N   1 
ATOM   139  C  CA  . PRO A 1 20  ? -4.702  -6.947  -22.633 1.00 12.68 ? 20  PRO A CA  1 
ATOM   140  C  C   . PRO A 1 20  ? -4.555  -5.651  -23.439 1.00 13.22 ? 20  PRO A C   1 
ATOM   141  O  O   . PRO A 1 20  ? -4.267  -5.725  -24.635 1.00 13.52 ? 20  PRO A O   1 
ATOM   142  C  CB  . PRO A 1 20  ? -6.113  -7.522  -22.760 1.00 12.32 ? 20  PRO A CB  1 
ATOM   143  C  CG  . PRO A 1 20  ? -6.253  -8.355  -21.558 1.00 12.22 ? 20  PRO A CG  1 
ATOM   144  C  CD  . PRO A 1 20  ? -5.601  -7.546  -20.462 1.00 12.39 ? 20  PRO A CD  1 
ATOM   145  N  N   . ALA A 1 21  ? -4.738  -4.485  -22.811 1.00 13.49 ? 21  ALA A N   1 
ATOM   146  C  CA  . ALA A 1 21  ? -4.504  -3.205  -23.506 1.00 13.67 ? 21  ALA A CA  1 
ATOM   147  C  C   . ALA A 1 21  ? -3.025  -2.799  -23.600 1.00 13.93 ? 21  ALA A C   1 
ATOM   148  O  O   . ALA A 1 21  ? -2.652  -2.036  -24.481 1.00 13.94 ? 21  ALA A O   1 
ATOM   149  C  CB  . ALA A 1 21  ? -5.325  -2.083  -22.886 1.00 13.21 ? 21  ALA A CB  1 
ATOM   150  N  N   . GLY A 1 22  ? -2.192  -3.298  -22.689 1.00 14.45 ? 22  GLY A N   1 
ATOM   151  C  CA  . GLY A 1 22  ? -0.770  -2.942  -22.677 1.00 14.73 ? 22  GLY A CA  1 
ATOM   152  C  C   . GLY A 1 22  ? -0.333  -2.070  -21.502 1.00 15.26 ? 22  GLY A C   1 
ATOM   153  O  O   . GLY A 1 22  ? 0.863   -1.802  -21.332 1.00 15.48 ? 22  GLY A O   1 
ATOM   154  N  N   . ASN A 1 23  ? -1.289  -1.607  -20.701 1.00 14.93 ? 23  ASN A N   1 
ATOM   155  C  CA  . ASN A 1 23  ? -0.955  -0.924  -19.459 1.00 14.97 ? 23  ASN A CA  1 
ATOM   156  C  C   . ASN A 1 23  ? -0.731  -1.931  -18.343 1.00 14.95 ? 23  ASN A C   1 
ATOM   157  O  O   . ASN A 1 23  ? -1.151  -3.092  -18.457 1.00 15.18 ? 23  ASN A O   1 
ATOM   158  C  CB  . ASN A 1 23  ? -2.050  0.070   -19.072 1.00 14.99 ? 23  ASN A CB  1 
ATOM   159  C  CG  . ASN A 1 23  ? -2.225  1.175   -20.109 1.00 15.73 ? 23  ASN A CG  1 
ATOM   160  O  OD1 . ASN A 1 23  ? -1.263  1.585   -20.780 1.00 17.35 ? 23  ASN A OD1 1 
ATOM   161  N  ND2 . ASN A 1 23  ? -3.452  1.652   -20.252 1.00 14.16 ? 23  ASN A ND2 1 
ATOM   162  N  N   . ILE A 1 24  ? -0.069  -1.497  -17.272 1.00 14.43 ? 24  ILE A N   1 
ATOM   163  C  CA  . ILE A 1 24  ? 0.139   -2.363  -16.123 1.00 13.97 ? 24  ILE A CA  1 
ATOM   164  C  C   . ILE A 1 24  ? -1.209  -2.713  -15.489 1.00 14.11 ? 24  ILE A C   1 
ATOM   165  O  O   . ILE A 1 24  ? -2.028  -1.837  -15.201 1.00 14.35 ? 24  ILE A O   1 
ATOM   166  C  CB  . ILE A 1 24  ? 1.116   -1.754  -15.090 1.00 13.71 ? 24  ILE A CB  1 
ATOM   167  C  CG1 . ILE A 1 24  ? 2.508   -1.554  -15.705 1.00 13.84 ? 24  ILE A CG1 1 
ATOM   168  C  CG2 . ILE A 1 24  ? 1.215   -2.631  -13.849 1.00 13.50 ? 24  ILE A CG2 1 
ATOM   169  C  CD1 . ILE A 1 24  ? 3.179   -2.823  -16.264 1.00 14.33 ? 24  ILE A CD1 1 
ATOM   170  N  N   . PHE A 1 25  ? -1.424  -4.010  -15.302 1.00 13.85 ? 25  PHE A N   1 
ATOM   171  C  CA  . PHE A 1 25  ? -2.674  -4.562  -14.816 1.00 13.71 ? 25  PHE A CA  1 
ATOM   172  C  C   . PHE A 1 25  ? -3.023  -4.007  -13.435 1.00 13.82 ? 25  PHE A C   1 
ATOM   173  O  O   . PHE A 1 25  ? -2.189  -4.004  -12.533 1.00 14.27 ? 25  PHE A O   1 
ATOM   174  C  CB  . PHE A 1 25  ? -2.550  -6.097  -14.829 1.00 13.47 ? 25  PHE A CB  1 
ATOM   175  C  CG  . PHE A 1 25  ? -3.728  -6.832  -14.260 1.00 13.01 ? 25  PHE A CG  1 
ATOM   176  C  CD1 . PHE A 1 25  ? -3.520  -7.892  -13.376 1.00 12.62 ? 25  PHE A CD1 1 
ATOM   177  C  CD2 . PHE A 1 25  ? -5.038  -6.496  -14.621 1.00 12.57 ? 25  PHE A CD2 1 
ATOM   178  C  CE1 . PHE A 1 25  ? -4.598  -8.604  -12.835 1.00 12.31 ? 25  PHE A CE1 1 
ATOM   179  C  CE2 . PHE A 1 25  ? -6.129  -7.199  -14.087 1.00 12.69 ? 25  PHE A CE2 1 
ATOM   180  C  CZ  . PHE A 1 25  ? -5.906  -8.254  -13.189 1.00 13.22 ? 25  PHE A CZ  1 
ATOM   181  N  N   . GLY A 1 26  ? -4.254  -3.521  -13.288 1.00 14.00 ? 26  GLY A N   1 
ATOM   182  C  CA  . GLY A 1 26  ? -4.739  -2.950  -12.031 1.00 13.90 ? 26  GLY A CA  1 
ATOM   183  C  C   . GLY A 1 26  ? -4.645  -3.907  -10.857 1.00 14.05 ? 26  GLY A C   1 
ATOM   184  O  O   . GLY A 1 26  ? -4.336  -3.489  -9.744  1.00 14.50 ? 26  GLY A O   1 
ATOM   185  N  N   . GLY A 1 27  ? -4.904  -5.191  -11.107 1.00 13.91 ? 27  GLY A N   1 
ATOM   186  C  CA  . GLY A 1 27  ? -4.771  -6.243  -10.089 1.00 13.72 ? 27  GLY A CA  1 
ATOM   187  C  C   . GLY A 1 27  ? -3.359  -6.433  -9.537  1.00 13.65 ? 27  GLY A C   1 
ATOM   188  O  O   . GLY A 1 27  ? -3.187  -6.763  -8.353  1.00 13.82 ? 27  GLY A O   1 
ATOM   189  N  N   . TRP A 1 28  ? -2.352  -6.247  -10.392 1.00 13.29 ? 28  TRP A N   1 
ATOM   190  C  CA  . TRP A 1 28  ? -0.962  -6.205  -9.950  1.00 13.01 ? 28  TRP A CA  1 
ATOM   191  C  C   . TRP A 1 28  ? -0.744  -5.016  -9.010  1.00 12.99 ? 28  TRP A C   1 
ATOM   192  O  O   . TRP A 1 28  ? -0.080  -5.160  -7.986  1.00 12.80 ? 28  TRP A O   1 
ATOM   193  C  CB  . TRP A 1 28  ? -0.007  -6.143  -11.147 1.00 12.80 ? 28  TRP A CB  1 
ATOM   194  C  CG  . TRP A 1 28  ? 1.460   -6.055  -10.784 1.00 12.83 ? 28  TRP A CG  1 
ATOM   195  C  CD1 . TRP A 1 28  ? 2.316   -7.100  -10.572 1.00 12.74 ? 28  TRP A CD1 1 
ATOM   196  C  CD2 . TRP A 1 28  ? 2.240   -4.855  -10.603 1.00 12.45 ? 28  TRP A CD2 1 
ATOM   197  N  NE1 . TRP A 1 28  ? 3.577   -6.630  -10.266 1.00 12.65 ? 28  TRP A NE1 1 
ATOM   198  C  CE2 . TRP A 1 28  ? 3.559   -5.259  -10.280 1.00 12.73 ? 28  TRP A CE2 1 
ATOM   199  C  CE3 . TRP A 1 28  ? 1.952   -3.485  -10.676 1.00 11.72 ? 28  TRP A CE3 1 
ATOM   200  C  CZ2 . TRP A 1 28  ? 4.588   -4.338  -10.030 1.00 12.46 ? 28  TRP A CZ2 1 
ATOM   201  C  CZ3 . TRP A 1 28  ? 2.970   -2.571  -10.428 1.00 12.32 ? 28  TRP A CZ3 1 
ATOM   202  C  CH2 . TRP A 1 28  ? 4.276   -3.004  -10.106 1.00 12.45 ? 28  TRP A CH2 1 
ATOM   203  N  N   . ILE A 1 29  ? -1.311  -3.852  -9.343  1.00 13.05 ? 29  ILE A N   1 
ATOM   204  C  CA  . ILE A 1 29  ? -1.163  -2.668  -8.476  1.00 13.20 ? 29  ILE A CA  1 
ATOM   205  C  C   . ILE A 1 29  ? -1.811  -2.911  -7.125  1.00 13.24 ? 29  ILE A C   1 
ATOM   206  O  O   . ILE A 1 29  ? -1.210  -2.664  -6.075  1.00 13.49 ? 29  ILE A O   1 
ATOM   207  C  CB  . ILE A 1 29  ? -1.763  -1.374  -9.076  1.00 13.19 ? 29  ILE A CB  1 
ATOM   208  C  CG1 . ILE A 1 29  ? -1.276  -1.145  -10.508 1.00 13.26 ? 29  ILE A CG1 1 
ATOM   209  C  CG2 . ILE A 1 29  ? -1.369  -0.187  -8.213  1.00 13.31 ? 29  ILE A CG2 1 
ATOM   210  C  CD1 . ILE A 1 29  ? -2.007  -0.018  -11.221 1.00 13.11 ? 29  ILE A CD1 1 
ATOM   211  N  N   . LEU A 1 30  ? -3.044  -3.395  -7.163  1.00 13.40 ? 30  LEU A N   1 
ATOM   212  C  CA  . LEU A 1 30  ? -3.795  -3.730  -5.960  1.00 13.48 ? 30  LEU A CA  1 
ATOM   213  C  C   . LEU A 1 30  ? -3.079  -4.729  -5.052  1.00 13.41 ? 30  LEU A C   1 
ATOM   214  O  O   . LEU A 1 30  ? -3.266  -4.701  -3.837  1.00 13.59 ? 30  LEU A O   1 
ATOM   215  C  CB  . LEU A 1 30  ? -5.179  -4.247  -6.357  1.00 13.70 ? 30  LEU A CB  1 
ATOM   216  C  CG  . LEU A 1 30  ? -6.373  -3.304  -6.171  1.00 14.06 ? 30  LEU A CG  1 
ATOM   217  C  CD1 . LEU A 1 30  ? -5.980  -1.845  -6.222  1.00 15.44 ? 30  LEU A CD1 1 
ATOM   218  C  CD2 . LEU A 1 30  ? -7.421  -3.586  -7.216  1.00 14.75 ? 30  LEU A CD2 1 
ATOM   219  N  N   . SER A 1 31  ? -2.274  -5.612  -5.648  1.00 13.39 ? 31  SER A N   1 
ATOM   220  C  CA  . SER A 1 31  ? -1.425  -6.553  -4.903  1.00 13.09 ? 31  SER A CA  1 
ATOM   221  C  C   . SER A 1 31  ? -0.365  -5.791  -4.122  1.00 13.24 ? 31  SER A C   1 
ATOM   222  O  O   . SER A 1 31  ? -0.160  -6.043  -2.924  1.00 12.98 ? 31  SER A O   1 
ATOM   223  C  CB  . SER A 1 31  ? -0.740  -7.549  -5.844  1.00 12.88 ? 31  SER A CB  1 
ATOM   224  O  OG  . SER A 1 31  ? -1.683  -8.248  -6.635  1.00 12.43 ? 31  SER A OG  1 
ATOM   225  N  N   . GLN A 1 32  ? 0.302   -4.859  -4.809  1.00 13.09 ? 32  GLN A N   1 
ATOM   226  C  CA  . GLN A 1 32  ? 1.275   -3.971  -4.182  1.00 13.42 ? 32  GLN A CA  1 
ATOM   227  C  C   . GLN A 1 32  ? 0.658   -3.170  -3.036  1.00 13.38 ? 32  GLN A C   1 
ATOM   228  O  O   . GLN A 1 32  ? 1.281   -2.995  -1.980  1.00 13.04 ? 32  GLN A O   1 
ATOM   229  C  CB  . GLN A 1 32  ? 1.888   -3.016  -5.209  1.00 13.47 ? 32  GLN A CB  1 
ATOM   230  C  CG  . GLN A 1 32  ? 2.351   -3.664  -6.519  1.00 15.09 ? 32  GLN A CG  1 
ATOM   231  C  CD  . GLN A 1 32  ? 3.052   -5.026  -6.350  1.00 16.88 ? 32  GLN A CD  1 
ATOM   232  O  OE1 . GLN A 1 32  ? 3.968   -5.186  -5.529  1.00 15.84 ? 32  GLN A OE1 1 
ATOM   233  N  NE2 . GLN A 1 32  ? 2.619   -6.010  -7.149  1.00 16.96 ? 32  GLN A NE2 1 
ATOM   234  N  N   . ILE A 1 33  ? -0.571  -2.695  -3.247  1.00 13.67 ? 33  ILE A N   1 
ATOM   235  C  CA  . ILE A 1 33  ? -1.290  -1.904  -2.239  1.00 13.58 ? 33  ILE A CA  1 
ATOM   236  C  C   . ILE A 1 33  ? -1.583  -2.751  -1.008  1.00 13.98 ? 33  ILE A C   1 
ATOM   237  O  O   . ILE A 1 33  ? -1.297  -2.335  0.120   1.00 14.05 ? 33  ILE A O   1 
ATOM   238  C  CB  . ILE A 1 33  ? -2.580  -1.285  -2.820  1.00 13.49 ? 33  ILE A CB  1 
ATOM   239  C  CG1 . ILE A 1 33  ? -2.209  -0.167  -3.806  1.00 13.27 ? 33  ILE A CG1 1 
ATOM   240  C  CG2 . ILE A 1 33  ? -3.496  -0.769  -1.713  1.00 12.57 ? 33  ILE A CG2 1 
ATOM   241  C  CD1 . ILE A 1 33  ? -3.330  0.273   -4.734  1.00 12.36 ? 33  ILE A CD1 1 
ATOM   242  N  N   . ASP A 1 34  ? -2.123  -3.947  -1.232  1.00 14.23 ? 34  ASP A N   1 
ATOM   243  C  CA  . ASP A 1 34  ? -2.454  -4.850  -0.146  1.00 14.65 ? 34  ASP A CA  1 
ATOM   244  C  C   . ASP A 1 34  ? -1.217  -5.185  0.685   1.00 14.66 ? 34  ASP A C   1 
ATOM   245  O  O   . ASP A 1 34  ? -1.255  -5.133  1.916   1.00 15.05 ? 34  ASP A O   1 
ATOM   246  C  CB  . ASP A 1 34  ? -3.124  -6.119  -0.683  1.00 15.06 ? 34  ASP A CB  1 
ATOM   247  C  CG  . ASP A 1 34  ? -3.836  -6.911  0.409   1.00 16.75 ? 34  ASP A CG  1 
ATOM   248  O  OD1 . ASP A 1 34  ? -3.970  -6.399  1.542   1.00 18.91 ? 34  ASP A OD1 1 
ATOM   249  O  OD2 . ASP A 1 34  ? -4.271  -8.050  0.146   1.00 19.36 ? 34  ASP A OD2 1 
ATOM   250  N  N   . LEU A 1 35  ? -0.110  -5.490  0.015   1.00 14.66 ? 35  LEU A N   1 
ATOM   251  C  CA  . LEU A 1 35  ? 1.148   -5.808  0.699   1.00 14.57 ? 35  LEU A CA  1 
ATOM   252  C  C   . LEU A 1 35  ? 1.791   -4.620  1.432   1.00 14.79 ? 35  LEU A C   1 
ATOM   253  O  O   . LEU A 1 35  ? 2.289   -4.780  2.555   1.00 14.90 ? 35  LEU A O   1 
ATOM   254  C  CB  . LEU A 1 35  ? 2.144   -6.432  -0.278  1.00 14.20 ? 35  LEU A CB  1 
ATOM   255  C  CG  . LEU A 1 35  ? 1.856   -7.858  -0.749  1.00 14.15 ? 35  LEU A CG  1 
ATOM   256  C  CD1 . LEU A 1 35  ? 2.839   -8.252  -1.854  1.00 13.50 ? 35  LEU A CD1 1 
ATOM   257  C  CD2 . LEU A 1 35  ? 1.881   -8.870  0.409   1.00 12.43 ? 35  LEU A CD2 1 
ATOM   258  N  N   . ALA A 1 36  ? 1.792   -3.446  0.792   1.00 14.99 ? 36  ALA A N   1 
ATOM   259  C  CA  . ALA A 1 36  ? 2.365   -2.224  1.377   1.00 14.94 ? 36  ALA A CA  1 
ATOM   260  C  C   . ALA A 1 36  ? 1.582   -1.763  2.604   1.00 15.07 ? 36  ALA A C   1 
ATOM   261  O  O   . ALA A 1 36  ? 2.176   -1.343  3.596   1.00 15.39 ? 36  ALA A O   1 
ATOM   262  C  CB  . ALA A 1 36  ? 2.423   -1.116  0.353   1.00 14.85 ? 36  ALA A CB  1 
ATOM   263  N  N   . GLY A 1 37  ? 0.253   -1.846  2.530   1.00 15.00 ? 37  GLY A N   1 
ATOM   264  C  CA  . GLY A 1 37  ? -0.605  -1.524  3.667   1.00 14.82 ? 37  GLY A CA  1 
ATOM   265  C  C   . GLY A 1 37  ? -0.316  -2.441  4.839   1.00 14.81 ? 37  GLY A C   1 
ATOM   266  O  O   . GLY A 1 37  ? -0.250  -1.993  5.981   1.00 14.86 ? 37  GLY A O   1 
ATOM   267  N  N   . ALA A 1 38  ? -0.126  -3.728  4.548   1.00 14.87 ? 38  ALA A N   1 
ATOM   268  C  CA  . ALA A 1 38  ? 0.109   -4.741  5.574   1.00 14.64 ? 38  ALA A CA  1 
ATOM   269  C  C   . ALA A 1 38  ? 1.386   -4.471  6.376   1.00 14.85 ? 38  ALA A C   1 
ATOM   270  O  O   . ALA A 1 38  ? 1.389   -4.590  7.615   1.00 14.99 ? 38  ALA A O   1 
ATOM   271  C  CB  . ALA A 1 38  ? 0.147   -6.120  4.951   1.00 14.49 ? 38  ALA A CB  1 
ATOM   272  N  N   . ILE A 1 39  ? 2.461   -4.099  5.675   1.00 14.72 ? 39  ILE A N   1 
ATOM   273  C  CA  . ILE A 1 39  ? 3.720   -3.718  6.320   1.00 14.58 ? 39  ILE A CA  1 
ATOM   274  C  C   . ILE A 1 39  ? 3.499   -2.575  7.309   1.00 14.81 ? 39  ILE A C   1 
ATOM   275  O  O   . ILE A 1 39  ? 4.081   -2.570  8.400   1.00 14.89 ? 39  ILE A O   1 
ATOM   276  C  CB  . ILE A 1 39  ? 4.798   -3.301  5.284   1.00 14.75 ? 39  ILE A CB  1 
ATOM   277  C  CG1 . ILE A 1 39  ? 5.283   -4.522  4.501   1.00 13.73 ? 39  ILE A CG1 1 
ATOM   278  C  CG2 . ILE A 1 39  ? 5.997   -2.608  5.974   1.00 14.70 ? 39  ILE A CG2 1 
ATOM   279  C  CD1 . ILE A 1 39  ? 6.006   -4.167  3.238   1.00 12.43 ? 39  ILE A CD1 1 
ATOM   280  N  N   . ALA A 1 40  ? 2.657   -1.615  6.919   1.00 15.00 ? 40  ALA A N   1 
ATOM   281  C  CA  . ALA A 1 40  ? 2.341   -0.465  7.762   1.00 15.26 ? 40  ALA A CA  1 
ATOM   282  C  C   . ALA A 1 40  ? 1.505   -0.878  8.961   1.00 15.53 ? 40  ALA A C   1 
ATOM   283  O  O   . ALA A 1 40  ? 1.765   -0.432  10.078  1.00 15.78 ? 40  ALA A O   1 
ATOM   284  C  CB  . ALA A 1 40  ? 1.630   0.615   6.964   1.00 15.17 ? 40  ALA A CB  1 
ATOM   285  N  N   . ALA A 1 41  ? 0.509   -1.730  8.722   1.00 15.84 ? 41  ALA A N   1 
ATOM   286  C  CA  . ALA A 1 41  ? -0.375  -2.230  9.777   1.00 16.16 ? 41  ALA A CA  1 
ATOM   287  C  C   . ALA A 1 41  ? 0.359   -3.108  10.795  1.00 16.71 ? 41  ALA A C   1 
ATOM   288  O  O   . ALA A 1 41  ? 0.047   -3.066  11.984  1.00 16.71 ? 41  ALA A O   1 
ATOM   289  C  CB  . ALA A 1 41  ? -1.555  -2.974  9.173   1.00 15.55 ? 41  ALA A CB  1 
ATOM   290  N  N   . ARG A 1 42  ? 1.330   -3.893  10.330  1.00 17.65 ? 42  ARG A N   1 
ATOM   291  C  CA  . ARG A 1 42  ? 2.125   -4.745  11.222  1.00 18.90 ? 42  ARG A CA  1 
ATOM   292  C  C   . ARG A 1 42  ? 3.018   -3.970  12.207  1.00 19.50 ? 42  ARG A C   1 
ATOM   293  O  O   . ARG A 1 42  ? 3.442   -4.526  13.216  1.00 19.40 ? 42  ARG A O   1 
ATOM   294  C  CB  . ARG A 1 42  ? 2.942   -5.776  10.440  1.00 18.52 ? 42  ARG A CB  1 
ATOM   295  C  CG  . ARG A 1 42  ? 2.177   -7.053  10.119  1.00 19.36 ? 42  ARG A CG  1 
ATOM   296  C  CD  . ARG A 1 42  ? 3.105   -8.179  9.648   1.00 19.59 ? 42  ARG A CD  1 
ATOM   297  N  NE  . ARG A 1 42  ? 3.913   -7.768  8.498   1.00 23.04 ? 42  ARG A NE  1 
ATOM   298  C  CZ  . ARG A 1 42  ? 3.527   -7.841  7.221   1.00 24.57 ? 42  ARG A CZ  1 
ATOM   299  N  NH1 . ARG A 1 42  ? 2.332   -8.330  6.894   1.00 23.87 ? 42  ARG A NH1 1 
ATOM   300  N  NH2 . ARG A 1 42  ? 4.353   -7.429  6.260   1.00 25.71 ? 42  ARG A NH2 1 
ATOM   301  N  N   . GLU A 1 43  ? 3.294   -2.695  11.927  1.00 20.44 ? 43  GLU A N   1 
ATOM   302  C  CA  . GLU A 1 43  ? 3.915   -1.817  12.927  1.00 21.79 ? 43  GLU A CA  1 
ATOM   303  C  C   . GLU A 1 43  ? 3.088   -1.744  14.223  1.00 22.17 ? 43  GLU A C   1 
ATOM   304  O  O   . GLU A 1 43  ? 3.618   -1.433  15.303  1.00 22.75 ? 43  GLU A O   1 
ATOM   305  C  CB  . GLU A 1 43  ? 4.105   -0.408  12.375  1.00 22.01 ? 43  GLU A CB  1 
ATOM   306  C  CG  . GLU A 1 43  ? 5.310   -0.249  11.467  1.00 23.90 ? 43  GLU A CG  1 
ATOM   307  C  CD  . GLU A 1 43  ? 5.288   1.064   10.695  1.00 27.83 ? 43  GLU A CD  1 
ATOM   308  O  OE1 . GLU A 1 43  ? 6.179   1.260   9.830   1.00 28.27 ? 43  GLU A OE1 1 
ATOM   309  O  OE2 . GLU A 1 43  ? 4.368   1.894   10.940  1.00 29.39 ? 43  GLU A OE2 1 
ATOM   310  N  N   . LEU A 1 44  ? 1.792   -2.023  14.106  1.00 22.18 ? 44  LEU A N   1 
ATOM   311  C  CA  . LEU A 1 44  ? 0.906   -2.081  15.260  1.00 22.19 ? 44  LEU A CA  1 
ATOM   312  C  C   . LEU A 1 44  ? 0.579   -3.511  15.659  1.00 22.21 ? 44  LEU A C   1 
ATOM   313  O  O   . LEU A 1 44  ? -0.059  -3.740  16.684  1.00 21.88 ? 44  LEU A O   1 
ATOM   314  C  CB  . LEU A 1 44  ? -0.371  -1.289  14.985  1.00 22.13 ? 44  LEU A CB  1 
ATOM   315  C  CG  . LEU A 1 44  ? -0.180  0.210   15.190  1.00 22.12 ? 44  LEU A CG  1 
ATOM   316  C  CD1 . LEU A 1 44  ? -0.977  0.996   14.176  1.00 23.50 ? 44  LEU A CD1 1 
ATOM   317  C  CD2 . LEU A 1 44  ? -0.553  0.594   16.601  1.00 21.70 ? 44  LEU A CD2 1 
ATOM   318  N  N   . SER A 1 45  ? 1.036   -4.464  14.849  1.00 22.58 ? 45  SER A N   1 
ATOM   319  C  CA  . SER A 1 45  ? 0.746   -5.879  15.043  1.00 22.95 ? 45  SER A CA  1 
ATOM   320  C  C   . SER A 1 45  ? 1.792   -6.734  14.326  1.00 23.39 ? 45  SER A C   1 
ATOM   321  O  O   . SER A 1 45  ? 1.507   -7.308  13.267  1.00 23.37 ? 45  SER A O   1 
ATOM   322  C  CB  . SER A 1 45  ? -0.653  -6.197  14.514  1.00 23.03 ? 45  SER A CB  1 
ATOM   323  O  OG  . SER A 1 45  ? -0.912  -7.587  14.541  1.00 23.17 ? 45  SER A OG  1 
ATOM   324  N  N   . PRO A 1 46  ? 3.000   -6.839  14.915  1.00 23.69 ? 46  PRO A N   1 
ATOM   325  C  CA  . PRO A 1 46  ? 4.210   -7.402  14.295  1.00 23.95 ? 46  PRO A CA  1 
ATOM   326  C  C   . PRO A 1 46  ? 4.079   -8.798  13.669  1.00 24.39 ? 46  PRO A C   1 
ATOM   327  O  O   . PRO A 1 46  ? 4.601   -9.012  12.566  1.00 24.73 ? 46  PRO A O   1 
ATOM   328  C  CB  . PRO A 1 46  ? 5.214   -7.423  15.451  1.00 24.18 ? 46  PRO A CB  1 
ATOM   329  C  CG  . PRO A 1 46  ? 4.751   -6.329  16.362  1.00 23.83 ? 46  PRO A CG  1 
ATOM   330  C  CD  . PRO A 1 46  ? 3.258   -6.395  16.297  1.00 23.84 ? 46  PRO A CD  1 
ATOM   331  N  N   . GLU A 1 47  ? 3.408   -9.729  14.351  1.00 24.53 ? 47  GLU A N   1 
ATOM   332  C  CA  . GLU A 1 47  ? 3.323   -11.125 13.884  1.00 24.83 ? 47  GLU A CA  1 
ATOM   333  C  C   . GLU A 1 47  ? 2.565   -11.325 12.576  1.00 23.75 ? 47  GLU A C   1 
ATOM   334  O  O   . GLU A 1 47  ? 3.094   -11.930 11.647  1.00 23.61 ? 47  GLU A O   1 
ATOM   335  C  CB  . GLU A 1 47  ? 2.717   -12.049 14.953  1.00 25.51 ? 47  GLU A CB  1 
ATOM   336  C  CG  . GLU A 1 47  ? 3.715   -12.546 15.991  1.00 28.97 ? 47  GLU A CG  1 
ATOM   337  C  CD  . GLU A 1 47  ? 3.686   -11.716 17.270  1.00 34.02 ? 47  GLU A CD  1 
ATOM   338  O  OE1 . GLU A 1 47  ? 3.320   -10.510 17.209  1.00 35.60 ? 47  GLU A OE1 1 
ATOM   339  O  OE2 . GLU A 1 47  ? 4.021   -12.281 18.342  1.00 36.06 ? 47  GLU A OE2 1 
ATOM   340  N  N   . ARG A 1 48  ? 1.329   -10.833 12.517  1.00 22.61 ? 48  ARG A N   1 
ATOM   341  C  CA  . ARG A 1 48  ? 0.450   -11.094 11.381  1.00 21.69 ? 48  ARG A CA  1 
ATOM   342  C  C   . ARG A 1 48  ? -0.737  -10.131 11.338  1.00 21.24 ? 48  ARG A C   1 
ATOM   343  O  O   . ARG A 1 48  ? -1.272  -9.733  12.371  1.00 21.41 ? 48  ARG A O   1 
ATOM   344  C  CB  . ARG A 1 48  ? -0.060  -12.545 11.433  1.00 21.71 ? 48  ARG A CB  1 
ATOM   345  C  CG  . ARG A 1 48  ? -0.693  -13.057 10.146  1.00 21.84 ? 48  ARG A CG  1 
ATOM   346  C  CD  . ARG A 1 48  ? -1.420  -14.370 10.362  1.00 21.46 ? 48  ARG A CD  1 
ATOM   347  N  NE  . ARG A 1 48  ? -2.354  -14.624 9.270   1.00 22.07 ? 48  ARG A NE  1 
ATOM   348  C  CZ  . ARG A 1 48  ? -3.047  -15.748 9.099   1.00 22.46 ? 48  ARG A CZ  1 
ATOM   349  N  NH1 . ARG A 1 48  ? -2.931  -16.758 9.948   1.00 22.49 ? 48  ARG A NH1 1 
ATOM   350  N  NH2 . ARG A 1 48  ? -3.859  -15.867 8.062   1.00 22.64 ? 48  ARG A NH2 1 
ATOM   351  N  N   . VAL A 1 49  ? -1.136  -9.744  10.137  1.00 20.55 ? 49  VAL A N   1 
ATOM   352  C  CA  . VAL A 1 49  ? -2.423  -9.085  9.942   1.00 19.83 ? 49  VAL A CA  1 
ATOM   353  C  C   . VAL A 1 49  ? -3.168  -9.807  8.819   1.00 19.60 ? 49  VAL A C   1 
ATOM   354  O  O   . VAL A 1 49  ? -2.538  -10.394 7.923   1.00 19.37 ? 49  VAL A O   1 
ATOM   355  C  CB  . VAL A 1 49  ? -2.290  -7.562  9.655   1.00 19.85 ? 49  VAL A CB  1 
ATOM   356  C  CG1 . VAL A 1 49  ? -1.748  -6.811  10.889  1.00 19.32 ? 49  VAL A CG1 1 
ATOM   357  C  CG2 . VAL A 1 49  ? -1.427  -7.288  8.414   1.00 19.67 ? 49  VAL A CG2 1 
ATOM   358  N  N   . VAL A 1 50  ? -4.498  -9.817  8.879   1.00 18.94 ? 50  VAL A N   1 
ATOM   359  C  CA  . VAL A 1 50  ? -5.251  -10.280 7.722   1.00 18.75 ? 50  VAL A CA  1 
ATOM   360  C  C   . VAL A 1 50  ? -6.062  -9.118  7.165   1.00 18.73 ? 50  VAL A C   1 
ATOM   361  O  O   . VAL A 1 50  ? -6.597  -8.313  7.927   1.00 18.86 ? 50  VAL A O   1 
ATOM   362  C  CB  . VAL A 1 50  ? -6.082  -11.606 7.953   1.00 18.80 ? 50  VAL A CB  1 
ATOM   363  C  CG1 . VAL A 1 50  ? -5.458  -12.482 9.033   1.00 17.94 ? 50  VAL A CG1 1 
ATOM   364  C  CG2 . VAL A 1 50  ? -7.550  -11.341 8.245   1.00 19.25 ? 50  VAL A CG2 1 
ATOM   365  N  N   . THR A 1 51  ? -6.116  -9.022  5.840   1.00 18.45 ? 51  THR A N   1 
ATOM   366  C  CA  . THR A 1 51  ? -6.828  -7.943  5.174   1.00 18.51 ? 51  THR A CA  1 
ATOM   367  C  C   . THR A 1 51  ? -8.334  -8.202  5.232   1.00 18.83 ? 51  THR A C   1 
ATOM   368  O  O   . THR A 1 51  ? -8.801  -9.238  4.772   1.00 18.82 ? 51  THR A O   1 
ATOM   369  C  CB  . THR A 1 51  ? -6.380  -7.802  3.702   1.00 18.35 ? 51  THR A CB  1 
ATOM   370  O  OG1 . THR A 1 51  ? -4.962  -7.989  3.606   1.00 18.22 ? 51  THR A OG1 1 
ATOM   371  C  CG2 . THR A 1 51  ? -6.744  -6.435  3.157   1.00 17.90 ? 51  THR A CG2 1 
ATOM   372  N  N   . ILE A 1 52  ? -9.091  -7.265  5.802   1.00 19.29 ? 52  ILE A N   1 
ATOM   373  C  CA  . ILE A 1 52  ? -10.544 -7.440  5.913   1.00 19.68 ? 52  ILE A CA  1 
ATOM   374  C  C   . ILE A 1 52  ? -11.362 -6.595  4.934   1.00 19.93 ? 52  ILE A C   1 
ATOM   375  O  O   . ILE A 1 52  ? -12.454 -7.000  4.544   1.00 20.08 ? 52  ILE A O   1 
ATOM   376  C  CB  . ILE A 1 52  ? -11.075 -7.252  7.362   1.00 19.52 ? 52  ILE A CB  1 
ATOM   377  C  CG1 . ILE A 1 52  ? -10.639 -5.904  7.948   1.00 20.19 ? 52  ILE A CG1 1 
ATOM   378  C  CG2 . ILE A 1 52  ? -10.639 -8.412  8.251   1.00 19.58 ? 52  ILE A CG2 1 
ATOM   379  C  CD1 . ILE A 1 52  ? -11.650 -5.321  8.942   1.00 21.18 ? 52  ILE A CD1 1 
ATOM   380  N  N   . SER A 1 53  ? -10.852 -5.430  4.541   1.00 20.36 ? 53  SER A N   1 
ATOM   381  C  CA  . SER A 1 53  ? -11.569 -4.594  3.577   1.00 20.68 ? 53  SER A CA  1 
ATOM   382  C  C   . SER A 1 53  ? -10.712 -3.571  2.826   1.00 20.82 ? 53  SER A C   1 
ATOM   383  O  O   . SER A 1 53  ? -9.574  -3.284  3.205   1.00 20.74 ? 53  SER A O   1 
ATOM   384  C  CB  . SER A 1 53  ? -12.777 -3.908  4.237   1.00 20.72 ? 53  SER A CB  1 
ATOM   385  O  OG  . SER A 1 53  ? -12.376 -2.970  5.210   1.00 20.98 ? 53  SER A OG  1 
ATOM   386  N  N   . MET A 1 54  ? -11.292 -3.044  1.748   1.00 21.14 ? 54  MET A N   1 
ATOM   387  C  CA  . MET A 1 54  ? -10.708 -1.993  0.932   1.00 21.49 ? 54  MET A CA  1 
ATOM   388  C  C   . MET A 1 54  ? -11.781 -1.005  0.519   1.00 21.43 ? 54  MET A C   1 
ATOM   389  O  O   . MET A 1 54  ? -12.813 -1.391  -0.025  1.00 21.69 ? 54  MET A O   1 
ATOM   390  C  CB  . MET A 1 54  ? -10.095 -2.563  -0.340  1.00 21.51 ? 54  MET A CB  1 
ATOM   391  C  CG  . MET A 1 54  ? -8.716  -3.105  -0.196  1.00 21.99 ? 54  MET A CG  1 
ATOM   392  S  SD  . MET A 1 54  ? -7.788  -2.860  -1.724  1.00 22.49 ? 54  MET A SD  1 
ATOM   393  C  CE  . MET A 1 54  ? -6.251  -3.670  -1.259  1.00 21.45 ? 54  MET A CE  1 
ATOM   394  N  N   . ASP A 1 55  ? -11.522 0.270   0.758   1.00 21.47 ? 55  ASP A N   1 
ATOM   395  C  CA  . ASP A 1 55  ? -12.415 1.328   0.341   1.00 21.65 ? 55  ASP A CA  1 
ATOM   396  C  C   . ASP A 1 55  ? -11.661 2.385   -0.432  1.00 20.85 ? 55  ASP A C   1 
ATOM   397  O  O   . ASP A 1 55  ? -10.439 2.425   -0.392  1.00 20.98 ? 55  ASP A O   1 
ATOM   398  C  CB  . ASP A 1 55  ? -13.052 1.966   1.563   1.00 22.52 ? 55  ASP A CB  1 
ATOM   399  C  CG  . ASP A 1 55  ? -14.460 1.497   1.779   1.00 26.01 ? 55  ASP A CG  1 
ATOM   400  O  OD1 . ASP A 1 55  ? -14.632 0.518   2.553   1.00 28.82 ? 55  ASP A OD1 1 
ATOM   401  O  OD2 . ASP A 1 55  ? -15.384 2.091   1.146   1.00 29.79 ? 55  ASP A OD2 1 
ATOM   402  N  N   . LYS A 1 56  ? -12.400 3.236   -1.135  1.00 20.13 ? 56  LYS A N   1 
ATOM   403  C  CA  . LYS A 1 56  ? -11.850 4.455   -1.733  1.00 19.51 ? 56  LYS A CA  1 
ATOM   404  C  C   . LYS A 1 56  ? -10.552 4.230   -2.513  1.00 18.79 ? 56  LYS A C   1 
ATOM   405  O  O   . LYS A 1 56  ? -9.599  5.008   -2.403  1.00 18.38 ? 56  LYS A O   1 
ATOM   406  C  CB  . LYS A 1 56  ? -11.665 5.551   -0.663  1.00 19.63 ? 56  LYS A CB  1 
ATOM   407  C  CG  . LYS A 1 56  ? -12.938 5.903   0.122   1.00 20.81 ? 56  LYS A CG  1 
ATOM   408  C  CD  . LYS A 1 56  ? -14.006 6.500   -0.794  1.00 23.49 ? 56  LYS A CD  1 
ATOM   409  C  CE  . LYS A 1 56  ? -15.404 6.431   -0.185  1.00 25.99 ? 56  LYS A CE  1 
ATOM   410  N  NZ  . LYS A 1 56  ? -16.428 6.687   -1.245  1.00 26.67 ? 56  LYS A NZ  1 
ATOM   411  N  N   . VAL A 1 57  ? -10.508 3.150   -3.286  1.00 18.08 ? 57  VAL A N   1 
ATOM   412  C  CA  . VAL A 1 57  ? -9.398  2.957   -4.202  1.00 17.39 ? 57  VAL A CA  1 
ATOM   413  C  C   . VAL A 1 57  ? -9.698  3.670   -5.506  1.00 17.04 ? 57  VAL A C   1 
ATOM   414  O  O   . VAL A 1 57  ? -10.803 3.570   -6.043  1.00 17.16 ? 57  VAL A O   1 
ATOM   415  C  CB  . VAL A 1 57  ? -8.954  1.462   -4.361  1.00 17.49 ? 57  VAL A CB  1 
ATOM   416  C  CG1 . VAL A 1 57  ? -9.844  0.517   -3.568  1.00 17.01 ? 57  VAL A CG1 1 
ATOM   417  C  CG2 . VAL A 1 57  ? -8.775  1.050   -5.838  1.00 17.31 ? 57  VAL A CG2 1 
ATOM   418  N  N   . VAL A 1 58  ? -8.724  4.436   -5.980  1.00 16.42 ? 58  VAL A N   1 
ATOM   419  C  CA  . VAL A 1 58  ? -8.908  5.265   -7.155  1.00 15.87 ? 58  VAL A CA  1 
ATOM   420  C  C   . VAL A 1 58  ? -7.737  5.031   -8.085  1.00 16.13 ? 58  VAL A C   1 
ATOM   421  O  O   . VAL A 1 58  ? -6.575  5.206   -7.702  1.00 16.23 ? 58  VAL A O   1 
ATOM   422  C  CB  . VAL A 1 58  ? -9.017  6.793   -6.795  1.00 16.00 ? 58  VAL A CB  1 
ATOM   423  C  CG1 . VAL A 1 58  ? -9.239  7.649   -8.064  1.00 14.75 ? 58  VAL A CG1 1 
ATOM   424  C  CG2 . VAL A 1 58  ? -10.121 7.052   -5.746  1.00 13.97 ? 58  VAL A CG2 1 
ATOM   425  N  N   . PHE A 1 59  ? -8.043  4.611   -9.303  1.00 16.33 ? 59  PHE A N   1 
ATOM   426  C  CA  . PHE A 1 59  ? -7.027  4.475   -10.338 1.00 16.52 ? 59  PHE A CA  1 
ATOM   427  C  C   . PHE A 1 59  ? -6.940  5.808   -11.062 1.00 16.69 ? 59  PHE A C   1 
ATOM   428  O  O   . PHE A 1 59  ? -7.611  6.041   -12.071 1.00 16.90 ? 59  PHE A O   1 
ATOM   429  C  CB  . PHE A 1 59  ? -7.368  3.317   -11.281 1.00 16.19 ? 59  PHE A CB  1 
ATOM   430  C  CG  . PHE A 1 59  ? -7.410  1.985   -10.593 1.00 16.03 ? 59  PHE A CG  1 
ATOM   431  C  CD1 . PHE A 1 59  ? -6.229  1.292   -10.312 1.00 15.55 ? 59  PHE A CD1 1 
ATOM   432  C  CD2 . PHE A 1 59  ? -8.627  1.430   -10.202 1.00 16.17 ? 59  PHE A CD2 1 
ATOM   433  C  CE1 . PHE A 1 59  ? -6.254  0.065   -9.660  1.00 15.82 ? 59  PHE A CE1 1 
ATOM   434  C  CE2 . PHE A 1 59  ? -8.670  0.199   -9.545  1.00 16.02 ? 59  PHE A CE2 1 
ATOM   435  C  CZ  . PHE A 1 59  ? -7.480  -0.488  -9.274  1.00 16.07 ? 59  PHE A CZ  1 
ATOM   436  N  N   . LYS A 1 60  ? -6.125  6.692   -10.501 1.00 16.88 ? 60  LYS A N   1 
ATOM   437  C  CA  . LYS A 1 60  ? -6.007  8.066   -10.975 1.00 17.21 ? 60  LYS A CA  1 
ATOM   438  C  C   . LYS A 1 60  ? -5.343  8.146   -12.341 1.00 17.47 ? 60  LYS A C   1 
ATOM   439  O  O   . LYS A 1 60  ? -5.702  8.982   -13.162 1.00 17.73 ? 60  LYS A O   1 
ATOM   440  C  CB  . LYS A 1 60  ? -5.198  8.894   -9.977  1.00 17.05 ? 60  LYS A CB  1 
ATOM   441  C  CG  . LYS A 1 60  ? -5.687  8.782   -8.562  1.00 17.41 ? 60  LYS A CG  1 
ATOM   442  C  CD  . LYS A 1 60  ? -4.772  9.523   -7.622  1.00 18.99 ? 60  LYS A CD  1 
ATOM   443  C  CE  . LYS A 1 60  ? -5.246  9.339   -6.200  1.00 19.78 ? 60  LYS A CE  1 
ATOM   444  N  NZ  . LYS A 1 60  ? -4.478  10.173  -5.248  1.00 20.98 ? 60  LYS A NZ  1 
ATOM   445  N  N   . GLU A 1 61  ? -4.379  7.270   -12.589 1.00 17.64 ? 61  GLU A N   1 
ATOM   446  C  CA  . GLU A 1 61  ? -3.549  7.392   -13.771 1.00 17.93 ? 61  GLU A CA  1 
ATOM   447  C  C   . GLU A 1 61  ? -3.061  6.006   -14.191 1.00 17.14 ? 61  GLU A C   1 
ATOM   448  O  O   . GLU A 1 61  ? -2.852  5.159   -13.331 1.00 16.87 ? 61  GLU A O   1 
ATOM   449  C  CB  . GLU A 1 61  ? -2.372  8.311   -13.436 1.00 18.41 ? 61  GLU A CB  1 
ATOM   450  C  CG  . GLU A 1 61  ? -1.931  9.259   -14.544 1.00 21.26 ? 61  GLU A CG  1 
ATOM   451  C  CD  . GLU A 1 61  ? -3.004  10.245  -14.956 1.00 25.10 ? 61  GLU A CD  1 
ATOM   452  O  OE1 . GLU A 1 61  ? -3.654  10.847  -14.062 1.00 25.01 ? 61  GLU A OE1 1 
ATOM   453  O  OE2 . GLU A 1 61  ? -3.180  10.421  -16.187 1.00 27.23 ? 61  GLU A OE2 1 
ATOM   454  N  N   . PRO A 1 62  ? -2.884  5.771   -15.513 1.00 16.94 ? 62  PRO A N   1 
ATOM   455  C  CA  . PRO A 1 62  ? -2.313  4.505   -16.006 1.00 16.57 ? 62  PRO A CA  1 
ATOM   456  C  C   . PRO A 1 62  ? -0.885  4.277   -15.509 1.00 16.57 ? 62  PRO A C   1 
ATOM   457  O  O   . PRO A 1 62  ? -0.123  5.236   -15.293 1.00 16.60 ? 62  PRO A O   1 
ATOM   458  C  CB  . PRO A 1 62  ? -2.274  4.690   -17.523 1.00 16.68 ? 62  PRO A CB  1 
ATOM   459  C  CG  . PRO A 1 62  ? -3.176  5.839   -17.822 1.00 16.54 ? 62  PRO A CG  1 
ATOM   460  C  CD  . PRO A 1 62  ? -3.195  6.704   -16.614 1.00 16.74 ? 62  PRO A CD  1 
ATOM   461  N  N   . VAL A 1 63  ? -0.536  3.010   -15.326 1.00 16.41 ? 63  VAL A N   1 
ATOM   462  C  CA  . VAL A 1 63  ? 0.834   2.618   -15.000 1.00 16.08 ? 63  VAL A CA  1 
ATOM   463  C  C   . VAL A 1 63  ? 1.417   1.917   -16.236 1.00 15.90 ? 63  VAL A C   1 
ATOM   464  O  O   . VAL A 1 63  ? 0.718   1.130   -16.891 1.00 15.68 ? 63  VAL A O   1 
ATOM   465  C  CB  . VAL A 1 63  ? 0.876   1.703   -13.746 1.00 16.20 ? 63  VAL A CB  1 
ATOM   466  C  CG1 . VAL A 1 63  ? 2.296   1.312   -13.387 1.00 15.19 ? 63  VAL A CG1 1 
ATOM   467  C  CG2 . VAL A 1 63  ? 0.223   2.399   -12.568 1.00 16.18 ? 63  VAL A CG2 1 
ATOM   468  N  N   . PHE A 1 64  ? 2.673   2.228   -16.563 1.00 15.51 ? 64  PHE A N   1 
ATOM   469  C  CA  . PHE A 1 64  ? 3.338   1.649   -17.735 1.00 15.49 ? 64  PHE A CA  1 
ATOM   470  C  C   . PHE A 1 64  ? 4.473   0.703   -17.373 1.00 15.57 ? 64  PHE A C   1 
ATOM   471  O  O   . PHE A 1 64  ? 5.028   0.762   -16.262 1.00 15.51 ? 64  PHE A O   1 
ATOM   472  C  CB  . PHE A 1 64  ? 3.886   2.744   -18.663 1.00 15.36 ? 64  PHE A CB  1 
ATOM   473  C  CG  . PHE A 1 64  ? 2.853   3.745   -19.109 1.00 15.75 ? 64  PHE A CG  1 
ATOM   474  C  CD1 . PHE A 1 64  ? 3.178   5.094   -19.194 1.00 16.00 ? 64  PHE A CD1 1 
ATOM   475  C  CD2 . PHE A 1 64  ? 1.556   3.340   -19.443 1.00 16.19 ? 64  PHE A CD2 1 
ATOM   476  C  CE1 . PHE A 1 64  ? 2.229   6.033   -19.595 1.00 17.07 ? 64  PHE A CE1 1 
ATOM   477  C  CE2 . PHE A 1 64  ? 0.598   4.264   -19.849 1.00 16.67 ? 64  PHE A CE2 1 
ATOM   478  C  CZ  . PHE A 1 64  ? 0.931   5.614   -19.924 1.00 16.83 ? 64  PHE A CZ  1 
ATOM   479  N  N   . ILE A 1 65  ? 4.814   -0.165  -18.328 1.00 15.44 ? 65  ILE A N   1 
ATOM   480  C  CA  . ILE A 1 65  ? 6.022   -0.981  -18.256 1.00 15.05 ? 65  ILE A CA  1 
ATOM   481  C  C   . ILE A 1 65  ? 7.217   -0.081  -17.967 1.00 15.13 ? 65  ILE A C   1 
ATOM   482  O  O   . ILE A 1 65  ? 7.385   0.980   -18.587 1.00 14.77 ? 65  ILE A O   1 
ATOM   483  C  CB  . ILE A 1 65  ? 6.252   -1.758  -19.581 1.00 15.05 ? 65  ILE A CB  1 
ATOM   484  C  CG1 . ILE A 1 65  ? 5.154   -2.818  -19.779 1.00 15.33 ? 65  ILE A CG1 1 
ATOM   485  C  CG2 . ILE A 1 65  ? 7.641   -2.390  -19.615 1.00 14.22 ? 65  ILE A CG2 1 
ATOM   486  C  CD1 . ILE A 1 65  ? 5.065   -3.405  -21.183 1.00 14.92 ? 65  ILE A CD1 1 
ATOM   487  N  N   . GLY A 1 66  ? 8.039   -0.494  -17.009 1.00 15.30 ? 66  GLY A N   1 
ATOM   488  C  CA  . GLY A 1 66  ? 9.261   0.242   -16.702 1.00 15.53 ? 66  GLY A CA  1 
ATOM   489  C  C   . GLY A 1 66  ? 9.164   1.185   -15.524 1.00 15.76 ? 66  GLY A C   1 
ATOM   490  O  O   . GLY A 1 66  ? 10.192  1.508   -14.922 1.00 15.69 ? 66  GLY A O   1 
ATOM   491  N  N   . ASP A 1 67  ? 7.942   1.626   -15.196 1.00 16.21 ? 67  ASP A N   1 
ATOM   492  C  CA  . ASP A 1 67  ? 7.693   2.476   -14.014 1.00 16.70 ? 67  ASP A CA  1 
ATOM   493  C  C   . ASP A 1 67  ? 8.271   1.850   -12.761 1.00 16.80 ? 67  ASP A C   1 
ATOM   494  O  O   . ASP A 1 67  ? 8.168   0.637   -12.557 1.00 16.84 ? 67  ASP A O   1 
ATOM   495  C  CB  . ASP A 1 67  ? 6.195   2.686   -13.760 1.00 16.62 ? 67  ASP A CB  1 
ATOM   496  C  CG  . ASP A 1 67  ? 5.521   3.548   -14.806 1.00 17.40 ? 67  ASP A CG  1 
ATOM   497  O  OD1 . ASP A 1 67  ? 4.270   3.563   -14.806 1.00 17.38 ? 67  ASP A OD1 1 
ATOM   498  O  OD2 . ASP A 1 67  ? 6.213   4.204   -15.620 1.00 18.00 ? 67  ASP A OD2 1 
ATOM   499  N  N   . ILE A 1 68  ? 8.892   2.687   -11.934 1.00 17.09 ? 68  ILE A N   1 
ATOM   500  C  CA  . ILE A 1 68  ? 9.273   2.303   -10.585 1.00 17.19 ? 68  ILE A CA  1 
ATOM   501  C  C   . ILE A 1 68  ? 8.089   2.706   -9.722  1.00 17.54 ? 68  ILE A C   1 
ATOM   502  O  O   . ILE A 1 68  ? 7.772   3.895   -9.609  1.00 17.96 ? 68  ILE A O   1 
ATOM   503  C  CB  . ILE A 1 68  ? 10.567  3.030   -10.112 1.00 17.26 ? 68  ILE A CB  1 
ATOM   504  C  CG1 . ILE A 1 68  ? 11.621  3.116   -11.237 1.00 16.68 ? 68  ILE A CG1 1 
ATOM   505  C  CG2 . ILE A 1 68  ? 11.132  2.377   -8.837  1.00 16.75 ? 68  ILE A CG2 1 
ATOM   506  C  CD1 . ILE A 1 68  ? 12.092  1.781   -11.816 1.00 15.39 ? 68  ILE A CD1 1 
ATOM   507  N  N   . ILE A 1 69  ? 7.400   1.718   -9.157  1.00 17.69 ? 69  ILE A N   1 
ATOM   508  C  CA  . ILE A 1 69  ? 6.228   1.982   -8.332  1.00 17.62 ? 69  ILE A CA  1 
ATOM   509  C  C   . ILE A 1 69  ? 6.609   2.009   -6.864  1.00 17.76 ? 69  ILE A C   1 
ATOM   510  O  O   . ILE A 1 69  ? 7.216   1.074   -6.350  1.00 17.42 ? 69  ILE A O   1 
ATOM   511  C  CB  . ILE A 1 69  ? 5.068   0.983   -8.611  1.00 17.71 ? 69  ILE A CB  1 
ATOM   512  C  CG1 . ILE A 1 69  ? 4.292   1.405   -9.860  1.00 18.17 ? 69  ILE A CG1 1 
ATOM   513  C  CG2 . ILE A 1 69  ? 4.076   0.938   -7.462  1.00 17.28 ? 69  ILE A CG2 1 
ATOM   514  C  CD1 . ILE A 1 69  ? 4.956   0.971   -11.128 1.00 20.01 ? 69  ILE A CD1 1 
ATOM   515  N  N   . SER A 1 70  ? 6.261   3.112   -6.210  1.00 18.27 ? 70  SER A N   1 
ATOM   516  C  CA  . SER A 1 70  ? 6.491   3.285   -4.789  1.00 18.71 ? 70  SER A CA  1 
ATOM   517  C  C   . SER A 1 70  ? 5.142   3.343   -4.097  1.00 18.92 ? 70  SER A C   1 
ATOM   518  O  O   . SER A 1 70  ? 4.245   4.062   -4.532  1.00 18.84 ? 70  SER A O   1 
ATOM   519  C  CB  . SER A 1 70  ? 7.289   4.558   -4.526  1.00 18.81 ? 70  SER A CB  1 
ATOM   520  O  OG  . SER A 1 70  ? 8.616   4.427   -5.019  1.00 20.07 ? 70  SER A OG  1 
ATOM   521  N  N   . CYS A 1 71  ? 5.004   2.558   -3.033  1.00 19.23 ? 71  CYS A N   1 
ATOM   522  C  CA  . CYS A 1 71  ? 3.786   2.515   -2.247  1.00 19.43 ? 71  CYS A CA  1 
ATOM   523  C  C   . CYS A 1 71  ? 4.055   3.091   -0.879  1.00 19.86 ? 71  CYS A C   1 
ATOM   524  O  O   . CYS A 1 71  ? 4.832   2.531   -0.094  1.00 19.64 ? 71  CYS A O   1 
ATOM   525  C  CB  . CYS A 1 71  ? 3.279   1.081   -2.092  1.00 19.68 ? 71  CYS A CB  1 
ATOM   526  S  SG  . CYS A 1 71  ? 2.963   0.218   -3.628  1.00 17.66 ? 71  CYS A SG  1 
ATOM   527  N  N   . TYR A 1 72  ? 3.391   4.207   -0.608  1.00 20.51 ? 72  TYR A N   1 
ATOM   528  C  CA  . TYR A 1 72  ? 3.472   4.893   0.662   1.00 21.50 ? 72  TYR A CA  1 
ATOM   529  C  C   . TYR A 1 72  ? 2.244   4.572   1.490   1.00 22.34 ? 72  TYR A C   1 
ATOM   530  O  O   . TYR A 1 72  ? 1.164   4.339   0.949   1.00 22.63 ? 72  TYR A O   1 
ATOM   531  C  CB  . TYR A 1 72  ? 3.546   6.395   0.430   1.00 21.33 ? 72  TYR A CB  1 
ATOM   532  C  CG  . TYR A 1 72  ? 4.748   6.829   -0.367  1.00 21.67 ? 72  TYR A CG  1 
ATOM   533  C  CD1 . TYR A 1 72  ? 4.719   6.839   -1.766  1.00 20.46 ? 72  TYR A CD1 1 
ATOM   534  C  CD2 . TYR A 1 72  ? 5.926   7.235   0.279   1.00 21.79 ? 72  TYR A CD2 1 
ATOM   535  C  CE1 . TYR A 1 72  ? 5.831   7.245   -2.504  1.00 21.35 ? 72  TYR A CE1 1 
ATOM   536  C  CE2 . TYR A 1 72  ? 7.045   7.649   -0.451  1.00 21.38 ? 72  TYR A CE2 1 
ATOM   537  C  CZ  . TYR A 1 72  ? 6.988   7.647   -1.839  1.00 21.53 ? 72  TYR A CZ  1 
ATOM   538  O  OH  . TYR A 1 72  ? 8.085   8.053   -2.561  1.00 22.03 ? 72  TYR A OH  1 
ATOM   539  N  N   . SER A 1 73  ? 2.414   4.585   2.805   1.00 23.39 ? 73  SER A N   1 
ATOM   540  C  CA  . SER A 1 73  ? 1.345   4.226   3.720   1.00 24.47 ? 73  SER A CA  1 
ATOM   541  C  C   . SER A 1 73  ? 1.235   5.178   4.891   1.00 25.16 ? 73  SER A C   1 
ATOM   542  O  O   . SER A 1 73  ? 2.245   5.649   5.424   1.00 25.84 ? 73  SER A O   1 
ATOM   543  C  CB  . SER A 1 73  ? 1.569   2.822   4.242   1.00 24.51 ? 73  SER A CB  1 
ATOM   544  O  OG  . SER A 1 73  ? 1.635   1.920   3.154   1.00 25.49 ? 73  SER A OG  1 
ATOM   545  N  N   . LYS A 1 74  ? -0.004  5.475   5.273   1.00 25.46 ? 74  LYS A N   1 
ATOM   546  C  CA  . LYS A 1 74  ? -0.266  6.148   6.530   1.00 25.79 ? 74  LYS A CA  1 
ATOM   547  C  C   . LYS A 1 74  ? -1.378  5.437   7.299   1.00 25.56 ? 74  LYS A C   1 
ATOM   548  O  O   . LYS A 1 74  ? -2.511  5.323   6.821   1.00 25.51 ? 74  LYS A O   1 
ATOM   549  C  CB  . LYS A 1 74  ? -0.597  7.630   6.316   1.00 26.15 ? 74  LYS A CB  1 
ATOM   550  C  CG  . LYS A 1 74  ? -0.712  8.405   7.629   1.00 27.46 ? 74  LYS A CG  1 
ATOM   551  C  CD  . LYS A 1 74  ? -0.729  9.908   7.425   1.00 30.17 ? 74  LYS A CD  1 
ATOM   552  C  CE  . LYS A 1 74  ? -1.206  10.620  8.693   1.00 31.72 ? 74  LYS A CE  1 
ATOM   553  N  NZ  . LYS A 1 74  ? -0.243  10.505  9.837   1.00 32.62 ? 74  LYS A NZ  1 
ATOM   554  N  N   . VAL A 1 75  ? -1.043  4.953   8.490   1.00 25.39 ? 75  VAL A N   1 
ATOM   555  C  CA  . VAL A 1 75  ? -2.049  4.411   9.385   1.00 25.23 ? 75  VAL A CA  1 
ATOM   556  C  C   . VAL A 1 75  ? -2.950  5.561   9.784   1.00 25.13 ? 75  VAL A C   1 
ATOM   557  O  O   . VAL A 1 75  ? -2.514  6.544   10.371  1.00 25.31 ? 75  VAL A O   1 
ATOM   558  C  CB  . VAL A 1 75  ? -1.442  3.737   10.618  1.00 25.24 ? 75  VAL A CB  1 
ATOM   559  C  CG1 . VAL A 1 75  ? -2.545  3.210   11.535  1.00 24.91 ? 75  VAL A CG1 1 
ATOM   560  C  CG2 . VAL A 1 75  ? -0.517  2.608   10.192  1.00 25.60 ? 75  VAL A CG2 1 
ATOM   561  N  N   . VAL A 1 76  ? -4.210  5.419   9.423   1.00 25.23 ? 76  VAL A N   1 
ATOM   562  C  CA  . VAL A 1 76  ? -5.202  6.467   9.522   1.00 25.30 ? 76  VAL A CA  1 
ATOM   563  C  C   . VAL A 1 76  ? -6.050  6.255   10.780  1.00 25.53 ? 76  VAL A C   1 
ATOM   564  O  O   . VAL A 1 76  ? -6.477  7.217   11.420  1.00 25.61 ? 76  VAL A O   1 
ATOM   565  C  CB  . VAL A 1 76  ? -6.070  6.467   8.218   1.00 25.09 ? 76  VAL A CB  1 
ATOM   566  C  CG1 . VAL A 1 76  ? -7.494  6.993   8.451   1.00 25.50 ? 76  VAL A CG1 1 
ATOM   567  C  CG2 . VAL A 1 76  ? -5.363  7.237   7.115   1.00 24.77 ? 76  VAL A CG2 1 
ATOM   568  N  N   . ASN A 1 77  ? -6.280  4.992   11.130  1.00 25.72 ? 77  ASN A N   1 
ATOM   569  C  CA  . ASN A 1 77  ? -7.128  4.649   12.260  1.00 26.00 ? 77  ASN A CA  1 
ATOM   570  C  C   . ASN A 1 77  ? -6.766  3.326   12.913  1.00 25.68 ? 77  ASN A C   1 
ATOM   571  O  O   . ASN A 1 77  ? -6.372  2.377   12.244  1.00 25.50 ? 77  ASN A O   1 
ATOM   572  C  CB  . ASN A 1 77  ? -8.585  4.615   11.824  1.00 26.39 ? 77  ASN A CB  1 
ATOM   573  C  CG  . ASN A 1 77  ? -9.503  5.194   12.865  1.00 28.27 ? 77  ASN A CG  1 
ATOM   574  O  OD1 . ASN A 1 77  ? -9.867  6.372   12.794  1.00 31.19 ? 77  ASN A OD1 1 
ATOM   575  N  ND2 . ASN A 1 77  ? -9.862  4.388   13.862  1.00 29.81 ? 77  ASN A ND2 1 
ATOM   576  N  N   . VAL A 1 78  ? -6.905  3.276   14.231  1.00 25.60 ? 78  VAL A N   1 
ATOM   577  C  CA  . VAL A 1 78  ? -6.660  2.059   14.989  1.00 25.54 ? 78  VAL A CA  1 
ATOM   578  C  C   . VAL A 1 78  ? -7.825  1.840   15.939  1.00 25.57 ? 78  VAL A C   1 
ATOM   579  O  O   . VAL A 1 78  ? -8.219  2.745   16.673  1.00 25.64 ? 78  VAL A O   1 
ATOM   580  C  CB  . VAL A 1 78  ? -5.332  2.128   15.788  1.00 25.57 ? 78  VAL A CB  1 
ATOM   581  C  CG1 . VAL A 1 78  ? -5.110  0.850   16.571  1.00 25.14 ? 78  VAL A CG1 1 
ATOM   582  C  CG2 . VAL A 1 78  ? -4.150  2.376   14.859  1.00 25.74 ? 78  VAL A CG2 1 
ATOM   583  N  N   . GLY A 1 79  ? -8.386  0.638   15.899  1.00 25.64 ? 79  GLY A N   1 
ATOM   584  C  CA  . GLY A 1 79  ? -9.479  0.259   16.778  1.00 25.39 ? 79  GLY A CA  1 
ATOM   585  C  C   . GLY A 1 79  ? -8.938  -0.646  17.860  1.00 25.30 ? 79  GLY A C   1 
ATOM   586  O  O   . GLY A 1 79  ? -7.799  -0.494  18.282  1.00 25.50 ? 79  GLY A O   1 
ATOM   587  N  N   . ASN A 1 80  ? -9.759  -1.588  18.306  1.00 25.30 ? 80  ASN A N   1 
ATOM   588  C  CA  . ASN A 1 80  ? -9.352  -2.567  19.301  1.00 25.34 ? 80  ASN A CA  1 
ATOM   589  C  C   . ASN A 1 80  ? -8.500  -3.669  18.647  1.00 24.97 ? 80  ASN A C   1 
ATOM   590  O  O   . ASN A 1 80  ? -7.461  -4.062  19.194  1.00 24.87 ? 80  ASN A O   1 
ATOM   591  C  CB  . ASN A 1 80  ? -10.599 -3.098  20.037  1.00 25.64 ? 80  ASN A CB  1 
ATOM   592  C  CG  . ASN A 1 80  ? -10.437 -4.525  20.547  1.00 27.45 ? 80  ASN A CG  1 
ATOM   593  O  OD1 . ASN A 1 80  ? -9.753  -4.776  21.545  1.00 29.00 ? 80  ASN A OD1 1 
ATOM   594  N  ND2 . ASN A 1 80  ? -11.091 -5.470  19.867  1.00 29.29 ? 80  ASN A ND2 1 
ATOM   595  N  N   . THR A 1 81  ? -8.933  -4.136  17.469  1.00 24.43 ? 81  THR A N   1 
ATOM   596  C  CA  . THR A 1 81  ? -8.171  -5.106  16.664  1.00 24.00 ? 81  THR A CA  1 
ATOM   597  C  C   . THR A 1 81  ? -7.927  -4.663  15.207  1.00 23.86 ? 81  THR A C   1 
ATOM   598  O  O   . THR A 1 81  ? -7.100  -5.261  14.506  1.00 24.03 ? 81  THR A O   1 
ATOM   599  C  CB  . THR A 1 81  ? -8.847  -6.503  16.622  1.00 23.81 ? 81  THR A CB  1 
ATOM   600  O  OG1 . THR A 1 81  ? -10.187 -6.369  16.139  1.00 24.20 ? 81  THR A OG1 1 
ATOM   601  C  CG2 . THR A 1 81  ? -8.865  -7.157  17.995  1.00 23.85 ? 81  THR A CG2 1 
ATOM   602  N  N   . SER A 1 82  ? -8.640  -3.633  14.746  1.00 23.13 ? 82  SER A N   1 
ATOM   603  C  CA  . SER A 1 82  ? -8.588  -3.257  13.334  1.00 22.58 ? 82  SER A CA  1 
ATOM   604  C  C   . SER A 1 82  ? -7.607  -2.115  13.077  1.00 22.03 ? 82  SER A C   1 
ATOM   605  O  O   . SER A 1 82  ? -7.359  -1.308  13.967  1.00 22.11 ? 82  SER A O   1 
ATOM   606  C  CB  . SER A 1 82  ? -9.980  -2.895  12.816  1.00 22.60 ? 82  SER A CB  1 
ATOM   607  O  OG  . SER A 1 82  ? -10.380 -1.616  13.289  1.00 23.39 ? 82  SER A OG  1 
ATOM   608  N  N   . ILE A 1 83  ? -7.065  -2.059  11.857  1.00 21.13 ? 83  ILE A N   1 
ATOM   609  C  CA  . ILE A 1 83  ? -6.084  -1.046  11.459  1.00 20.29 ? 83  ILE A CA  1 
ATOM   610  C  C   . ILE A 1 83  ? -6.350  -0.513  10.043  1.00 20.02 ? 83  ILE A C   1 
ATOM   611  O  O   . ILE A 1 83  ? -6.288  -1.265  9.066   1.00 19.89 ? 83  ILE A O   1 
ATOM   612  C  CB  . ILE A 1 83  ? -4.627  -1.601  11.515  1.00 20.46 ? 83  ILE A CB  1 
ATOM   613  C  CG1 . ILE A 1 83  ? -4.353  -2.323  12.840  1.00 19.94 ? 83  ILE A CG1 1 
ATOM   614  C  CG2 . ILE A 1 83  ? -3.610  -0.485  11.261  1.00 19.63 ? 83  ILE A CG2 1 
ATOM   615  C  CD1 . ILE A 1 83  ? -3.176  -3.290  12.802  1.00 19.77 ? 83  ILE A CD1 1 
ATOM   616  N  N   . SER A 1 84  ? -6.619  0.788   9.934   1.00 19.43 ? 84  SER A N   1 
ATOM   617  C  CA  . SER A 1 84  ? -6.860  1.422   8.640   1.00 19.23 ? 84  SER A CA  1 
ATOM   618  C  C   . SER A 1 84  ? -5.633  2.123   8.088   1.00 18.90 ? 84  SER A C   1 
ATOM   619  O  O   . SER A 1 84  ? -4.921  2.833   8.809   1.00 18.65 ? 84  SER A O   1 
ATOM   620  C  CB  . SER A 1 84  ? -8.013  2.405   8.725   1.00 19.22 ? 84  SER A CB  1 
ATOM   621  O  OG  . SER A 1 84  ? -9.181  1.728   9.146   1.00 21.41 ? 84  SER A OG  1 
ATOM   622  N  N   . VAL A 1 85  ? -5.397  1.927   6.796   1.00 18.40 ? 85  VAL A N   1 
ATOM   623  C  CA  . VAL A 1 85  ? -4.190  2.423   6.166   1.00 18.05 ? 85  VAL A CA  1 
ATOM   624  C  C   . VAL A 1 85  ? -4.537  3.096   4.855   1.00 18.01 ? 85  VAL A C   1 
ATOM   625  O  O   . VAL A 1 85  ? -5.210  2.508   4.008   1.00 18.46 ? 85  VAL A O   1 
ATOM   626  C  CB  . VAL A 1 85  ? -3.163  1.281   5.924   1.00 17.80 ? 85  VAL A CB  1 
ATOM   627  C  CG1 . VAL A 1 85  ? -1.894  1.817   5.280   1.00 17.80 ? 85  VAL A CG1 1 
ATOM   628  C  CG2 . VAL A 1 85  ? -2.819  0.566   7.232   1.00 17.54 ? 85  VAL A CG2 1 
ATOM   629  N  N   . GLU A 1 86  ? -4.096  4.339   4.699   1.00 17.60 ? 86  GLU A N   1 
ATOM   630  C  CA  . GLU A 1 86  ? -4.154  4.984   3.402   1.00 17.59 ? 86  GLU A CA  1 
ATOM   631  C  C   . GLU A 1 86  ? -2.888  4.624   2.634   1.00 17.21 ? 86  GLU A C   1 
ATOM   632  O  O   . GLU A 1 86  ? -1.772  4.811   3.132   1.00 17.08 ? 86  GLU A O   1 
ATOM   633  C  CB  . GLU A 1 86  ? -4.306  6.506   3.525   1.00 17.66 ? 86  GLU A CB  1 
ATOM   634  C  CG  . GLU A 1 86  ? -4.475  7.229   2.174   1.00 18.33 ? 86  GLU A CG  1 
ATOM   635  C  CD  . GLU A 1 86  ? -5.827  6.981   1.507   1.00 20.20 ? 86  GLU A CD  1 
ATOM   636  O  OE1 . GLU A 1 86  ? -6.870  7.017   2.202   1.00 20.89 ? 86  GLU A OE1 1 
ATOM   637  O  OE2 . GLU A 1 86  ? -5.853  6.764   0.272   1.00 20.20 ? 86  GLU A OE2 1 
ATOM   638  N  N   . VAL A 1 87  ? -3.068  4.100   1.426   1.00 16.74 ? 87  VAL A N   1 
ATOM   639  C  CA  . VAL A 1 87  ? -1.943  3.742   0.578   1.00 16.54 ? 87  VAL A CA  1 
ATOM   640  C  C   . VAL A 1 87  ? -1.952  4.623   -0.655  1.00 16.52 ? 87  VAL A C   1 
ATOM   641  O  O   . VAL A 1 87  ? -2.968  4.744   -1.332  1.00 16.38 ? 87  VAL A O   1 
ATOM   642  C  CB  . VAL A 1 87  ? -1.964  2.245   0.180   1.00 16.66 ? 87  VAL A CB  1 
ATOM   643  C  CG1 . VAL A 1 87  ? -0.780  1.910   -0.722  1.00 16.54 ? 87  VAL A CG1 1 
ATOM   644  C  CG2 . VAL A 1 87  ? -1.961  1.351   1.433   1.00 16.69 ? 87  VAL A CG2 1 
ATOM   645  N  N   . GLU A 1 88  ? -0.811  5.243   -0.928  1.00 16.69 ? 88  GLU A N   1 
ATOM   646  C  CA  . GLU A 1 88  ? -0.653  6.079   -2.101  1.00 16.77 ? 88  GLU A CA  1 
ATOM   647  C  C   . GLU A 1 88  ? 0.437   5.493   -2.962  1.00 16.61 ? 88  GLU A C   1 
ATOM   648  O  O   . GLU A 1 88  ? 1.529   5.191   -2.478  1.00 16.53 ? 88  GLU A O   1 
ATOM   649  C  CB  . GLU A 1 88  ? -0.280  7.508   -1.704  1.00 16.97 ? 88  GLU A CB  1 
ATOM   650  C  CG  . GLU A 1 88  ? -1.366  8.246   -0.942  1.00 18.80 ? 88  GLU A CG  1 
ATOM   651  C  CD  . GLU A 1 88  ? -2.539  8.655   -1.818  1.00 21.43 ? 88  GLU A CD  1 
ATOM   652  O  OE1 . GLU A 1 88  ? -2.374  8.724   -3.057  1.00 21.94 ? 88  GLU A OE1 1 
ATOM   653  O  OE2 . GLU A 1 88  ? -3.633  8.909   -1.260  1.00 23.60 ? 88  GLU A OE2 1 
ATOM   654  N  N   . VAL A 1 89  ? 0.140   5.335   -4.244  1.00 16.45 ? 89  VAL A N   1 
ATOM   655  C  CA  . VAL A 1 89  ? 1.102   4.774   -5.172  1.00 16.26 ? 89  VAL A CA  1 
ATOM   656  C  C   . VAL A 1 89  ? 1.586   5.861   -6.131  1.00 16.87 ? 89  VAL A C   1 
ATOM   657  O  O   . VAL A 1 89  ? 0.776   6.602   -6.698  1.00 16.72 ? 89  VAL A O   1 
ATOM   658  C  CB  . VAL A 1 89  ? 0.500   3.571   -5.942  1.00 16.13 ? 89  VAL A CB  1 
ATOM   659  C  CG1 . VAL A 1 89  ? 1.568   2.845   -6.722  1.00 15.66 ? 89  VAL A CG1 1 
ATOM   660  C  CG2 . VAL A 1 89  ? -0.190  2.611   -4.982  1.00 15.15 ? 89  VAL A CG2 1 
ATOM   661  N  N   . THR A 1 90  ? 2.909   5.960   -6.293  1.00 17.40 ? 90  THR A N   1 
ATOM   662  C  CA  . THR A 1 90  ? 3.526   6.874   -7.254  1.00 18.17 ? 90  THR A CA  1 
ATOM   663  C  C   . THR A 1 90  ? 4.321   6.090   -8.308  1.00 18.58 ? 90  THR A C   1 
ATOM   664  O  O   . THR A 1 90  ? 4.982   5.104   -7.983  1.00 18.49 ? 90  THR A O   1 
ATOM   665  C  CB  . THR A 1 90  ? 4.477   7.883   -6.562  1.00 18.21 ? 90  THR A CB  1 
ATOM   666  O  OG1 . THR A 1 90  ? 5.651   7.203   -6.100  1.00 19.07 ? 90  THR A OG1 1 
ATOM   667  C  CG2 . THR A 1 90  ? 3.799   8.566   -5.372  1.00 18.43 ? 90  THR A CG2 1 
ATOM   668  N  N   . ALA A 1 91  ? 4.251   6.522   -9.565  1.00 19.31 ? 91  ALA A N   1 
ATOM   669  C  CA  . ALA A 1 91  ? 5.075   5.939   -10.620 1.00 20.37 ? 91  ALA A CA  1 
ATOM   670  C  C   . ALA A 1 91  ? 6.190   6.899   -11.017 1.00 21.55 ? 91  ALA A C   1 
ATOM   671  O  O   . ALA A 1 91  ? 5.947   8.075   -11.295 1.00 21.59 ? 91  ALA A O   1 
ATOM   672  C  CB  . ALA A 1 91  ? 4.239   5.561   -11.823 1.00 19.81 ? 91  ALA A CB  1 
ATOM   673  N  N   . GLN A 1 92  ? 7.419   6.395   -11.012 1.00 22.93 ? 92  GLN A N   1 
ATOM   674  C  CA  . GLN A 1 92  ? 8.571   7.160   -11.467 1.00 24.64 ? 92  GLN A CA  1 
ATOM   675  C  C   . GLN A 1 92  ? 8.922   6.717   -12.884 1.00 25.26 ? 92  GLN A C   1 
ATOM   676  O  O   . GLN A 1 92  ? 9.107   5.531   -13.150 1.00 25.46 ? 92  GLN A O   1 
ATOM   677  C  CB  . GLN A 1 92  ? 9.742   6.952   -10.518 1.00 24.86 ? 92  GLN A CB  1 
ATOM   678  C  CG  . GLN A 1 92  ? 10.803  8.011   -10.596 1.00 27.04 ? 92  GLN A CG  1 
ATOM   679  C  CD  . GLN A 1 92  ? 11.973  7.701   -9.681  1.00 30.90 ? 92  GLN A CD  1 
ATOM   680  O  OE1 . GLN A 1 92  ? 11.798  7.488   -8.468  1.00 33.45 ? 92  GLN A OE1 1 
ATOM   681  N  NE2 . GLN A 1 92  ? 13.177  7.662   -10.255 1.00 30.20 ? 92  GLN A NE2 1 
ATOM   682  N  N   . ARG A 1 93  ? 9.014   7.686   -13.780 1.00 26.52 ? 93  ARG A N   1 
ATOM   683  C  CA  . ARG A 1 93  ? 8.905   7.458   -15.209 1.00 28.03 ? 93  ARG A CA  1 
ATOM   684  C  C   . ARG A 1 93  ? 9.870   8.381   -15.941 1.00 29.46 ? 93  ARG A C   1 
ATOM   685  O  O   . ARG A 1 93  ? 10.062  9.521   -15.525 1.00 29.54 ? 93  ARG A O   1 
ATOM   686  C  CB  . ARG A 1 93  ? 7.460   7.766   -15.623 1.00 27.87 ? 93  ARG A CB  1 
ATOM   687  C  CG  . ARG A 1 93  ? 7.073   7.428   -17.043 1.00 27.33 ? 93  ARG A CG  1 
ATOM   688  C  CD  . ARG A 1 93  ? 5.772   6.649   -17.046 1.00 26.86 ? 93  ARG A CD  1 
ATOM   689  N  NE  . ARG A 1 93  ? 4.582   7.483   -16.930 1.00 26.79 ? 93  ARG A NE  1 
ATOM   690  C  CZ  . ARG A 1 93  ? 3.420   7.089   -16.408 1.00 26.48 ? 93  ARG A CZ  1 
ATOM   691  N  NH1 . ARG A 1 93  ? 3.265   5.868   -15.904 1.00 24.82 ? 93  ARG A NH1 1 
ATOM   692  N  NH2 . ARG A 1 93  ? 2.397   7.931   -16.380 1.00 26.87 ? 93  ARG A NH2 1 
ATOM   693  N  N   . VAL A 1 94  ? 10.479  7.899   -17.021 1.00 31.33 ? 94  VAL A N   1 
ATOM   694  C  CA  . VAL A 1 94  ? 11.321  8.759   -17.859 1.00 33.39 ? 94  VAL A CA  1 
ATOM   695  C  C   . VAL A 1 94  ? 10.752  8.865   -19.276 1.00 34.81 ? 94  VAL A C   1 
ATOM   696  O  O   . VAL A 1 94  ? 10.493  7.848   -19.925 1.00 35.10 ? 94  VAL A O   1 
ATOM   697  C  CB  . VAL A 1 94  ? 12.804  8.291   -17.911 1.00 33.40 ? 94  VAL A CB  1 
ATOM   698  C  CG1 . VAL A 1 94  ? 13.693  9.403   -18.446 1.00 33.17 ? 94  VAL A CG1 1 
ATOM   699  C  CG2 . VAL A 1 94  ? 13.301  7.867   -16.528 1.00 34.02 ? 94  VAL A CG2 1 
ATOM   700  N  N   . ASP A 1 95  ? 10.552  10.095  -19.748 1.00 36.57 ? 95  ASP A N   1 
ATOM   701  C  CA  . ASP A 1 95  ? 10.039  10.321  -21.102 1.00 38.42 ? 95  ASP A CA  1 
ATOM   702  C  C   . ASP A 1 95  ? 11.141  10.235  -22.172 1.00 39.60 ? 95  ASP A C   1 
ATOM   703  O  O   . ASP A 1 95  ? 12.290  9.872   -21.870 1.00 39.48 ? 95  ASP A O   1 
ATOM   704  C  CB  . ASP A 1 95  ? 9.261   11.653  -21.195 1.00 38.48 ? 95  ASP A CB  1 
ATOM   705  C  CG  . ASP A 1 95  ? 10.141  12.883  -20.960 1.00 39.03 ? 95  ASP A CG  1 
ATOM   706  O  OD1 . ASP A 1 95  ? 9.579   13.942  -20.604 1.00 39.49 ? 95  ASP A OD1 1 
ATOM   707  O  OD2 . ASP A 1 95  ? 11.381  12.810  -21.129 1.00 39.88 ? 95  ASP A OD2 1 
ATOM   708  N  N   . SER A 1 96  ? 10.779  10.583  -23.409 1.00 41.09 ? 96  SER A N   1 
ATOM   709  C  CA  . SER A 1 96  ? 11.676  10.468  -24.566 1.00 42.53 ? 96  SER A CA  1 
ATOM   710  C  C   . SER A 1 96  ? 12.900  11.370  -24.444 1.00 43.40 ? 96  SER A C   1 
ATOM   711  O  O   . SER A 1 96  ? 14.033  10.915  -24.653 1.00 43.63 ? 96  SER A O   1 
ATOM   712  C  CB  . SER A 1 96  ? 10.924  10.794  -25.854 1.00 42.49 ? 96  SER A CB  1 
ATOM   713  O  OG  . SER A 1 96  ? 10.358  12.091  -25.766 1.00 43.18 ? 96  SER A OG  1 
ATOM   714  N  N   . GLN A 1 97  ? 12.665  12.641  -24.099 1.00 44.26 ? 97  GLN A N   1 
ATOM   715  C  CA  . GLN A 1 97  ? 13.741  13.630  -23.938 1.00 45.17 ? 97  GLN A CA  1 
ATOM   716  C  C   . GLN A 1 97  ? 14.713  13.340  -22.776 1.00 45.06 ? 97  GLN A C   1 
ATOM   717  O  O   . GLN A 1 97  ? 15.795  13.932  -22.710 1.00 45.24 ? 97  GLN A O   1 
ATOM   718  C  CB  . GLN A 1 97  ? 13.164  15.051  -23.823 1.00 45.52 ? 97  GLN A CB  1 
ATOM   719  C  CG  . GLN A 1 97  ? 13.082  15.820  -25.165 1.00 47.72 ? 97  GLN A CG  1 
ATOM   720  C  CD  . GLN A 1 97  ? 14.414  16.483  -25.576 1.00 49.84 ? 97  GLN A CD  1 
ATOM   721  O  OE1 . GLN A 1 97  ? 15.484  15.863  -25.521 1.00 50.51 ? 97  GLN A OE1 1 
ATOM   722  N  NE2 . GLN A 1 97  ? 14.342  17.748  -25.995 1.00 50.00 ? 97  GLN A NE2 1 
ATOM   723  N  N   . GLY A 1 98  ? 14.326  12.435  -21.876 1.00 44.96 ? 98  GLY A N   1 
ATOM   724  C  CA  . GLY A 1 98  ? 15.181  12.020  -20.760 1.00 44.47 ? 98  GLY A CA  1 
ATOM   725  C  C   . GLY A 1 98  ? 14.743  12.577  -19.418 1.00 44.21 ? 98  GLY A C   1 
ATOM   726  O  O   . GLY A 1 98  ? 15.483  12.487  -18.440 1.00 44.17 ? 98  GLY A O   1 
ATOM   727  N  N   . CYS A 1 99  ? 13.531  13.135  -19.373 1.00 43.84 ? 99  CYS A N   1 
ATOM   728  C  CA  . CYS A 1 99  ? 12.985  13.751  -18.154 1.00 43.50 ? 99  CYS A CA  1 
ATOM   729  C  C   . CYS A 1 99  ? 12.233  12.806  -17.232 1.00 42.44 ? 99  CYS A C   1 
ATOM   730  O  O   . CYS A 1 99  ? 11.327  12.080  -17.656 1.00 42.35 ? 99  CYS A O   1 
ATOM   731  C  CB  . CYS A 1 99  ? 12.076  14.919  -18.504 1.00 43.67 ? 99  CYS A CB  1 
ATOM   732  S  SG  . CYS A 1 99  ? 13.012  16.366  -18.945 1.00 46.85 ? 99  CYS A SG  1 
ATOM   733  N  N   . THR A 1 100 ? 12.605  12.857  -15.957 1.00 41.23 ? 100 THR A N   1 
ATOM   734  C  CA  . THR A 1 100 ? 11.989  12.039  -14.928 1.00 39.92 ? 100 THR A CA  1 
ATOM   735  C  C   . THR A 1 100 ? 10.748  12.730  -14.379 1.00 39.09 ? 100 THR A C   1 
ATOM   736  O  O   . THR A 1 100 ? 10.793  13.896  -13.992 1.00 39.07 ? 100 THR A O   1 
ATOM   737  C  CB  . THR A 1 100 ? 12.985  11.722  -13.804 1.00 39.74 ? 100 THR A CB  1 
ATOM   738  O  OG1 . THR A 1 100 ? 14.163  11.158  -14.386 1.00 39.85 ? 100 THR A OG1 1 
ATOM   739  C  CG2 . THR A 1 100 ? 12.400  10.724  -12.812 1.00 39.66 ? 100 THR A CG2 1 
ATOM   740  N  N   . SER A 1 101 ? 9.639   11.994  -14.386 1.00 38.07 ? 101 SER A N   1 
ATOM   741  C  CA  . SER A 1 101 ? 8.363   12.455  -13.853 1.00 36.76 ? 101 SER A CA  1 
ATOM   742  C  C   . SER A 1 101 ? 7.947   11.490  -12.768 1.00 35.75 ? 101 SER A C   1 
ATOM   743  O  O   . SER A 1 101 ? 8.157   10.281  -12.875 1.00 35.50 ? 101 SER A O   1 
ATOM   744  C  CB  . SER A 1 101 ? 7.272   12.472  -14.930 1.00 36.78 ? 101 SER A CB  1 
ATOM   745  O  OG  . SER A 1 101 ? 7.814   12.650  -16.229 1.00 37.61 ? 101 SER A OG  1 
ATOM   746  N  N   . CYS A 1 102 ? 7.350   12.039  -11.723 1.00 34.53 ? 102 CYS A N   1 
ATOM   747  C  CA  . CYS A 1 102 ? 6.784   11.247  -10.665 1.00 33.16 ? 102 CYS A CA  1 
ATOM   748  C  C   . CYS A 1 102 ? 5.279   11.514  -10.579 1.00 31.79 ? 102 CYS A C   1 
ATOM   749  O  O   . CYS A 1 102 ? 4.845   12.627  -10.278 1.00 31.66 ? 102 CYS A O   1 
ATOM   750  C  CB  . CYS A 1 102 ? 7.488   11.560  -9.353  1.00 33.39 ? 102 CYS A CB  1 
ATOM   751  S  SG  . CYS A 1 102 ? 6.677   10.796  -7.975  1.00 35.19 ? 102 CYS A SG  1 
ATOM   752  N  N   . ILE A 1 103 ? 4.492   10.476  -10.851 1.00 30.12 ? 103 ILE A N   1 
ATOM   753  C  CA  . ILE A 1 103 ? 3.047   10.605  -10.991 1.00 28.35 ? 103 ILE A CA  1 
ATOM   754  C  C   . ILE A 1 103 ? 2.311   9.842   -9.897  1.00 27.06 ? 103 ILE A C   1 
ATOM   755  O  O   . ILE A 1 103 ? 2.531   8.649   -9.725  1.00 26.78 ? 103 ILE A O   1 
ATOM   756  C  CB  . ILE A 1 103 ? 2.589   10.103  -12.385 1.00 28.47 ? 103 ILE A CB  1 
ATOM   757  C  CG1 . ILE A 1 103 ? 3.442   10.766  -13.482 1.00 28.63 ? 103 ILE A CG1 1 
ATOM   758  C  CG2 . ILE A 1 103 ? 1.090   10.334  -12.581 1.00 28.14 ? 103 ILE A CG2 1 
ATOM   759  C  CD1 . ILE A 1 103 ? 2.911   10.645  -14.905 1.00 28.60 ? 103 ILE A CD1 1 
ATOM   760  N  N   . ASN A 1 104 ? 1.451   10.541  -9.154  1.00 25.64 ? 104 ASN A N   1 
ATOM   761  C  CA  . ASN A 1 104 ? 0.549   9.895   -8.208  1.00 24.27 ? 104 ASN A CA  1 
ATOM   762  C  C   . ASN A 1 104 ? -0.474  9.111   -9.016  1.00 23.39 ? 104 ASN A C   1 
ATOM   763  O  O   . ASN A 1 104 ? -1.294  9.673   -9.745  1.00 23.35 ? 104 ASN A O   1 
ATOM   764  C  CB  . ASN A 1 104 ? -0.124  10.904  -7.279  1.00 24.19 ? 104 ASN A CB  1 
ATOM   765  C  CG  . ASN A 1 104 ? -0.967  10.237  -6.179  1.00 25.11 ? 104 ASN A CG  1 
ATOM   766  O  OD1 . ASN A 1 104 ? -0.761  9.070   -5.814  1.00 24.77 ? 104 ASN A OD1 1 
ATOM   767  N  ND2 . ASN A 1 104 ? -1.923  10.990  -5.644  1.00 25.21 ? 104 ASN A ND2 1 
ATOM   768  N  N   . VAL A 1 105 ? -0.404  7.797   -8.882  1.00 22.33 ? 105 VAL A N   1 
ATOM   769  C  CA  . VAL A 1 105 ? -0.949  6.916   -9.888  1.00 21.08 ? 105 VAL A CA  1 
ATOM   770  C  C   . VAL A 1 105 ? -2.174  6.141   -9.398  1.00 20.31 ? 105 VAL A C   1 
ATOM   771  O  O   . VAL A 1 105 ? -3.103  5.899   -10.172 1.00 20.60 ? 105 VAL A O   1 
ATOM   772  C  CB  . VAL A 1 105 ? 0.185   6.033   -10.470 1.00 21.17 ? 105 VAL A CB  1 
ATOM   773  C  CG1 . VAL A 1 105 ? 0.338   4.725   -9.719  1.00 20.45 ? 105 VAL A CG1 1 
ATOM   774  C  CG2 . VAL A 1 105 ? -0.012  5.831   -11.954 1.00 21.89 ? 105 VAL A CG2 1 
ATOM   775  N  N   . THR A 1 106 ? -2.183  5.778   -8.115  1.00 18.96 ? 106 THR A N   1 
ATOM   776  C  CA  . THR A 1 106 ? -3.342  5.131   -7.493  1.00 17.90 ? 106 THR A CA  1 
ATOM   777  C  C   . THR A 1 106 ? -3.410  5.346   -5.972  1.00 17.22 ? 106 THR A C   1 
ATOM   778  O  O   . THR A 1 106 ? -2.429  5.720   -5.341  1.00 16.86 ? 106 THR A O   1 
ATOM   779  C  CB  . THR A 1 106 ? -3.567  3.610   -7.951  1.00 17.99 ? 106 THR A CB  1 
ATOM   780  O  OG1 . THR A 1 106 ? -3.885  2.773   -6.827  1.00 18.55 ? 106 THR A OG1 1 
ATOM   781  C  CG2 . THR A 1 106 ? -2.379  3.038   -8.654  1.00 16.71 ? 106 THR A CG2 1 
ATOM   782  N  N   . SER A 1 107 ? -4.588  5.105   -5.410  1.00 16.56 ? 107 SER A N   1 
ATOM   783  C  CA  . SER A 1 107 ? -4.896  5.454   -4.037  1.00 16.49 ? 107 SER A CA  1 
ATOM   784  C  C   . SER A 1 107 ? -5.829  4.409   -3.428  1.00 16.10 ? 107 SER A C   1 
ATOM   785  O  O   . SER A 1 107 ? -6.670  3.856   -4.127  1.00 16.06 ? 107 SER A O   1 
ATOM   786  C  CB  . SER A 1 107 ? -5.598  6.797   -4.043  1.00 16.73 ? 107 SER A CB  1 
ATOM   787  O  OG  . SER A 1 107 ? -5.843  7.237   -2.738  1.00 18.36 ? 107 SER A OG  1 
ATOM   788  N  N   . ALA A 1 108 ? -5.691  4.129   -2.136  1.00 15.74 ? 108 ALA A N   1 
ATOM   789  C  CA  . ALA A 1 108 ? -6.588  3.171   -1.482  1.00 15.60 ? 108 ALA A CA  1 
ATOM   790  C  C   . ALA A 1 108 ? -6.618  3.291   0.032   1.00 15.45 ? 108 ALA A C   1 
ATOM   791  O  O   . ALA A 1 108 ? -5.653  3.723   0.650   1.00 15.07 ? 108 ALA A O   1 
ATOM   792  C  CB  . ALA A 1 108 ? -6.246  1.727   -1.892  1.00 15.43 ? 108 ALA A CB  1 
ATOM   793  N  N   . LEU A 1 109 ? -7.746  2.891   0.609   1.00 15.78 ? 109 LEU A N   1 
ATOM   794  C  CA  . LEU A 1 109 ? -7.921  2.803   2.054   1.00 16.29 ? 109 LEU A CA  1 
ATOM   795  C  C   . LEU A 1 109 ? -8.153  1.338   2.401   1.00 16.38 ? 109 LEU A C   1 
ATOM   796  O  O   . LEU A 1 109 ? -9.206  0.786   2.084   1.00 16.33 ? 109 LEU A O   1 
ATOM   797  C  CB  . LEU A 1 109 ? -9.144  3.616   2.486   1.00 16.36 ? 109 LEU A CB  1 
ATOM   798  C  CG  . LEU A 1 109 ? -9.149  4.469   3.758   1.00 16.57 ? 109 LEU A CG  1 
ATOM   799  C  CD1 . LEU A 1 109 ? -10.607 4.737   4.169   1.00 15.75 ? 109 LEU A CD1 1 
ATOM   800  C  CD2 . LEU A 1 109 ? -8.339  3.866   4.915   1.00 15.25 ? 109 LEU A CD2 1 
ATOM   801  N  N   . VAL A 1 110 ? -7.176  0.711   3.049   1.00 16.46 ? 110 VAL A N   1 
ATOM   802  C  CA  . VAL A 1 110 ? -7.240  -0.724  3.339   1.00 16.54 ? 110 VAL A CA  1 
ATOM   803  C  C   . VAL A 1 110 ? -7.380  -0.940  4.842   1.00 16.67 ? 110 VAL A C   1 
ATOM   804  O  O   . VAL A 1 110 ? -6.766  -0.217  5.630   1.00 16.84 ? 110 VAL A O   1 
ATOM   805  C  CB  . VAL A 1 110 ? -5.957  -1.480  2.832   1.00 16.60 ? 110 VAL A CB  1 
ATOM   806  C  CG1 . VAL A 1 110 ? -6.233  -2.963  2.690   1.00 15.72 ? 110 VAL A CG1 1 
ATOM   807  C  CG2 . VAL A 1 110 ? -5.456  -0.913  1.498   1.00 16.04 ? 110 VAL A CG2 1 
ATOM   808  N  N   . THR A 1 111 ? -8.166  -1.939  5.238   1.00 16.69 ? 111 THR A N   1 
ATOM   809  C  CA  . THR A 1 111 ? -8.309  -2.268  6.656   1.00 16.85 ? 111 THR A CA  1 
ATOM   810  C  C   . THR A 1 111 ? -7.848  -3.695  6.958   1.00 16.70 ? 111 THR A C   1 
ATOM   811  O  O   . THR A 1 111 ? -8.155  -4.637  6.223   1.00 16.83 ? 111 THR A O   1 
ATOM   812  C  CB  . THR A 1 111 ? -9.754  -2.017  7.180   1.00 17.10 ? 111 THR A CB  1 
ATOM   813  O  OG1 . THR A 1 111 ? -10.199 -0.718  6.763   1.00 18.00 ? 111 THR A OG1 1 
ATOM   814  C  CG2 . THR A 1 111 ? -9.807  -2.080  8.710   1.00 17.05 ? 111 THR A CG2 1 
ATOM   815  N  N   . TYR A 1 112 ? -7.104  -3.825  8.050   1.00 16.35 ? 112 TYR A N   1 
ATOM   816  C  CA  . TYR A 1 112 ? -6.519  -5.084  8.479   1.00 16.42 ? 112 TYR A CA  1 
ATOM   817  C  C   . TYR A 1 112 ? -6.990  -5.392  9.890   1.00 16.72 ? 112 TYR A C   1 
ATOM   818  O  O   . TYR A 1 112 ? -7.357  -4.483  10.638  1.00 16.66 ? 112 TYR A O   1 
ATOM   819  C  CB  . TYR A 1 112 ? -4.980  -4.995  8.445   1.00 16.10 ? 112 TYR A CB  1 
ATOM   820  C  CG  . TYR A 1 112 ? -4.438  -4.614  7.086   1.00 15.58 ? 112 TYR A CG  1 
ATOM   821  C  CD1 . TYR A 1 112 ? -4.266  -3.276  6.728   1.00 15.49 ? 112 TYR A CD1 1 
ATOM   822  C  CD2 . TYR A 1 112 ? -4.122  -5.594  6.146   1.00 15.50 ? 112 TYR A CD2 1 
ATOM   823  C  CE1 . TYR A 1 112 ? -3.781  -2.922  5.463   1.00 16.42 ? 112 TYR A CE1 1 
ATOM   824  C  CE2 . TYR A 1 112 ? -3.640  -5.259  4.884   1.00 15.75 ? 112 TYR A CE2 1 
ATOM   825  C  CZ  . TYR A 1 112 ? -3.471  -3.926  4.544   1.00 16.00 ? 112 TYR A CZ  1 
ATOM   826  O  OH  . TYR A 1 112 ? -3.003  -3.607  3.286   1.00 15.18 ? 112 TYR A OH  1 
ATOM   827  N  N   . VAL A 1 113 ? -6.997  -6.670  10.247  1.00 17.03 ? 113 VAL A N   1 
ATOM   828  C  CA  . VAL A 1 113 ? -7.233  -7.062  11.624  1.00 17.91 ? 113 VAL A CA  1 
ATOM   829  C  C   . VAL A 1 113 ? -5.922  -7.614  12.180  1.00 18.51 ? 113 VAL A C   1 
ATOM   830  O  O   . VAL A 1 113 ? -5.204  -8.337  11.492  1.00 18.48 ? 113 VAL A O   1 
ATOM   831  C  CB  . VAL A 1 113 ? -8.407  -8.074  11.760  1.00 17.81 ? 113 VAL A CB  1 
ATOM   832  C  CG1 . VAL A 1 113 ? -8.091  -9.392  11.057  1.00 18.23 ? 113 VAL A CG1 1 
ATOM   833  C  CG2 . VAL A 1 113 ? -8.742  -8.328  13.221  1.00 17.83 ? 113 VAL A CG2 1 
ATOM   834  N  N   . SER A 1 114 ? -5.598  -7.244  13.413  1.00 19.57 ? 114 SER A N   1 
ATOM   835  C  CA  . SER A 1 114 ? -4.393  -7.746  14.054  1.00 20.81 ? 114 SER A CA  1 
ATOM   836  C  C   . SER A 1 114 ? -4.690  -9.131  14.636  1.00 21.57 ? 114 SER A C   1 
ATOM   837  O  O   . SER A 1 114 ? -5.628  -9.294  15.414  1.00 21.71 ? 114 SER A O   1 
ATOM   838  C  CB  . SER A 1 114 ? -3.925  -6.771  15.127  1.00 20.81 ? 114 SER A CB  1 
ATOM   839  O  OG  . SER A 1 114 ? -3.957  -7.349  16.412  1.00 21.79 ? 114 SER A OG  1 
ATOM   840  N  N   . VAL A 1 115 ? -3.916  -10.128 14.222  1.00 22.48 ? 115 VAL A N   1 
ATOM   841  C  CA  . VAL A 1 115 ? -4.177  -11.509 14.618  1.00 23.58 ? 115 VAL A CA  1 
ATOM   842  C  C   . VAL A 1 115 ? -2.920  -12.217 15.091  1.00 24.78 ? 115 VAL A C   1 
ATOM   843  O  O   . VAL A 1 115 ? -1.798  -11.792 14.791  1.00 24.94 ? 115 VAL A O   1 
ATOM   844  C  CB  . VAL A 1 115 ? -4.811  -12.356 13.470  1.00 23.33 ? 115 VAL A CB  1 
ATOM   845  C  CG1 . VAL A 1 115 ? -6.234  -11.914 13.190  1.00 23.18 ? 115 VAL A CG1 1 
ATOM   846  C  CG2 . VAL A 1 115 ? -3.965  -12.306 12.211  1.00 22.75 ? 115 VAL A CG2 1 
ATOM   847  N  N   . THR A 1 116 ? -3.124  -13.305 15.830  1.00 26.20 ? 116 THR A N   1 
ATOM   848  C  CA  . THR A 1 116 ? -2.060  -14.239 16.168  1.00 27.71 ? 116 THR A CA  1 
ATOM   849  C  C   . THR A 1 116 ? -1.607  -14.959 14.903  1.00 29.14 ? 116 THR A C   1 
ATOM   850  O  O   . THR A 1 116 ? -2.367  -15.093 13.944  1.00 29.36 ? 116 THR A O   1 
ATOM   851  C  CB  . THR A 1 116 ? -2.533  -15.288 17.201  1.00 27.57 ? 116 THR A CB  1 
ATOM   852  O  OG1 . THR A 1 116 ? -3.747  -15.899 16.745  1.00 27.18 ? 116 THR A OG1 1 
ATOM   853  C  CG2 . THR A 1 116 ? -2.771  -14.640 18.577  1.00 27.40 ? 116 THR A CG2 1 
ATOM   854  N  N   . ARG A 1 117 ? -0.370  -15.434 14.905  1.00 31.02 ? 117 ARG A N   1 
ATOM   855  C  CA  . ARG A 1 117 ? 0.167   -16.190 13.776  1.00 32.79 ? 117 ARG A CA  1 
ATOM   856  C  C   . ARG A 1 117 ? -0.721  -17.372 13.329  1.00 33.51 ? 117 ARG A C   1 
ATOM   857  O  O   . ARG A 1 117 ? -0.536  -17.891 12.225  1.00 33.98 ? 117 ARG A O   1 
ATOM   858  C  CB  . ARG A 1 117 ? 1.641   -16.600 14.021  1.00 33.03 ? 117 ARG A CB  1 
ATOM   859  C  CG  . ARG A 1 117 ? 1.915   -17.673 15.107  1.00 35.49 ? 117 ARG A CG  1 
ATOM   860  C  CD  . ARG A 1 117 ? 1.570   -17.264 16.577  1.00 38.72 ? 117 ARG A CD  1 
ATOM   861  N  NE  . ARG A 1 117 ? 1.728   -15.829 16.842  1.00 40.56 ? 117 ARG A NE  1 
ATOM   862  C  CZ  . ARG A 1 117 ? 1.276   -15.199 17.928  1.00 41.29 ? 117 ARG A CZ  1 
ATOM   863  N  NH1 . ARG A 1 117 ? 1.455   -13.888 18.060  1.00 40.94 ? 117 ARG A NH1 1 
ATOM   864  N  NH2 . ARG A 1 117 ? 0.641   -15.871 18.882  1.00 42.14 ? 117 ARG A NH2 1 
ATOM   865  N  N   . ASP A 1 118 ? -1.696  -17.769 14.157  1.00 34.32 ? 118 ASP A N   1 
ATOM   866  C  CA  . ASP A 1 118 ? -2.670  -18.812 13.769  1.00 35.14 ? 118 ASP A CA  1 
ATOM   867  C  C   . ASP A 1 118 ? -4.074  -18.270 13.425  1.00 34.99 ? 118 ASP A C   1 
ATOM   868  O  O   . ASP A 1 118 ? -5.024  -19.033 13.216  1.00 34.77 ? 118 ASP A O   1 
ATOM   869  C  CB  . ASP A 1 118 ? -2.689  -19.990 14.782  1.00 35.79 ? 118 ASP A CB  1 
ATOM   870  C  CG  . ASP A 1 118 ? -3.859  -19.927 15.788  1.00 38.15 ? 118 ASP A CG  1 
ATOM   871  O  OD1 . ASP A 1 118 ? -4.408  -21.012 16.122  1.00 39.61 ? 118 ASP A OD1 1 
ATOM   872  O  OD2 . ASP A 1 118 ? -4.230  -18.816 16.251  1.00 41.15 ? 118 ASP A OD2 1 
ATOM   873  N  N   . GLY A 1 119 ? -4.186  -16.944 13.367  1.00 35.13 ? 119 GLY A N   1 
ATOM   874  C  CA  . GLY A 1 119 ? -5.361  -16.274 12.813  1.00 35.02 ? 119 GLY A CA  1 
ATOM   875  C  C   . GLY A 1 119 ? -6.492  -15.897 13.753  1.00 35.06 ? 119 GLY A C   1 
ATOM   876  O  O   . GLY A 1 119 ? -7.611  -15.639 13.299  1.00 35.18 ? 119 GLY A O   1 
ATOM   877  N  N   . LYS A 1 120 ? -6.221  -15.859 15.055  1.00 35.00 ? 120 LYS A N   1 
ATOM   878  C  CA  . LYS A 1 120 ? -7.238  -15.436 16.027  1.00 34.97 ? 120 LYS A CA  1 
ATOM   879  C  C   . LYS A 1 120 ? -7.046  -13.968 16.381  1.00 34.45 ? 120 LYS A C   1 
ATOM   880  O  O   . LYS A 1 120 ? -5.916  -13.479 16.427  1.00 34.25 ? 120 LYS A O   1 
ATOM   881  C  CB  . LYS A 1 120 ? -7.211  -16.314 17.279  1.00 34.83 ? 120 LYS A CB  1 
ATOM   882  C  CG  . LYS A 1 120 ? -7.463  -17.804 16.992  1.00 35.76 ? 120 LYS A CG  1 
ATOM   883  C  CD  . LYS A 1 120 ? -7.854  -18.582 18.257  1.00 36.26 ? 120 LYS A CD  1 
ATOM   884  C  CE  . LYS A 1 120 ? -9.372  -18.524 18.528  1.00 37.45 ? 120 LYS A CE  1 
ATOM   885  N  NZ  . LYS A 1 120 ? -9.744  -19.216 19.796  1.00 37.41 ? 120 LYS A NZ  1 
ATOM   886  N  N   . LYS A 1 121 ? -8.146  -13.262 16.621  1.00 34.29 ? 121 LYS A N   1 
ATOM   887  C  CA  . LYS A 1 121 ? -8.076  -11.830 16.918  1.00 34.26 ? 121 LYS A CA  1 
ATOM   888  C  C   . LYS A 1 121 ? -7.113  -11.519 18.062  1.00 33.73 ? 121 LYS A C   1 
ATOM   889  O  O   . LYS A 1 121 ? -7.151  -12.150 19.120  1.00 33.52 ? 121 LYS A O   1 
ATOM   890  C  CB  . LYS A 1 121 ? -9.464  -11.237 17.173  1.00 34.20 ? 121 LYS A CB  1 
ATOM   891  C  CG  . LYS A 1 121 ? -10.216 -10.917 15.884  1.00 35.06 ? 121 LYS A CG  1 
ATOM   892  C  CD  . LYS A 1 121 ? -11.566 -10.247 16.126  1.00 34.99 ? 121 LYS A CD  1 
ATOM   893  C  CE  . LYS A 1 121 ? -12.214 -9.863  14.794  1.00 36.55 ? 121 LYS A CE  1 
ATOM   894  N  NZ  . LYS A 1 121 ? -13.584 -9.272  14.963  1.00 37.77 ? 121 LYS A NZ  1 
ATOM   895  N  N   . ASN A 1 122 ? -6.230  -10.561 17.803  1.00 33.31 ? 122 ASN A N   1 
ATOM   896  C  CA  . ASN A 1 122 ? -5.213  -10.119 18.748  1.00 33.01 ? 122 ASN A CA  1 
ATOM   897  C  C   . ASN A 1 122 ? -5.505  -8.652  19.072  1.00 32.48 ? 122 ASN A C   1 
ATOM   898  O  O   . ASN A 1 122 ? -5.405  -7.804  18.193  1.00 32.51 ? 122 ASN A O   1 
ATOM   899  C  CB  . ASN A 1 122 ? -3.817  -10.288 18.109  1.00 33.04 ? 122 ASN A CB  1 
ATOM   900  C  CG  . ASN A 1 122 ? -2.658  -10.159 19.114  1.00 34.06 ? 122 ASN A CG  1 
ATOM   901  O  OD1 . ASN A 1 122 ? -2.863  -9.936  20.311  1.00 35.84 ? 122 ASN A OD1 1 
ATOM   902  N  ND2 . ASN A 1 122 ? -1.425  -10.300 18.612  1.00 32.88 ? 122 ASN A ND2 1 
ATOM   903  N  N   . PRO A 1 123 ? -5.926  -8.345  20.315  1.00 32.08 ? 123 PRO A N   1 
ATOM   904  C  CA  . PRO A 1 123 ? -6.083  -6.927  20.661  1.00 31.54 ? 123 PRO A CA  1 
ATOM   905  C  C   . PRO A 1 123 ? -4.751  -6.192  20.567  1.00 30.90 ? 123 PRO A C   1 
ATOM   906  O  O   . PRO A 1 123 ? -3.736  -6.689  21.054  1.00 30.66 ? 123 PRO A O   1 
ATOM   907  C  CB  . PRO A 1 123 ? -6.582  -6.964  22.111  1.00 31.42 ? 123 PRO A CB  1 
ATOM   908  C  CG  . PRO A 1 123 ? -7.191  -8.316  22.261  1.00 31.92 ? 123 PRO A CG  1 
ATOM   909  C  CD  . PRO A 1 123 ? -6.312  -9.221  21.437  1.00 32.18 ? 123 PRO A CD  1 
ATOM   910  N  N   . ILE A 1 124 ? -4.765  -5.033  19.915  1.00 30.37 ? 124 ILE A N   1 
ATOM   911  C  CA  . ILE A 1 124 ? -3.556  -4.239  19.701  1.00 29.93 ? 124 ILE A CA  1 
ATOM   912  C  C   . ILE A 1 124 ? -3.088  -3.634  21.028  1.00 30.01 ? 124 ILE A C   1 
ATOM   913  O  O   . ILE A 1 124 ? -3.894  -3.077  21.787  1.00 29.80 ? 124 ILE A O   1 
ATOM   914  C  CB  . ILE A 1 124 ? -3.790  -3.117  18.651  1.00 29.62 ? 124 ILE A CB  1 
ATOM   915  C  CG1 . ILE A 1 124 ? -4.296  -3.714  17.333  1.00 29.05 ? 124 ILE A CG1 1 
ATOM   916  C  CG2 . ILE A 1 124 ? -2.511  -2.301  18.431  1.00 29.10 ? 124 ILE A CG2 1 
ATOM   917  C  CD1 . ILE A 1 124 ? -4.990  -2.733  16.421  1.00 26.53 ? 124 ILE A CD1 1 
ATOM   918  N  N   . SER A 1 125 ? -1.786  -3.749  21.294  1.00 29.98 ? 125 SER A N   1 
ATOM   919  C  CA  . SER A 1 125 ? -1.195  -3.247  22.531  1.00 30.01 ? 125 SER A CA  1 
ATOM   920  C  C   . SER A 1 125 ? -1.253  -1.728  22.587  1.00 30.16 ? 125 SER A C   1 
ATOM   921  O  O   . SER A 1 125 ? -0.925  -1.056  21.608  1.00 30.16 ? 125 SER A O   1 
ATOM   922  C  CB  . SER A 1 125 ? 0.253   -3.721  22.672  1.00 30.04 ? 125 SER A CB  1 
ATOM   923  O  OG  . SER A 1 125 ? 1.136   -2.899  21.934  1.00 29.31 ? 125 SER A OG  1 
ATOM   924  N  N   . GLU A 1 126 ? -1.667  -1.199  23.736  1.00 30.31 ? 126 GLU A N   1 
ATOM   925  C  CA  . GLU A 1 126 ? -1.784  0.250   23.938  1.00 31.15 ? 126 GLU A CA  1 
ATOM   926  C  C   . GLU A 1 126 ? -0.450  0.998   23.758  1.00 30.46 ? 126 GLU A C   1 
ATOM   927  O  O   . GLU A 1 126 ? -0.436  2.178   23.395  1.00 30.25 ? 126 GLU A O   1 
ATOM   928  C  CB  . GLU A 1 126 ? -2.479  0.593   25.285  1.00 31.15 ? 126 GLU A CB  1 
ATOM   929  C  CG  . GLU A 1 126 ? -2.438  -0.523  26.365  1.00 32.66 ? 126 GLU A CG  1 
ATOM   930  C  CD  . GLU A 1 126 ? -2.933  -0.081  27.756  1.00 33.30 ? 126 GLU A CD  1 
ATOM   931  O  OE1 . GLU A 1 126 ? -4.168  0.089   27.935  1.00 36.25 ? 126 GLU A OE1 1 
ATOM   932  O  OE2 . GLU A 1 126 ? -2.086  0.070   28.681  1.00 35.13 ? 126 GLU A OE2 1 
ATOM   933  N  N   . GLU A 1 127 ? 0.661   0.294   23.983  1.00 30.19 ? 127 GLU A N   1 
ATOM   934  C  CA  . GLU A 1 127 ? 1.995   0.863   23.800  1.00 30.08 ? 127 GLU A CA  1 
ATOM   935  C  C   . GLU A 1 127 ? 2.295   1.220   22.344  1.00 29.42 ? 127 GLU A C   1 
ATOM   936  O  O   . GLU A 1 127 ? 2.805   2.299   22.062  1.00 29.21 ? 127 GLU A O   1 
ATOM   937  C  CB  . GLU A 1 127 ? 3.069   -0.081  24.327  1.00 30.07 ? 127 GLU A CB  1 
ATOM   938  C  CG  . GLU A 1 127 ? 4.492   0.469   24.163  1.00 30.72 ? 127 GLU A CG  1 
ATOM   939  C  CD  . GLU A 1 127 ? 5.551   -0.481  24.681  1.00 31.47 ? 127 GLU A CD  1 
ATOM   940  O  OE1 . GLU A 1 127 ? 5.426   -0.932  25.846  1.00 34.37 ? 127 GLU A OE1 1 
ATOM   941  O  OE2 . GLU A 1 127 ? 6.518   -0.769  23.935  1.00 32.44 ? 127 GLU A OE2 1 
ATOM   942  N  N   . LEU A 1 128 ? 1.989   0.302   21.430  1.00 29.07 ? 128 LEU A N   1 
ATOM   943  C  CA  . LEU A 1 128 ? 2.221   0.520   20.008  1.00 28.79 ? 128 LEU A CA  1 
ATOM   944  C  C   . LEU A 1 128 ? 1.288   1.595   19.471  1.00 29.05 ? 128 LEU A C   1 
ATOM   945  O  O   . LEU A 1 128 ? 1.667   2.365   18.584  1.00 28.88 ? 128 LEU A O   1 
ATOM   946  C  CB  . LEU A 1 128 ? 2.053   -0.776  19.220  1.00 28.64 ? 128 LEU A CB  1 
ATOM   947  C  CG  . LEU A 1 128 ? 3.035   -1.917  19.502  1.00 28.18 ? 128 LEU A CG  1 
ATOM   948  C  CD1 . LEU A 1 128 ? 2.636   -3.134  18.692  1.00 28.17 ? 128 LEU A CD1 1 
ATOM   949  C  CD2 . LEU A 1 128 ? 4.482   -1.529  19.221  1.00 27.84 ? 128 LEU A CD2 1 
ATOM   950  N  N   . LYS A 1 129 ? 0.074   1.645   20.016  1.00 29.38 ? 129 LYS A N   1 
ATOM   951  C  CA  . LYS A 1 129 ? -0.858  2.730   19.724  1.00 29.71 ? 129 LYS A CA  1 
ATOM   952  C  C   . LYS A 1 129 ? -0.289  4.065   20.182  1.00 30.27 ? 129 LYS A C   1 
ATOM   953  O  O   . LYS A 1 129 ? -0.372  5.045   19.443  1.00 30.71 ? 129 LYS A O   1 
ATOM   954  C  CB  . LYS A 1 129 ? -2.217  2.493   20.383  1.00 29.51 ? 129 LYS A CB  1 
ATOM   955  C  CG  . LYS A 1 129 ? -3.017  1.358   19.790  1.00 28.75 ? 129 LYS A CG  1 
ATOM   956  C  CD  . LYS A 1 129 ? -4.464  1.481   20.209  1.00 28.94 ? 129 LYS A CD  1 
ATOM   957  C  CE  . LYS A 1 129 ? -5.153  0.132   20.247  1.00 29.23 ? 129 LYS A CE  1 
ATOM   958  N  NZ  . LYS A 1 129 ? -6.517  0.250   20.825  1.00 29.06 ? 129 LYS A NZ  1 
ATOM   959  N  N   . ARG A 1 130 ? 0.292   4.098   21.387  1.00 30.63 ? 130 ARG A N   1 
ATOM   960  C  CA  . ARG A 1 130 ? 0.891   5.320   21.940  1.00 30.80 ? 130 ARG A CA  1 
ATOM   961  C  C   . ARG A 1 130 ? 2.050   5.849   21.096  1.00 31.45 ? 130 ARG A C   1 
ATOM   962  O  O   . ARG A 1 130 ? 2.124   7.048   20.837  1.00 31.68 ? 130 ARG A O   1 
ATOM   963  C  CB  . ARG A 1 130 ? 1.345   5.129   23.392  1.00 30.89 ? 130 ARG A CB  1 
ATOM   964  C  CG  . ARG A 1 130 ? 0.245   5.333   24.437  1.00 30.94 ? 130 ARG A CG  1 
ATOM   965  C  CD  . ARG A 1 130 ? 0.808   5.503   25.858  1.00 29.79 ? 130 ARG A CD  1 
ATOM   966  N  NE  . ARG A 1 130 ? 1.683   4.395   26.251  1.00 28.39 ? 130 ARG A NE  1 
ATOM   967  C  CZ  . ARG A 1 130 ? 1.274   3.240   26.775  1.00 27.30 ? 130 ARG A CZ  1 
ATOM   968  N  NH1 . ARG A 1 130 ? -0.015  3.012   26.988  1.00 26.11 ? 130 ARG A NH1 1 
ATOM   969  N  NH2 . ARG A 1 130 ? 2.166   2.304   27.086  1.00 26.76 ? 130 ARG A NH2 1 
ATOM   970  N  N   . ILE A 1 131 ? 2.946   4.959   20.663  1.00 32.04 ? 131 ILE A N   1 
ATOM   971  C  CA  . ILE A 1 131 ? 4.106   5.381   19.867  1.00 32.81 ? 131 ILE A CA  1 
ATOM   972  C  C   . ILE A 1 131 ? 3.768   5.708   18.409  1.00 33.13 ? 131 ILE A C   1 
ATOM   973  O  O   . ILE A 1 131 ? 4.640   6.148   17.652  1.00 33.16 ? 131 ILE A O   1 
ATOM   974  C  CB  . ILE A 1 131 ? 5.312   4.389   19.943  1.00 32.82 ? 131 ILE A CB  1 
ATOM   975  C  CG1 . ILE A 1 131 ? 4.928   2.989   19.473  1.00 33.00 ? 131 ILE A CG1 1 
ATOM   976  C  CG2 . ILE A 1 131 ? 5.885   4.352   21.350  1.00 32.96 ? 131 ILE A CG2 1 
ATOM   977  C  CD1 . ILE A 1 131 ? 6.109   2.044   19.344  1.00 32.95 ? 131 ILE A CD1 1 
ATOM   978  N  N   . HIS A 1 132 ? 2.509   5.491   18.027  1.00 33.72 ? 132 HIS A N   1 
ATOM   979  C  CA  . HIS A 1 132 ? 2.027   5.814   16.679  1.00 34.16 ? 132 HIS A CA  1 
ATOM   980  C  C   . HIS A 1 132 ? 0.975   6.936   16.674  1.00 34.28 ? 132 HIS A C   1 
ATOM   981  O  O   . HIS A 1 132 ? 0.328   7.196   15.656  1.00 34.45 ? 132 HIS A O   1 
ATOM   982  C  CB  . HIS A 1 132 ? 1.509   4.552   15.969  1.00 34.14 ? 132 HIS A CB  1 
ATOM   983  C  CG  . HIS A 1 132 ? 2.597   3.629   15.514  1.00 34.97 ? 132 HIS A CG  1 
ATOM   984  N  ND1 . HIS A 1 132 ? 2.917   2.465   16.181  1.00 35.67 ? 132 HIS A ND1 1 
ATOM   985  C  CD2 . HIS A 1 132 ? 3.454   3.709   14.466  1.00 35.48 ? 132 HIS A CD2 1 
ATOM   986  C  CE1 . HIS A 1 132 ? 3.920   1.865   15.564  1.00 35.55 ? 132 HIS A CE1 1 
ATOM   987  N  NE2 . HIS A 1 132 ? 4.262   2.598   14.518  1.00 35.97 ? 132 HIS A NE2 1 
ATOM   988  N  N   . GLY A 1 133 ? 0.814   7.603   17.812  1.00 34.33 ? 133 GLY A N   1 
ATOM   989  C  CA  . GLY A 1 133 ? -0.089  8.739   17.905  1.00 34.59 ? 133 GLY A CA  1 
ATOM   990  C  C   . GLY A 1 133 ? -1.538  8.387   18.177  1.00 34.80 ? 133 GLY A C   1 
ATOM   991  O  O   . GLY A 1 133 ? -2.430  9.190   17.912  1.00 35.06 ? 133 GLY A O   1 
ATOM   992  N  N   . PHE A 1 134 ? -1.778  7.195   18.713  1.00 34.92 ? 134 PHE A N   1 
ATOM   993  C  CA  . PHE A 1 134 ? -3.123  6.780   19.100  1.00 35.11 ? 134 PHE A CA  1 
ATOM   994  C  C   . PHE A 1 134 ? -3.118  6.388   20.571  1.00 35.28 ? 134 PHE A C   1 
ATOM   995  O  O   . PHE A 1 134 ? -3.961  6.841   21.346  1.00 35.53 ? 134 PHE A O   1 
ATOM   996  C  CB  . PHE A 1 134 ? -3.610  5.604   18.242  1.00 35.11 ? 134 PHE A CB  1 
ATOM   997  C  CG  . PHE A 1 134 ? -3.546  5.855   16.753  1.00 35.07 ? 134 PHE A CG  1 
ATOM   998  C  CD1 . PHE A 1 134 ? -2.410  5.512   16.022  1.00 34.59 ? 134 PHE A CD1 1 
ATOM   999  C  CD2 . PHE A 1 134 ? -4.631  6.415   16.078  1.00 35.35 ? 134 PHE A CD2 1 
ATOM   1000 C  CE1 . PHE A 1 134 ? -2.347  5.739   14.644  1.00 34.49 ? 134 PHE A CE1 1 
ATOM   1001 C  CE2 . PHE A 1 134 ? -4.579  6.640   14.697  1.00 35.16 ? 134 PHE A CE2 1 
ATOM   1002 C  CZ  . PHE A 1 134 ? -3.429  6.302   13.983  1.00 34.41 ? 134 PHE A CZ  1 
HETATM 1003 CL CL  . CL  B 2 .   ? -6.554  -3.108  -15.611 1.00 23.59 ? 201 CL  A CL  1 
HETATM 1004 CL CL  . CL  C 2 .   ? -6.002  0.153   -18.816 1.00 24.82 ? 202 CL  A CL  1 
HETATM 1005 O  O   . HOH D 3 .   ? -2.047  -3.398  25.726  1.00 17.00 ? 203 HOH A O   1 
HETATM 1006 O  O   . HOH D 3 .   ? 2.847   -0.324  -20.569 1.00 11.27 ? 204 HOH A O   1 
HETATM 1007 O  O   . HOH D 3 .   ? -4.731  -11.185 4.541   1.00 4.62  ? 205 HOH A O   1 
HETATM 1008 O  O   . HOH D 3 .   ? 1.179   -6.049  -23.256 1.00 15.82 ? 206 HOH A O   1 
HETATM 1009 O  O   . HOH D 3 .   ? 7.702   3.630   -17.922 1.00 9.00  ? 207 HOH A O   1 
HETATM 1010 O  O   . HOH D 3 .   ? 2.412   -2.565  -23.626 1.00 14.27 ? 208 HOH A O   1 
HETATM 1011 O  O   . HOH D 3 .   ? -6.850  -4.027  -20.854 1.00 15.71 ? 209 HOH A O   1 
HETATM 1012 O  O   . HOH D 3 .   ? -8.004  5.695   15.492  1.00 18.21 ? 210 HOH A O   1 
HETATM 1013 O  O   . HOH D 3 .   ? -8.305  7.170   -1.424  1.00 12.36 ? 211 HOH A O   1 
HETATM 1014 O  O   . HOH D 3 .   ? 8.049   5.612   -7.534  1.00 17.89 ? 212 HOH A O   1 
HETATM 1015 O  O   . HOH D 3 .   ? -13.212 5.231   -5.081  1.00 15.64 ? 213 HOH A O   1 
HETATM 1016 O  O   . HOH D 3 .   ? 8.667   -9.658  -17.418 1.00 22.68 ? 214 HOH A O   1 
HETATM 1017 O  O   . HOH D 3 .   ? 5.141   5.232   3.494   1.00 15.43 ? 215 HOH A O   1 
HETATM 1018 O  O   . HOH D 3 .   ? -5.140  1.190   -14.048 1.00 14.50 ? 216 HOH A O   1 
HETATM 1019 O  O   . HOH D 3 .   ? -3.035  0.906   -15.496 1.00 7.71  ? 217 HOH A O   1 
HETATM 1020 O  O   . HOH D 3 .   ? -8.663  -5.498  -18.028 1.00 22.56 ? 218 HOH A O   1 
HETATM 1021 O  O   . HOH D 3 .   ? -9.635  0.946   12.088  1.00 13.55 ? 219 HOH A O   1 
HETATM 1022 O  O   . HOH D 3 .   ? -7.972  -1.537  -20.496 1.00 17.92 ? 220 HOH A O   1 
HETATM 1023 O  O   . HOH D 3 .   ? -7.835  5.216   -14.846 1.00 20.76 ? 221 HOH A O   1 
HETATM 1024 O  O   . HOH D 3 .   ? -9.947  -3.549  -16.876 1.00 10.43 ? 222 HOH A O   1 
# 
loop_
_pdbx_poly_seq_scheme.asym_id 
_pdbx_poly_seq_scheme.entity_id 
_pdbx_poly_seq_scheme.seq_id 
_pdbx_poly_seq_scheme.mon_id 
_pdbx_poly_seq_scheme.ndb_seq_num 
_pdbx_poly_seq_scheme.pdb_seq_num 
_pdbx_poly_seq_scheme.auth_seq_num 
_pdbx_poly_seq_scheme.pdb_mon_id 
_pdbx_poly_seq_scheme.auth_mon_id 
_pdbx_poly_seq_scheme.pdb_strand_id 
_pdbx_poly_seq_scheme.pdb_ins_code 
_pdbx_poly_seq_scheme.hetero 
A 1 1   MET 1   1   ?   ?   ?   A . n 
A 1 2   ARG 2   2   2   ARG ARG A . n 
A 1 3   ASP 3   3   3   ASP ASP A . n 
A 1 4   MET 4   4   4   MET MET A . n 
A 1 5   GLY 5   5   5   GLY GLY A . n 
A 1 6   GLU 6   6   6   GLU GLU A . n 
A 1 7   PRO 7   7   7   PRO PRO A . n 
A 1 8   LYS 8   8   8   LYS LYS A . n 
A 1 9   LEU 9   9   9   LEU LEU A . n 
A 1 10  LYS 10  10  10  LYS LYS A . n 
A 1 11  ILE 11  11  11  ILE ILE A . n 
A 1 12  VAL 12  12  12  VAL VAL A . n 
A 1 13  ALA 13  13  13  ALA ALA A . n 
A 1 14  MET 14  14  14  MET MET A . n 
A 1 15  PRO 15  15  15  PRO PRO A . n 
A 1 16  SER 16  16  16  SER SER A . n 
A 1 17  ASP 17  17  17  ASP ASP A . n 
A 1 18  THR 18  18  18  THR THR A . n 
A 1 19  ASN 19  19  19  ASN ASN A . n 
A 1 20  PRO 20  20  20  PRO PRO A . n 
A 1 21  ALA 21  21  21  ALA ALA A . n 
A 1 22  GLY 22  22  22  GLY GLY A . n 
A 1 23  ASN 23  23  23  ASN ASN A . n 
A 1 24  ILE 24  24  24  ILE ILE A . n 
A 1 25  PHE 25  25  25  PHE PHE A . n 
A 1 26  GLY 26  26  26  GLY GLY A . n 
A 1 27  GLY 27  27  27  GLY GLY A . n 
A 1 28  TRP 28  28  28  TRP TRP A . n 
A 1 29  ILE 29  29  29  ILE ILE A . n 
A 1 30  LEU 30  30  30  LEU LEU A . n 
A 1 31  SER 31  31  31  SER SER A . n 
A 1 32  GLN 32  32  32  GLN GLN A . n 
A 1 33  ILE 33  33  33  ILE ILE A . n 
A 1 34  ASP 34  34  34  ASP ASP A . n 
A 1 35  LEU 35  35  35  LEU LEU A . n 
A 1 36  ALA 36  36  36  ALA ALA A . n 
A 1 37  GLY 37  37  37  GLY GLY A . n 
A 1 38  ALA 38  38  38  ALA ALA A . n 
A 1 39  ILE 39  39  39  ILE ILE A . n 
A 1 40  ALA 40  40  40  ALA ALA A . n 
A 1 41  ALA 41  41  41  ALA ALA A . n 
A 1 42  ARG 42  42  42  ARG ARG A . n 
A 1 43  GLU 43  43  43  GLU GLU A . n 
A 1 44  LEU 44  44  44  LEU LEU A . n 
A 1 45  SER 45  45  45  SER SER A . n 
A 1 46  PRO 46  46  46  PRO PRO A . n 
A 1 47  GLU 47  47  47  GLU GLU A . n 
A 1 48  ARG 48  48  48  ARG ARG A . n 
A 1 49  VAL 49  49  49  VAL VAL A . n 
A 1 50  VAL 50  50  50  VAL VAL A . n 
A 1 51  THR 51  51  51  THR THR A . n 
A 1 52  ILE 52  52  52  ILE ILE A . n 
A 1 53  SER 53  53  53  SER SER A . n 
A 1 54  MET 54  54  54  MET MET A . n 
A 1 55  ASP 55  55  55  ASP ASP A . n 
A 1 56  LYS 56  56  56  LYS LYS A . n 
A 1 57  VAL 57  57  57  VAL VAL A . n 
A 1 58  VAL 58  58  58  VAL VAL A . n 
A 1 59  PHE 59  59  59  PHE PHE A . n 
A 1 60  LYS 60  60  60  LYS LYS A . n 
A 1 61  GLU 61  61  61  GLU GLU A . n 
A 1 62  PRO 62  62  62  PRO PRO A . n 
A 1 63  VAL 63  63  63  VAL VAL A . n 
A 1 64  PHE 64  64  64  PHE PHE A . n 
A 1 65  ILE 65  65  65  ILE ILE A . n 
A 1 66  GLY 66  66  66  GLY GLY A . n 
A 1 67  ASP 67  67  67  ASP ASP A . n 
A 1 68  ILE 68  68  68  ILE ILE A . n 
A 1 69  ILE 69  69  69  ILE ILE A . n 
A 1 70  SER 70  70  70  SER SER A . n 
A 1 71  CYS 71  71  71  CYS CYS A . n 
A 1 72  TYR 72  72  72  TYR TYR A . n 
A 1 73  SER 73  73  73  SER SER A . n 
A 1 74  LYS 74  74  74  LYS LYS A . n 
A 1 75  VAL 75  75  75  VAL VAL A . n 
A 1 76  VAL 76  76  76  VAL VAL A . n 
A 1 77  ASN 77  77  77  ASN ASN A . n 
A 1 78  VAL 78  78  78  VAL VAL A . n 
A 1 79  GLY 79  79  79  GLY GLY A . n 
A 1 80  ASN 80  80  80  ASN ASN A . n 
A 1 81  THR 81  81  81  THR THR A . n 
A 1 82  SER 82  82  82  SER SER A . n 
A 1 83  ILE 83  83  83  ILE ILE A . n 
A 1 84  SER 84  84  84  SER SER A . n 
A 1 85  VAL 85  85  85  VAL VAL A . n 
A 1 86  GLU 86  86  86  GLU GLU A . n 
A 1 87  VAL 87  87  87  VAL VAL A . n 
A 1 88  GLU 88  88  88  GLU GLU A . n 
A 1 89  VAL 89  89  89  VAL VAL A . n 
A 1 90  THR 90  90  90  THR THR A . n 
A 1 91  ALA 91  91  91  ALA ALA A . n 
A 1 92  GLN 92  92  92  GLN GLN A . n 
A 1 93  ARG 93  93  93  ARG ARG A . n 
A 1 94  VAL 94  94  94  VAL VAL A . n 
A 1 95  ASP 95  95  95  ASP ASP A . n 
A 1 96  SER 96  96  96  SER SER A . n 
A 1 97  GLN 97  97  97  GLN GLN A . n 
A 1 98  GLY 98  98  98  GLY GLY A . n 
A 1 99  CYS 99  99  99  CYS CYS A . n 
A 1 100 THR 100 100 100 THR THR A . n 
A 1 101 SER 101 101 101 SER SER A . n 
A 1 102 CYS 102 102 102 CYS CYS A . n 
A 1 103 ILE 103 103 103 ILE ILE A . n 
A 1 104 ASN 104 104 104 ASN ASN A . n 
A 1 105 VAL 105 105 105 VAL VAL A . n 
A 1 106 THR 106 106 106 THR THR A . n 
A 1 107 SER 107 107 107 SER SER A . n 
A 1 108 ALA 108 108 108 ALA ALA A . n 
A 1 109 LEU 109 109 109 LEU LEU A . n 
A 1 110 VAL 110 110 110 VAL VAL A . n 
A 1 111 THR 111 111 111 THR THR A . n 
A 1 112 TYR 112 112 112 TYR TYR A . n 
A 1 113 VAL 113 113 113 VAL VAL A . n 
A 1 114 SER 114 114 114 SER SER A . n 
A 1 115 VAL 115 115 115 VAL VAL A . n 
A 1 116 THR 116 116 116 THR THR A . n 
A 1 117 ARG 117 117 117 ARG ARG A . n 
A 1 118 ASP 118 118 118 ASP ASP A . n 
A 1 119 GLY 119 119 119 GLY GLY A . n 
A 1 120 LYS 120 120 120 LYS LYS A . n 
A 1 121 LYS 121 121 121 LYS LYS A . n 
A 1 122 ASN 122 122 122 ASN ASN A . n 
A 1 123 PRO 123 123 123 PRO PRO A . n 
A 1 124 ILE 124 124 124 ILE ILE A . n 
A 1 125 SER 125 125 125 SER SER A . n 
A 1 126 GLU 126 126 126 GLU GLU A . n 
A 1 127 GLU 127 127 127 GLU GLU A . n 
A 1 128 LEU 128 128 128 LEU LEU A . n 
A 1 129 LYS 129 129 129 LYS LYS A . n 
A 1 130 ARG 130 130 130 ARG ARG A . n 
A 1 131 ILE 131 131 131 ILE ILE A . n 
A 1 132 HIS 132 132 132 HIS HIS A . n 
A 1 133 GLY 133 133 133 GLY GLY A . n 
A 1 134 PHE 134 134 134 PHE PHE A . n 
A 1 135 LEU 135 135 ?   ?   ?   A . n 
A 1 136 ASN 136 136 ?   ?   ?   A . n 
A 1 137 ALA 137 137 ?   ?   ?   A . n 
# 
loop_
_pdbx_nonpoly_scheme.asym_id 
_pdbx_nonpoly_scheme.entity_id 
_pdbx_nonpoly_scheme.mon_id 
_pdbx_nonpoly_scheme.ndb_seq_num 
_pdbx_nonpoly_scheme.pdb_seq_num 
_pdbx_nonpoly_scheme.auth_seq_num 
_pdbx_nonpoly_scheme.pdb_mon_id 
_pdbx_nonpoly_scheme.auth_mon_id 
_pdbx_nonpoly_scheme.pdb_strand_id 
_pdbx_nonpoly_scheme.pdb_ins_code 
B 2 CL  1  201 201 CL  CL  A . 
C 2 CL  1  202 202 CL  CL  A . 
D 3 HOH 1  203 1   HOH HOH A . 
D 3 HOH 2  204 2   HOH HOH A . 
D 3 HOH 3  205 3   HOH HOH A . 
D 3 HOH 4  206 4   HOH HOH A . 
D 3 HOH 5  207 5   HOH HOH A . 
D 3 HOH 6  208 6   HOH HOH A . 
D 3 HOH 7  209 7   HOH HOH A . 
D 3 HOH 8  210 8   HOH HOH A . 
D 3 HOH 9  211 9   HOH HOH A . 
D 3 HOH 10 212 10  HOH HOH A . 
D 3 HOH 11 213 11  HOH HOH A . 
D 3 HOH 12 214 12  HOH HOH A . 
D 3 HOH 13 215 13  HOH HOH A . 
D 3 HOH 14 216 14  HOH HOH A . 
D 3 HOH 15 217 15  HOH HOH A . 
D 3 HOH 16 218 16  HOH HOH A . 
D 3 HOH 17 219 17  HOH HOH A . 
D 3 HOH 18 220 18  HOH HOH A . 
D 3 HOH 19 221 19  HOH HOH A . 
D 3 HOH 20 222 20  HOH HOH A . 
# 
_pdbx_struct_assembly.id                   1 
_pdbx_struct_assembly.details              author_and_software_defined_assembly 
_pdbx_struct_assembly.method_details       PISA 
_pdbx_struct_assembly.oligomeric_details   hexameric 
_pdbx_struct_assembly.oligomeric_count     6 
# 
_pdbx_struct_assembly_gen.assembly_id       1 
_pdbx_struct_assembly_gen.oper_expression   1,2,3,4,5,6 
_pdbx_struct_assembly_gen.asym_id_list      A,B,C,D 
# 
loop_
_pdbx_struct_assembly_prop.biol_id 
_pdbx_struct_assembly_prop.type 
_pdbx_struct_assembly_prop.value 
_pdbx_struct_assembly_prop.details 
1 'ABSA (A^2)' 13930 ? 
1 MORE         -229  ? 
1 'SSA (A^2)'  31610 ? 
# 
loop_
_pdbx_struct_oper_list.id 
_pdbx_struct_oper_list.type 
_pdbx_struct_oper_list.name 
_pdbx_struct_oper_list.symmetry_operation 
_pdbx_struct_oper_list.matrix[1][1] 
_pdbx_struct_oper_list.matrix[1][2] 
_pdbx_struct_oper_list.matrix[1][3] 
_pdbx_struct_oper_list.vector[1] 
_pdbx_struct_oper_list.matrix[2][1] 
_pdbx_struct_oper_list.matrix[2][2] 
_pdbx_struct_oper_list.matrix[2][3] 
_pdbx_struct_oper_list.vector[2] 
_pdbx_struct_oper_list.matrix[3][1] 
_pdbx_struct_oper_list.matrix[3][2] 
_pdbx_struct_oper_list.matrix[3][3] 
_pdbx_struct_oper_list.vector[3] 
1 'identity operation'         1_555  x,y,z                1.0000000000  0.0000000000  0.0000000000  0.0000000000   0.0000000000  1.0000000000  0.0000000000  0.0000000000   0.0000000000  0.0000000000  1.0000000000  0.0000000000   
2 'crystal symmetry operation' 6_445  z-1/2,-x-1/2,-y      -0.4995726156 0.7313563894  0.4642682775  24.5814923624  -0.7029832680 -0.0290925107 -0.7106111108 -22.6865044729 -0.5062032464 -0.6813746822 0.5286651263  -14.8485969918 
3 'crystal symmetry operation' 12_455 -y-1/2,-z,x+1/2      -0.4995726156 -0.7029832680 -0.5062032464 -11.1844006197 0.7313563894  -0.0290925107 -0.6813746822 -28.7552969296 0.4642682775  -0.7106111108 0.5286651263  -19.6837538558 
4 'crystal symmetry operation' 13_455 y-1/4,x+1/4,-z+1/4   -0.1186058547 -0.8306342214 -0.5440399264 -15.4584543063 -0.8306342214 -0.2172024134 0.5127083985  -9.5470770364  -0.5440399264 0.5127083985  -0.6641917318 -10.4677284579 
5 'crystal symmetry operation' 18_445 -x-3/4,z-1/4,y+1/4   0.9185689734  0.3081171172  0.2475780344  8.5484533741   0.3081171172  -0.9505172036 0.0397603794  -32.6507426642 0.2475780344  0.0397603794  -0.9680517698 -25.6102877784 
6 'crystal symmetry operation' 24_444 -z-1/4,-y-1/4,-x-1/4 -0.8008178874 0.4941439827  0.3383968609  20.4619627633  0.4941439827  0.2259046384  0.8395170151  -4.1032371594  0.3383968609  0.8395170151  -0.4250867510 -6.0522636431 
# 
loop_
_pdbx_audit_revision_history.ordinal 
_pdbx_audit_revision_history.data_content_type 
_pdbx_audit_revision_history.major_revision 
_pdbx_audit_revision_history.minor_revision 
_pdbx_audit_revision_history.revision_date 
1 'Structure model' 1 0 2009-05-05 
2 'Structure model' 1 1 2011-07-13 
3 'Structure model' 1 2 2023-08-30 
# 
_pdbx_audit_revision_details.ordinal             1 
_pdbx_audit_revision_details.revision_ordinal    1 
_pdbx_audit_revision_details.data_content_type   'Structure model' 
_pdbx_audit_revision_details.provider            repository 
_pdbx_audit_revision_details.type                'Initial release' 
_pdbx_audit_revision_details.description         ? 
_pdbx_audit_revision_details.details             ? 
# 
loop_
_pdbx_audit_revision_group.ordinal 
_pdbx_audit_revision_group.revision_ordinal 
_pdbx_audit_revision_group.data_content_type 
_pdbx_audit_revision_group.group 
1 2 'Structure model' 'Version format compliance' 
2 3 'Structure model' 'Data collection'           
3 3 'Structure model' 'Database references'       
4 3 'Structure model' 'Derived calculations'      
5 3 'Structure model' 'Refinement description'    
# 
loop_
_pdbx_audit_revision_category.ordinal 
_pdbx_audit_revision_category.revision_ordinal 
_pdbx_audit_revision_category.data_content_type 
_pdbx_audit_revision_category.category 
1 3 'Structure model' chem_comp_atom                
2 3 'Structure model' chem_comp_bond                
3 3 'Structure model' database_2                    
4 3 'Structure model' pdbx_initial_refinement_model 
5 3 'Structure model' struct_site                   
# 
loop_
_pdbx_audit_revision_item.ordinal 
_pdbx_audit_revision_item.revision_ordinal 
_pdbx_audit_revision_item.data_content_type 
_pdbx_audit_revision_item.item 
1 3 'Structure model' '_database_2.pdbx_DOI'                
2 3 'Structure model' '_database_2.pdbx_database_accession' 
3 3 'Structure model' '_struct_site.pdbx_auth_asym_id'      
4 3 'Structure model' '_struct_site.pdbx_auth_comp_id'      
5 3 'Structure model' '_struct_site.pdbx_auth_seq_id'       
# 
loop_
_software.name 
_software.classification 
_software.version 
_software.citation_id 
_software.pdbx_ordinal 
REFMAC    refinement        5.2.0019 ? 1 
HKL-3000  'data collection' .        ? 2 
HKL-3000  'data reduction'  .        ? 3 
SCALEPACK 'data scaling'    .        ? 4 
MOLREP    phasing           .        ? 5 
# 
loop_
_pdbx_validate_torsion.id 
_pdbx_validate_torsion.PDB_model_num 
_pdbx_validate_torsion.auth_comp_id 
_pdbx_validate_torsion.auth_asym_id 
_pdbx_validate_torsion.auth_seq_id 
_pdbx_validate_torsion.PDB_ins_code 
_pdbx_validate_torsion.label_alt_id 
_pdbx_validate_torsion.phi 
_pdbx_validate_torsion.psi 
1 1 ASP A 3  ? ? 163.35  29.97 
2 1 MET A 4  ? ? -97.26  43.91 
3 1 SER A 45 ? ? -158.46 76.16 
# 
loop_
_pdbx_unobs_or_zero_occ_residues.id 
_pdbx_unobs_or_zero_occ_residues.PDB_model_num 
_pdbx_unobs_or_zero_occ_residues.polymer_flag 
_pdbx_unobs_or_zero_occ_residues.occupancy_flag 
_pdbx_unobs_or_zero_occ_residues.auth_asym_id 
_pdbx_unobs_or_zero_occ_residues.auth_comp_id 
_pdbx_unobs_or_zero_occ_residues.auth_seq_id 
_pdbx_unobs_or_zero_occ_residues.PDB_ins_code 
_pdbx_unobs_or_zero_occ_residues.label_asym_id 
_pdbx_unobs_or_zero_occ_residues.label_comp_id 
_pdbx_unobs_or_zero_occ_residues.label_seq_id 
1 1 Y 1 A MET 1   ? A MET 1   
2 1 Y 1 A LEU 135 ? A LEU 135 
3 1 Y 1 A ASN 136 ? A ASN 136 
4 1 Y 1 A ALA 137 ? A ALA 137 
# 
loop_
_chem_comp_atom.comp_id 
_chem_comp_atom.atom_id 
_chem_comp_atom.type_symbol 
_chem_comp_atom.pdbx_aromatic_flag 
_chem_comp_atom.pdbx_stereo_config 
_chem_comp_atom.pdbx_ordinal 
ALA N    N  N N 1   
ALA CA   C  N S 2   
ALA C    C  N N 3   
ALA O    O  N N 4   
ALA CB   C  N N 5   
ALA OXT  O  N N 6   
ALA H    H  N N 7   
ALA H2   H  N N 8   
ALA HA   H  N N 9   
ALA HB1  H  N N 10  
ALA HB2  H  N N 11  
ALA HB3  H  N N 12  
ALA HXT  H  N N 13  
ARG N    N  N N 14  
ARG CA   C  N S 15  
ARG C    C  N N 16  
ARG O    O  N N 17  
ARG CB   C  N N 18  
ARG CG   C  N N 19  
ARG CD   C  N N 20  
ARG NE   N  N N 21  
ARG CZ   C  N N 22  
ARG NH1  N  N N 23  
ARG NH2  N  N N 24  
ARG OXT  O  N N 25  
ARG H    H  N N 26  
ARG H2   H  N N 27  
ARG HA   H  N N 28  
ARG HB2  H  N N 29  
ARG HB3  H  N N 30  
ARG HG2  H  N N 31  
ARG HG3  H  N N 32  
ARG HD2  H  N N 33  
ARG HD3  H  N N 34  
ARG HE   H  N N 35  
ARG HH11 H  N N 36  
ARG HH12 H  N N 37  
ARG HH21 H  N N 38  
ARG HH22 H  N N 39  
ARG HXT  H  N N 40  
ASN N    N  N N 41  
ASN CA   C  N S 42  
ASN C    C  N N 43  
ASN O    O  N N 44  
ASN CB   C  N N 45  
ASN CG   C  N N 46  
ASN OD1  O  N N 47  
ASN ND2  N  N N 48  
ASN OXT  O  N N 49  
ASN H    H  N N 50  
ASN H2   H  N N 51  
ASN HA   H  N N 52  
ASN HB2  H  N N 53  
ASN HB3  H  N N 54  
ASN HD21 H  N N 55  
ASN HD22 H  N N 56  
ASN HXT  H  N N 57  
ASP N    N  N N 58  
ASP CA   C  N S 59  
ASP C    C  N N 60  
ASP O    O  N N 61  
ASP CB   C  N N 62  
ASP CG   C  N N 63  
ASP OD1  O  N N 64  
ASP OD2  O  N N 65  
ASP OXT  O  N N 66  
ASP H    H  N N 67  
ASP H2   H  N N 68  
ASP HA   H  N N 69  
ASP HB2  H  N N 70  
ASP HB3  H  N N 71  
ASP HD2  H  N N 72  
ASP HXT  H  N N 73  
CL  CL   CL N N 74  
CYS N    N  N N 75  
CYS CA   C  N R 76  
CYS C    C  N N 77  
CYS O    O  N N 78  
CYS CB   C  N N 79  
CYS SG   S  N N 80  
CYS OXT  O  N N 81  
CYS H    H  N N 82  
CYS H2   H  N N 83  
CYS HA   H  N N 84  
CYS HB2  H  N N 85  
CYS HB3  H  N N 86  
CYS HG   H  N N 87  
CYS HXT  H  N N 88  
GLN N    N  N N 89  
GLN CA   C  N S 90  
GLN C    C  N N 91  
GLN O    O  N N 92  
GLN CB   C  N N 93  
GLN CG   C  N N 94  
GLN CD   C  N N 95  
GLN OE1  O  N N 96  
GLN NE2  N  N N 97  
GLN OXT  O  N N 98  
GLN H    H  N N 99  
GLN H2   H  N N 100 
GLN HA   H  N N 101 
GLN HB2  H  N N 102 
GLN HB3  H  N N 103 
GLN HG2  H  N N 104 
GLN HG3  H  N N 105 
GLN HE21 H  N N 106 
GLN HE22 H  N N 107 
GLN HXT  H  N N 108 
GLU N    N  N N 109 
GLU CA   C  N S 110 
GLU C    C  N N 111 
GLU O    O  N N 112 
GLU CB   C  N N 113 
GLU CG   C  N N 114 
GLU CD   C  N N 115 
GLU OE1  O  N N 116 
GLU OE2  O  N N 117 
GLU OXT  O  N N 118 
GLU H    H  N N 119 
GLU H2   H  N N 120 
GLU HA   H  N N 121 
GLU HB2  H  N N 122 
GLU HB3  H  N N 123 
GLU HG2  H  N N 124 
GLU HG3  H  N N 125 
GLU HE2  H  N N 126 
GLU HXT  H  N N 127 
GLY N    N  N N 128 
GLY CA   C  N N 129 
GLY C    C  N N 130 
GLY O    O  N N 131 
GLY OXT  O  N N 132 
GLY H    H  N N 133 
GLY H2   H  N N 134 
GLY HA2  H  N N 135 
GLY HA3  H  N N 136 
GLY HXT  H  N N 137 
HIS N    N  N N 138 
HIS CA   C  N S 139 
HIS C    C  N N 140 
HIS O    O  N N 141 
HIS CB   C  N N 142 
HIS CG   C  Y N 143 
HIS ND1  N  Y N 144 
HIS CD2  C  Y N 145 
HIS CE1  C  Y N 146 
HIS NE2  N  Y N 147 
HIS OXT  O  N N 148 
HIS H    H  N N 149 
HIS H2   H  N N 150 
HIS HA   H  N N 151 
HIS HB2  H  N N 152 
HIS HB3  H  N N 153 
HIS HD1  H  N N 154 
HIS HD2  H  N N 155 
HIS HE1  H  N N 156 
HIS HE2  H  N N 157 
HIS HXT  H  N N 158 
HOH O    O  N N 159 
HOH H1   H  N N 160 
HOH H2   H  N N 161 
ILE N    N  N N 162 
ILE CA   C  N S 163 
ILE C    C  N N 164 
ILE O    O  N N 165 
ILE CB   C  N S 166 
ILE CG1  C  N N 167 
ILE CG2  C  N N 168 
ILE CD1  C  N N 169 
ILE OXT  O  N N 170 
ILE H    H  N N 171 
ILE H2   H  N N 172 
ILE HA   H  N N 173 
ILE HB   H  N N 174 
ILE HG12 H  N N 175 
ILE HG13 H  N N 176 
ILE HG21 H  N N 177 
ILE HG22 H  N N 178 
ILE HG23 H  N N 179 
ILE HD11 H  N N 180 
ILE HD12 H  N N 181 
ILE HD13 H  N N 182 
ILE HXT  H  N N 183 
LEU N    N  N N 184 
LEU CA   C  N S 185 
LEU C    C  N N 186 
LEU O    O  N N 187 
LEU CB   C  N N 188 
LEU CG   C  N N 189 
LEU CD1  C  N N 190 
LEU CD2  C  N N 191 
LEU OXT  O  N N 192 
LEU H    H  N N 193 
LEU H2   H  N N 194 
LEU HA   H  N N 195 
LEU HB2  H  N N 196 
LEU HB3  H  N N 197 
LEU HG   H  N N 198 
LEU HD11 H  N N 199 
LEU HD12 H  N N 200 
LEU HD13 H  N N 201 
LEU HD21 H  N N 202 
LEU HD22 H  N N 203 
LEU HD23 H  N N 204 
LEU HXT  H  N N 205 
LYS N    N  N N 206 
LYS CA   C  N S 207 
LYS C    C  N N 208 
LYS O    O  N N 209 
LYS CB   C  N N 210 
LYS CG   C  N N 211 
LYS CD   C  N N 212 
LYS CE   C  N N 213 
LYS NZ   N  N N 214 
LYS OXT  O  N N 215 
LYS H    H  N N 216 
LYS H2   H  N N 217 
LYS HA   H  N N 218 
LYS HB2  H  N N 219 
LYS HB3  H  N N 220 
LYS HG2  H  N N 221 
LYS HG3  H  N N 222 
LYS HD2  H  N N 223 
LYS HD3  H  N N 224 
LYS HE2  H  N N 225 
LYS HE3  H  N N 226 
LYS HZ1  H  N N 227 
LYS HZ2  H  N N 228 
LYS HZ3  H  N N 229 
LYS HXT  H  N N 230 
MET N    N  N N 231 
MET CA   C  N S 232 
MET C    C  N N 233 
MET O    O  N N 234 
MET CB   C  N N 235 
MET CG   C  N N 236 
MET SD   S  N N 237 
MET CE   C  N N 238 
MET OXT  O  N N 239 
MET H    H  N N 240 
MET H2   H  N N 241 
MET HA   H  N N 242 
MET HB2  H  N N 243 
MET HB3  H  N N 244 
MET HG2  H  N N 245 
MET HG3  H  N N 246 
MET HE1  H  N N 247 
MET HE2  H  N N 248 
MET HE3  H  N N 249 
MET HXT  H  N N 250 
PHE N    N  N N 251 
PHE CA   C  N S 252 
PHE C    C  N N 253 
PHE O    O  N N 254 
PHE CB   C  N N 255 
PHE CG   C  Y N 256 
PHE CD1  C  Y N 257 
PHE CD2  C  Y N 258 
PHE CE1  C  Y N 259 
PHE CE2  C  Y N 260 
PHE CZ   C  Y N 261 
PHE OXT  O  N N 262 
PHE H    H  N N 263 
PHE H2   H  N N 264 
PHE HA   H  N N 265 
PHE HB2  H  N N 266 
PHE HB3  H  N N 267 
PHE HD1  H  N N 268 
PHE HD2  H  N N 269 
PHE HE1  H  N N 270 
PHE HE2  H  N N 271 
PHE HZ   H  N N 272 
PHE HXT  H  N N 273 
PRO N    N  N N 274 
PRO CA   C  N S 275 
PRO C    C  N N 276 
PRO O    O  N N 277 
PRO CB   C  N N 278 
PRO CG   C  N N 279 
PRO CD   C  N N 280 
PRO OXT  O  N N 281 
PRO H    H  N N 282 
PRO HA   H  N N 283 
PRO HB2  H  N N 284 
PRO HB3  H  N N 285 
PRO HG2  H  N N 286 
PRO HG3  H  N N 287 
PRO HD2  H  N N 288 
PRO HD3  H  N N 289 
PRO HXT  H  N N 290 
SER N    N  N N 291 
SER CA   C  N S 292 
SER C    C  N N 293 
SER O    O  N N 294 
SER CB   C  N N 295 
SER OG   O  N N 296 
SER OXT  O  N N 297 
SER H    H  N N 298 
SER H2   H  N N 299 
SER HA   H  N N 300 
SER HB2  H  N N 301 
SER HB3  H  N N 302 
SER HG   H  N N 303 
SER HXT  H  N N 304 
THR N    N  N N 305 
THR CA   C  N S 306 
THR C    C  N N 307 
THR O    O  N N 308 
THR CB   C  N R 309 
THR OG1  O  N N 310 
THR CG2  C  N N 311 
THR OXT  O  N N 312 
THR H    H  N N 313 
THR H2   H  N N 314 
THR HA   H  N N 315 
THR HB   H  N N 316 
THR HG1  H  N N 317 
THR HG21 H  N N 318 
THR HG22 H  N N 319 
THR HG23 H  N N 320 
THR HXT  H  N N 321 
TRP N    N  N N 322 
TRP CA   C  N S 323 
TRP C    C  N N 324 
TRP O    O  N N 325 
TRP CB   C  N N 326 
TRP CG   C  Y N 327 
TRP CD1  C  Y N 328 
TRP CD2  C  Y N 329 
TRP NE1  N  Y N 330 
TRP CE2  C  Y N 331 
TRP CE3  C  Y N 332 
TRP CZ2  C  Y N 333 
TRP CZ3  C  Y N 334 
TRP CH2  C  Y N 335 
TRP OXT  O  N N 336 
TRP H    H  N N 337 
TRP H2   H  N N 338 
TRP HA   H  N N 339 
TRP HB2  H  N N 340 
TRP HB3  H  N N 341 
TRP HD1  H  N N 342 
TRP HE1  H  N N 343 
TRP HE3  H  N N 344 
TRP HZ2  H  N N 345 
TRP HZ3  H  N N 346 
TRP HH2  H  N N 347 
TRP HXT  H  N N 348 
TYR N    N  N N 349 
TYR CA   C  N S 350 
TYR C    C  N N 351 
TYR O    O  N N 352 
TYR CB   C  N N 353 
TYR CG   C  Y N 354 
TYR CD1  C  Y N 355 
TYR CD2  C  Y N 356 
TYR CE1  C  Y N 357 
TYR CE2  C  Y N 358 
TYR CZ   C  Y N 359 
TYR OH   O  N N 360 
TYR OXT  O  N N 361 
TYR H    H  N N 362 
TYR H2   H  N N 363 
TYR HA   H  N N 364 
TYR HB2  H  N N 365 
TYR HB3  H  N N 366 
TYR HD1  H  N N 367 
TYR HD2  H  N N 368 
TYR HE1  H  N N 369 
TYR HE2  H  N N 370 
TYR HH   H  N N 371 
TYR HXT  H  N N 372 
VAL N    N  N N 373 
VAL CA   C  N S 374 
VAL C    C  N N 375 
VAL O    O  N N 376 
VAL CB   C  N N 377 
VAL CG1  C  N N 378 
VAL CG2  C  N N 379 
VAL OXT  O  N N 380 
VAL H    H  N N 381 
VAL H2   H  N N 382 
VAL HA   H  N N 383 
VAL HB   H  N N 384 
VAL HG11 H  N N 385 
VAL HG12 H  N N 386 
VAL HG13 H  N N 387 
VAL HG21 H  N N 388 
VAL HG22 H  N N 389 
VAL HG23 H  N N 390 
VAL HXT  H  N N 391 
# 
loop_
_chem_comp_bond.comp_id 
_chem_comp_bond.atom_id_1 
_chem_comp_bond.atom_id_2 
_chem_comp_bond.value_order 
_chem_comp_bond.pdbx_aromatic_flag 
_chem_comp_bond.pdbx_stereo_config 
_chem_comp_bond.pdbx_ordinal 
ALA N   CA   sing N N 1   
ALA N   H    sing N N 2   
ALA N   H2   sing N N 3   
ALA CA  C    sing N N 4   
ALA CA  CB   sing N N 5   
ALA CA  HA   sing N N 6   
ALA C   O    doub N N 7   
ALA C   OXT  sing N N 8   
ALA CB  HB1  sing N N 9   
ALA CB  HB2  sing N N 10  
ALA CB  HB3  sing N N 11  
ALA OXT HXT  sing N N 12  
ARG N   CA   sing N N 13  
ARG N   H    sing N N 14  
ARG N   H2   sing N N 15  
ARG CA  C    sing N N 16  
ARG CA  CB   sing N N 17  
ARG CA  HA   sing N N 18  
ARG C   O    doub N N 19  
ARG C   OXT  sing N N 20  
ARG CB  CG   sing N N 21  
ARG CB  HB2  sing N N 22  
ARG CB  HB3  sing N N 23  
ARG CG  CD   sing N N 24  
ARG CG  HG2  sing N N 25  
ARG CG  HG3  sing N N 26  
ARG CD  NE   sing N N 27  
ARG CD  HD2  sing N N 28  
ARG CD  HD3  sing N N 29  
ARG NE  CZ   sing N N 30  
ARG NE  HE   sing N N 31  
ARG CZ  NH1  sing N N 32  
ARG CZ  NH2  doub N N 33  
ARG NH1 HH11 sing N N 34  
ARG NH1 HH12 sing N N 35  
ARG NH2 HH21 sing N N 36  
ARG NH2 HH22 sing N N 37  
ARG OXT HXT  sing N N 38  
ASN N   CA   sing N N 39  
ASN N   H    sing N N 40  
ASN N   H2   sing N N 41  
ASN CA  C    sing N N 42  
ASN CA  CB   sing N N 43  
ASN CA  HA   sing N N 44  
ASN C   O    doub N N 45  
ASN C   OXT  sing N N 46  
ASN CB  CG   sing N N 47  
ASN CB  HB2  sing N N 48  
ASN CB  HB3  sing N N 49  
ASN CG  OD1  doub N N 50  
ASN CG  ND2  sing N N 51  
ASN ND2 HD21 sing N N 52  
ASN ND2 HD22 sing N N 53  
ASN OXT HXT  sing N N 54  
ASP N   CA   sing N N 55  
ASP N   H    sing N N 56  
ASP N   H2   sing N N 57  
ASP CA  C    sing N N 58  
ASP CA  CB   sing N N 59  
ASP CA  HA   sing N N 60  
ASP C   O    doub N N 61  
ASP C   OXT  sing N N 62  
ASP CB  CG   sing N N 63  
ASP CB  HB2  sing N N 64  
ASP CB  HB3  sing N N 65  
ASP CG  OD1  doub N N 66  
ASP CG  OD2  sing N N 67  
ASP OD2 HD2  sing N N 68  
ASP OXT HXT  sing N N 69  
CYS N   CA   sing N N 70  
CYS N   H    sing N N 71  
CYS N   H2   sing N N 72  
CYS CA  C    sing N N 73  
CYS CA  CB   sing N N 74  
CYS CA  HA   sing N N 75  
CYS C   O    doub N N 76  
CYS C   OXT  sing N N 77  
CYS CB  SG   sing N N 78  
CYS CB  HB2  sing N N 79  
CYS CB  HB3  sing N N 80  
CYS SG  HG   sing N N 81  
CYS OXT HXT  sing N N 82  
GLN N   CA   sing N N 83  
GLN N   H    sing N N 84  
GLN N   H2   sing N N 85  
GLN CA  C    sing N N 86  
GLN CA  CB   sing N N 87  
GLN CA  HA   sing N N 88  
GLN C   O    doub N N 89  
GLN C   OXT  sing N N 90  
GLN CB  CG   sing N N 91  
GLN CB  HB2  sing N N 92  
GLN CB  HB3  sing N N 93  
GLN CG  CD   sing N N 94  
GLN CG  HG2  sing N N 95  
GLN CG  HG3  sing N N 96  
GLN CD  OE1  doub N N 97  
GLN CD  NE2  sing N N 98  
GLN NE2 HE21 sing N N 99  
GLN NE2 HE22 sing N N 100 
GLN OXT HXT  sing N N 101 
GLU N   CA   sing N N 102 
GLU N   H    sing N N 103 
GLU N   H2   sing N N 104 
GLU CA  C    sing N N 105 
GLU CA  CB   sing N N 106 
GLU CA  HA   sing N N 107 
GLU C   O    doub N N 108 
GLU C   OXT  sing N N 109 
GLU CB  CG   sing N N 110 
GLU CB  HB2  sing N N 111 
GLU CB  HB3  sing N N 112 
GLU CG  CD   sing N N 113 
GLU CG  HG2  sing N N 114 
GLU CG  HG3  sing N N 115 
GLU CD  OE1  doub N N 116 
GLU CD  OE2  sing N N 117 
GLU OE2 HE2  sing N N 118 
GLU OXT HXT  sing N N 119 
GLY N   CA   sing N N 120 
GLY N   H    sing N N 121 
GLY N   H2   sing N N 122 
GLY CA  C    sing N N 123 
GLY CA  HA2  sing N N 124 
GLY CA  HA3  sing N N 125 
GLY C   O    doub N N 126 
GLY C   OXT  sing N N 127 
GLY OXT HXT  sing N N 128 
HIS N   CA   sing N N 129 
HIS N   H    sing N N 130 
HIS N   H2   sing N N 131 
HIS CA  C    sing N N 132 
HIS CA  CB   sing N N 133 
HIS CA  HA   sing N N 134 
HIS C   O    doub N N 135 
HIS C   OXT  sing N N 136 
HIS CB  CG   sing N N 137 
HIS CB  HB2  sing N N 138 
HIS CB  HB3  sing N N 139 
HIS CG  ND1  sing Y N 140 
HIS CG  CD2  doub Y N 141 
HIS ND1 CE1  doub Y N 142 
HIS ND1 HD1  sing N N 143 
HIS CD2 NE2  sing Y N 144 
HIS CD2 HD2  sing N N 145 
HIS CE1 NE2  sing Y N 146 
HIS CE1 HE1  sing N N 147 
HIS NE2 HE2  sing N N 148 
HIS OXT HXT  sing N N 149 
HOH O   H1   sing N N 150 
HOH O   H2   sing N N 151 
ILE N   CA   sing N N 152 
ILE N   H    sing N N 153 
ILE N   H2   sing N N 154 
ILE CA  C    sing N N 155 
ILE CA  CB   sing N N 156 
ILE CA  HA   sing N N 157 
ILE C   O    doub N N 158 
ILE C   OXT  sing N N 159 
ILE CB  CG1  sing N N 160 
ILE CB  CG2  sing N N 161 
ILE CB  HB   sing N N 162 
ILE CG1 CD1  sing N N 163 
ILE CG1 HG12 sing N N 164 
ILE CG1 HG13 sing N N 165 
ILE CG2 HG21 sing N N 166 
ILE CG2 HG22 sing N N 167 
ILE CG2 HG23 sing N N 168 
ILE CD1 HD11 sing N N 169 
ILE CD1 HD12 sing N N 170 
ILE CD1 HD13 sing N N 171 
ILE OXT HXT  sing N N 172 
LEU N   CA   sing N N 173 
LEU N   H    sing N N 174 
LEU N   H2   sing N N 175 
LEU CA  C    sing N N 176 
LEU CA  CB   sing N N 177 
LEU CA  HA   sing N N 178 
LEU C   O    doub N N 179 
LEU C   OXT  sing N N 180 
LEU CB  CG   sing N N 181 
LEU CB  HB2  sing N N 182 
LEU CB  HB3  sing N N 183 
LEU CG  CD1  sing N N 184 
LEU CG  CD2  sing N N 185 
LEU CG  HG   sing N N 186 
LEU CD1 HD11 sing N N 187 
LEU CD1 HD12 sing N N 188 
LEU CD1 HD13 sing N N 189 
LEU CD2 HD21 sing N N 190 
LEU CD2 HD22 sing N N 191 
LEU CD2 HD23 sing N N 192 
LEU OXT HXT  sing N N 193 
LYS N   CA   sing N N 194 
LYS N   H    sing N N 195 
LYS N   H2   sing N N 196 
LYS CA  C    sing N N 197 
LYS CA  CB   sing N N 198 
LYS CA  HA   sing N N 199 
LYS C   O    doub N N 200 
LYS C   OXT  sing N N 201 
LYS CB  CG   sing N N 202 
LYS CB  HB2  sing N N 203 
LYS CB  HB3  sing N N 204 
LYS CG  CD   sing N N 205 
LYS CG  HG2  sing N N 206 
LYS CG  HG3  sing N N 207 
LYS CD  CE   sing N N 208 
LYS CD  HD2  sing N N 209 
LYS CD  HD3  sing N N 210 
LYS CE  NZ   sing N N 211 
LYS CE  HE2  sing N N 212 
LYS CE  HE3  sing N N 213 
LYS NZ  HZ1  sing N N 214 
LYS NZ  HZ2  sing N N 215 
LYS NZ  HZ3  sing N N 216 
LYS OXT HXT  sing N N 217 
MET N   CA   sing N N 218 
MET N   H    sing N N 219 
MET N   H2   sing N N 220 
MET CA  C    sing N N 221 
MET CA  CB   sing N N 222 
MET CA  HA   sing N N 223 
MET C   O    doub N N 224 
MET C   OXT  sing N N 225 
MET CB  CG   sing N N 226 
MET CB  HB2  sing N N 227 
MET CB  HB3  sing N N 228 
MET CG  SD   sing N N 229 
MET CG  HG2  sing N N 230 
MET CG  HG3  sing N N 231 
MET SD  CE   sing N N 232 
MET CE  HE1  sing N N 233 
MET CE  HE2  sing N N 234 
MET CE  HE3  sing N N 235 
MET OXT HXT  sing N N 236 
PHE N   CA   sing N N 237 
PHE N   H    sing N N 238 
PHE N   H2   sing N N 239 
PHE CA  C    sing N N 240 
PHE CA  CB   sing N N 241 
PHE CA  HA   sing N N 242 
PHE C   O    doub N N 243 
PHE C   OXT  sing N N 244 
PHE CB  CG   sing N N 245 
PHE CB  HB2  sing N N 246 
PHE CB  HB3  sing N N 247 
PHE CG  CD1  doub Y N 248 
PHE CG  CD2  sing Y N 249 
PHE CD1 CE1  sing Y N 250 
PHE CD1 HD1  sing N N 251 
PHE CD2 CE2  doub Y N 252 
PHE CD2 HD2  sing N N 253 
PHE CE1 CZ   doub Y N 254 
PHE CE1 HE1  sing N N 255 
PHE CE2 CZ   sing Y N 256 
PHE CE2 HE2  sing N N 257 
PHE CZ  HZ   sing N N 258 
PHE OXT HXT  sing N N 259 
PRO N   CA   sing N N 260 
PRO N   CD   sing N N 261 
PRO N   H    sing N N 262 
PRO CA  C    sing N N 263 
PRO CA  CB   sing N N 264 
PRO CA  HA   sing N N 265 
PRO C   O    doub N N 266 
PRO C   OXT  sing N N 267 
PRO CB  CG   sing N N 268 
PRO CB  HB2  sing N N 269 
PRO CB  HB3  sing N N 270 
PRO CG  CD   sing N N 271 
PRO CG  HG2  sing N N 272 
PRO CG  HG3  sing N N 273 
PRO CD  HD2  sing N N 274 
PRO CD  HD3  sing N N 275 
PRO OXT HXT  sing N N 276 
SER N   CA   sing N N 277 
SER N   H    sing N N 278 
SER N   H2   sing N N 279 
SER CA  C    sing N N 280 
SER CA  CB   sing N N 281 
SER CA  HA   sing N N 282 
SER C   O    doub N N 283 
SER C   OXT  sing N N 284 
SER CB  OG   sing N N 285 
SER CB  HB2  sing N N 286 
SER CB  HB3  sing N N 287 
SER OG  HG   sing N N 288 
SER OXT HXT  sing N N 289 
THR N   CA   sing N N 290 
THR N   H    sing N N 291 
THR N   H2   sing N N 292 
THR CA  C    sing N N 293 
THR CA  CB   sing N N 294 
THR CA  HA   sing N N 295 
THR C   O    doub N N 296 
THR C   OXT  sing N N 297 
THR CB  OG1  sing N N 298 
THR CB  CG2  sing N N 299 
THR CB  HB   sing N N 300 
THR OG1 HG1  sing N N 301 
THR CG2 HG21 sing N N 302 
THR CG2 HG22 sing N N 303 
THR CG2 HG23 sing N N 304 
THR OXT HXT  sing N N 305 
TRP N   CA   sing N N 306 
TRP N   H    sing N N 307 
TRP N   H2   sing N N 308 
TRP CA  C    sing N N 309 
TRP CA  CB   sing N N 310 
TRP CA  HA   sing N N 311 
TRP C   O    doub N N 312 
TRP C   OXT  sing N N 313 
TRP CB  CG   sing N N 314 
TRP CB  HB2  sing N N 315 
TRP CB  HB3  sing N N 316 
TRP CG  CD1  doub Y N 317 
TRP CG  CD2  sing Y N 318 
TRP CD1 NE1  sing Y N 319 
TRP CD1 HD1  sing N N 320 
TRP CD2 CE2  doub Y N 321 
TRP CD2 CE3  sing Y N 322 
TRP NE1 CE2  sing Y N 323 
TRP NE1 HE1  sing N N 324 
TRP CE2 CZ2  sing Y N 325 
TRP CE3 CZ3  doub Y N 326 
TRP CE3 HE3  sing N N 327 
TRP CZ2 CH2  doub Y N 328 
TRP CZ2 HZ2  sing N N 329 
TRP CZ3 CH2  sing Y N 330 
TRP CZ3 HZ3  sing N N 331 
TRP CH2 HH2  sing N N 332 
TRP OXT HXT  sing N N 333 
TYR N   CA   sing N N 334 
TYR N   H    sing N N 335 
TYR N   H2   sing N N 336 
TYR CA  C    sing N N 337 
TYR CA  CB   sing N N 338 
TYR CA  HA   sing N N 339 
TYR C   O    doub N N 340 
TYR C   OXT  sing N N 341 
TYR CB  CG   sing N N 342 
TYR CB  HB2  sing N N 343 
TYR CB  HB3  sing N N 344 
TYR CG  CD1  doub Y N 345 
TYR CG  CD2  sing Y N 346 
TYR CD1 CE1  sing Y N 347 
TYR CD1 HD1  sing N N 348 
TYR CD2 CE2  doub Y N 349 
TYR CD2 HD2  sing N N 350 
TYR CE1 CZ   doub Y N 351 
TYR CE1 HE1  sing N N 352 
TYR CE2 CZ   sing Y N 353 
TYR CE2 HE2  sing N N 354 
TYR CZ  OH   sing N N 355 
TYR OH  HH   sing N N 356 
TYR OXT HXT  sing N N 357 
VAL N   CA   sing N N 358 
VAL N   H    sing N N 359 
VAL N   H2   sing N N 360 
VAL CA  C    sing N N 361 
VAL CA  CB   sing N N 362 
VAL CA  HA   sing N N 363 
VAL C   O    doub N N 364 
VAL C   OXT  sing N N 365 
VAL CB  CG1  sing N N 366 
VAL CB  CG2  sing N N 367 
VAL CB  HB   sing N N 368 
VAL CG1 HG11 sing N N 369 
VAL CG1 HG12 sing N N 370 
VAL CG1 HG13 sing N N 371 
VAL CG2 HG21 sing N N 372 
VAL CG2 HG22 sing N N 373 
VAL CG2 HG23 sing N N 374 
VAL OXT HXT  sing N N 375 
# 
loop_
_pdbx_entity_nonpoly.entity_id 
_pdbx_entity_nonpoly.name 
_pdbx_entity_nonpoly.comp_id 
2 'CHLORIDE ION' CL  
3 water          HOH 
# 
_pdbx_initial_refinement_model.id               1 
_pdbx_initial_refinement_model.entity_id_list   ? 
_pdbx_initial_refinement_model.type             'experimental model' 
_pdbx_initial_refinement_model.source_name      PDB 
_pdbx_initial_refinement_model.accession_code   1YLI 
_pdbx_initial_refinement_model.details          'pdb entry 1YLI' 
# 
